data_1B4O
# 
_entry.id   1B4O 
# 
_audit_conform.dict_name       mmcif_pdbx.dic 
_audit_conform.dict_version    5.392 
_audit_conform.dict_location   http://mmcif.pdb.org/dictionaries/ascii/mmcif_pdbx.dic 
# 
loop_
_database_2.database_id 
_database_2.database_code 
_database_2.pdbx_database_accession 
_database_2.pdbx_DOI 
PDB   1B4O         pdb_00001b4o 10.2210/pdb1b4o/pdb 
WWPDB D_1000171477 ?            ?                   
# 
loop_
_pdbx_audit_revision_history.ordinal 
_pdbx_audit_revision_history.data_content_type 
_pdbx_audit_revision_history.major_revision 
_pdbx_audit_revision_history.minor_revision 
_pdbx_audit_revision_history.revision_date 
1 'Structure model' 1 0 2000-01-05 
2 'Structure model' 1 1 2008-03-24 
3 'Structure model' 1 2 2011-07-13 
4 'Structure model' 1 3 2022-02-16 
5 'Structure model' 1 4 2024-05-22 
# 
_pdbx_audit_revision_details.ordinal             1 
_pdbx_audit_revision_details.revision_ordinal    1 
_pdbx_audit_revision_details.data_content_type   'Structure model' 
_pdbx_audit_revision_details.provider            repository 
_pdbx_audit_revision_details.type                'Initial release' 
_pdbx_audit_revision_details.description         ? 
_pdbx_audit_revision_details.details             ? 
# 
loop_
_pdbx_audit_revision_group.ordinal 
_pdbx_audit_revision_group.revision_ordinal 
_pdbx_audit_revision_group.data_content_type 
_pdbx_audit_revision_group.group 
1 2 'Structure model' 'Version format compliance' 
2 3 'Structure model' 'Version format compliance' 
3 4 'Structure model' 'Data collection'           
4 4 'Structure model' 'Database references'       
5 4 'Structure model' 'Derived calculations'      
6 4 'Structure model' Other                       
7 4 'Structure model' 'Structure summary'         
8 5 'Structure model' 'Data collection'           
# 
loop_
_pdbx_audit_revision_category.ordinal 
_pdbx_audit_revision_category.revision_ordinal 
_pdbx_audit_revision_category.data_content_type 
_pdbx_audit_revision_category.category 
1 4 'Structure model' database_2            
2 4 'Structure model' pdbx_database_status  
3 4 'Structure model' pdbx_nmr_software     
4 4 'Structure model' pdbx_struct_assembly  
5 4 'Structure model' pdbx_struct_oper_list 
6 4 'Structure model' struct_keywords       
7 4 'Structure model' struct_ref_seq_dif    
8 5 'Structure model' chem_comp_atom        
9 5 'Structure model' chem_comp_bond        
# 
loop_
_pdbx_audit_revision_item.ordinal 
_pdbx_audit_revision_item.revision_ordinal 
_pdbx_audit_revision_item.data_content_type 
_pdbx_audit_revision_item.item 
1 4 'Structure model' '_database_2.pdbx_DOI'                
2 4 'Structure model' '_database_2.pdbx_database_accession' 
3 4 'Structure model' '_pdbx_database_status.process_site'  
4 4 'Structure model' '_pdbx_nmr_software.name'             
5 4 'Structure model' '_struct_keywords.text'               
6 4 'Structure model' '_struct_ref_seq_dif.details'         
# 
_pdbx_database_status.status_code                     REL 
_pdbx_database_status.entry_id                        1B4O 
_pdbx_database_status.recvd_initial_deposition_date   1998-12-24 
_pdbx_database_status.deposit_site                    ? 
_pdbx_database_status.process_site                    BNL 
_pdbx_database_status.SG_entry                        . 
_pdbx_database_status.pdb_format_compatible           Y 
_pdbx_database_status.status_code_mr                  ? 
_pdbx_database_status.status_code_sf                  ? 
_pdbx_database_status.status_code_cs                  ? 
_pdbx_database_status.status_code_nmr_data            ? 
_pdbx_database_status.methods_development_category    ? 
# 
loop_
_audit_author.name 
_audit_author.pdbx_ordinal 
'Consonni, R.' 1 
'Santomo, L.'  2 
'Zetta, L.'    3 
# 
loop_
_citation.id 
_citation.title 
_citation.journal_abbrev 
_citation.journal_volume 
_citation.page_first 
_citation.page_last 
_citation.year 
_citation.journal_id_ASTM 
_citation.country 
_citation.journal_id_ISSN 
_citation.journal_id_CSD 
_citation.book_publisher 
_citation.pdbx_database_id_PubMed 
_citation.pdbx_database_id_DOI 
primary 
;A single-point mutation in the extreme heat- and pressure-resistant sso7d protein from sulfolobus solfataricus leads to a major rearrangement of the hydrophobic core.
;
Biochemistry 38 12709 12717 1999 BICHAW US 0006-2960 0033 ? 10504241 10.1021/bi9911280 
1       
'Differential Scanning Calorimetry Study of the Thermodynamic Stability of Some Mutants of Sso7D from Sulfolobus Solfataricus' 
Biochemistry 37 10493 ?     1998 BICHAW US 0006-2960 0033 ? ?        ?                 
2       
;Extreme Heat-and Pressure-Resistant 7-kDa Protein P2 from the Archaeon Sulfolobus Solfataricus is Dramatically Destabilized by a Single-Point Amino Acid Substitution
;
Proteins     29 381   ?     1997 PSFGEY US 0887-3585 0867 ? ?        ?                 
# 
loop_
_citation_author.citation_id 
_citation_author.name 
_citation_author.ordinal 
_citation_author.identifier_ORCID 
primary 'Consonni, R.'  1  ? 
primary 'Santomo, L.'   2  ? 
primary 'Fusi, P.'      3  ? 
primary 'Tortora, P.'   4  ? 
primary 'Zetta, L.'     5  ? 
1       'Catanzano, F.' 6  ? 
1       'Graziano, G.'  7  ? 
1       'Fusi, P.'      8  ? 
1       'Tortora, P.'   9  ? 
1       'Barone, G.'    10 ? 
2       'Fusi, P.'      11 ? 
2       'Goossens, K.'  12 ? 
2       'Consonni, R.'  13 ? 
2       'Grisa, M.'     14 ? 
2       'Puricelli, P.' 15 ? 
2       'Vecchio, G.'   16 ? 
2       'Vanoni, M.'    17 ? 
2       'Zetta, L.'     18 ? 
2       'Heremans, K.'  19 ? 
2       'Tortora, P.'   20 ? 
# 
_entity.id                         1 
_entity.type                       polymer 
_entity.src_method                 man 
_entity.pdbx_description           'ENDORIBONUCLEASE P2' 
_entity.formula_weight             6958.127 
_entity.pdbx_number_of_molecules   1 
_entity.pdbx_ec                    3.1.27.- 
_entity.pdbx_mutation              F31A 
_entity.pdbx_fragment              ? 
_entity.details                    ? 
# 
_entity_name_com.entity_id   1 
_entity_name_com.name        SSO7D 
# 
_entity_poly.entity_id                      1 
_entity_poly.type                           'polypeptide(L)' 
_entity_poly.nstd_linkage                   no 
_entity_poly.nstd_monomer                   no 
_entity_poly.pdbx_seq_one_letter_code       ATVKFKYKGEEKQVDISKIKKVWRVGKMISATYDEGGGKTGRGAVSEKDAPKELLQMLEKQK 
_entity_poly.pdbx_seq_one_letter_code_can   ATVKFKYKGEEKQVDISKIKKVWRVGKMISATYDEGGGKTGRGAVSEKDAPKELLQMLEKQK 
_entity_poly.pdbx_strand_id                 A 
_entity_poly.pdbx_target_identifier         ? 
# 
loop_
_entity_poly_seq.entity_id 
_entity_poly_seq.num 
_entity_poly_seq.mon_id 
_entity_poly_seq.hetero 
1 1  ALA n 
1 2  THR n 
1 3  VAL n 
1 4  LYS n 
1 5  PHE n 
1 6  LYS n 
1 7  TYR n 
1 8  LYS n 
1 9  GLY n 
1 10 GLU n 
1 11 GLU n 
1 12 LYS n 
1 13 GLN n 
1 14 VAL n 
1 15 ASP n 
1 16 ILE n 
1 17 SER n 
1 18 LYS n 
1 19 ILE n 
1 20 LYS n 
1 21 LYS n 
1 22 VAL n 
1 23 TRP n 
1 24 ARG n 
1 25 VAL n 
1 26 GLY n 
1 27 LYS n 
1 28 MET n 
1 29 ILE n 
1 30 SER n 
1 31 ALA n 
1 32 THR n 
1 33 TYR n 
1 34 ASP n 
1 35 GLU n 
1 36 GLY n 
1 37 GLY n 
1 38 GLY n 
1 39 LYS n 
1 40 THR n 
1 41 GLY n 
1 42 ARG n 
1 43 GLY n 
1 44 ALA n 
1 45 VAL n 
1 46 SER n 
1 47 GLU n 
1 48 LYS n 
1 49 ASP n 
1 50 ALA n 
1 51 PRO n 
1 52 LYS n 
1 53 GLU n 
1 54 LEU n 
1 55 LEU n 
1 56 GLN n 
1 57 MET n 
1 58 LEU n 
1 59 GLU n 
1 60 LYS n 
1 61 GLN n 
1 62 LYS n 
# 
_entity_src_gen.entity_id                          1 
_entity_src_gen.pdbx_src_id                        1 
_entity_src_gen.pdbx_alt_source_flag               sample 
_entity_src_gen.pdbx_seq_type                      ? 
_entity_src_gen.pdbx_beg_seq_num                   ? 
_entity_src_gen.pdbx_end_seq_num                   ? 
_entity_src_gen.gene_src_common_name               ? 
_entity_src_gen.gene_src_genus                     Sulfolobus 
_entity_src_gen.pdbx_gene_src_gene                 ? 
_entity_src_gen.gene_src_species                   ? 
_entity_src_gen.gene_src_strain                    ? 
_entity_src_gen.gene_src_tissue                    ? 
_entity_src_gen.gene_src_tissue_fraction           ? 
_entity_src_gen.gene_src_details                   ? 
_entity_src_gen.pdbx_gene_src_fragment             ? 
_entity_src_gen.pdbx_gene_src_scientific_name      'Sulfolobus solfataricus' 
_entity_src_gen.pdbx_gene_src_ncbi_taxonomy_id     2287 
_entity_src_gen.pdbx_gene_src_variant              ? 
_entity_src_gen.pdbx_gene_src_cell_line            ? 
_entity_src_gen.pdbx_gene_src_atcc                 ? 
_entity_src_gen.pdbx_gene_src_organ                ? 
_entity_src_gen.pdbx_gene_src_organelle            ? 
_entity_src_gen.pdbx_gene_src_cell                 ? 
_entity_src_gen.pdbx_gene_src_cellular_location    ? 
_entity_src_gen.host_org_common_name               ? 
_entity_src_gen.pdbx_host_org_scientific_name      'Escherichia coli' 
_entity_src_gen.pdbx_host_org_ncbi_taxonomy_id     562 
_entity_src_gen.host_org_genus                     Escherichia 
_entity_src_gen.pdbx_host_org_gene                 ? 
_entity_src_gen.pdbx_host_org_organ                ? 
_entity_src_gen.host_org_species                   ? 
_entity_src_gen.pdbx_host_org_tissue               ? 
_entity_src_gen.pdbx_host_org_tissue_fraction      ? 
_entity_src_gen.pdbx_host_org_strain               'BL21 (DE3) PLYSE' 
_entity_src_gen.pdbx_host_org_variant              ? 
_entity_src_gen.pdbx_host_org_cell_line            ? 
_entity_src_gen.pdbx_host_org_atcc                 ? 
_entity_src_gen.pdbx_host_org_culture_collection   ? 
_entity_src_gen.pdbx_host_org_cell                 ? 
_entity_src_gen.pdbx_host_org_organelle            ? 
_entity_src_gen.pdbx_host_org_cellular_location    ? 
_entity_src_gen.pdbx_host_org_vector_type          ? 
_entity_src_gen.pdbx_host_org_vector               ? 
_entity_src_gen.host_org_details                   ? 
_entity_src_gen.expression_system_id               ? 
_entity_src_gen.plasmid_name                       PT7-7 
_entity_src_gen.plasmid_details                    ? 
_entity_src_gen.pdbx_description                   ? 
# 
loop_
_chem_comp.id 
_chem_comp.type 
_chem_comp.mon_nstd_flag 
_chem_comp.name 
_chem_comp.pdbx_synonyms 
_chem_comp.formula 
_chem_comp.formula_weight 
ALA 'L-peptide linking' y ALANINE         ? 'C3 H7 N O2'     89.093  
ARG 'L-peptide linking' y ARGININE        ? 'C6 H15 N4 O2 1' 175.209 
ASP 'L-peptide linking' y 'ASPARTIC ACID' ? 'C4 H7 N O4'     133.103 
GLN 'L-peptide linking' y GLUTAMINE       ? 'C5 H10 N2 O3'   146.144 
GLU 'L-peptide linking' y 'GLUTAMIC ACID' ? 'C5 H9 N O4'     147.129 
GLY 'peptide linking'   y GLYCINE         ? 'C2 H5 N O2'     75.067  
ILE 'L-peptide linking' y ISOLEUCINE      ? 'C6 H13 N O2'    131.173 
LEU 'L-peptide linking' y LEUCINE         ? 'C6 H13 N O2'    131.173 
LYS 'L-peptide linking' y LYSINE          ? 'C6 H15 N2 O2 1' 147.195 
MET 'L-peptide linking' y METHIONINE      ? 'C5 H11 N O2 S'  149.211 
PHE 'L-peptide linking' y PHENYLALANINE   ? 'C9 H11 N O2'    165.189 
PRO 'L-peptide linking' y PROLINE         ? 'C5 H9 N O2'     115.130 
SER 'L-peptide linking' y SERINE          ? 'C3 H7 N O3'     105.093 
THR 'L-peptide linking' y THREONINE       ? 'C4 H9 N O3'     119.119 
TRP 'L-peptide linking' y TRYPTOPHAN      ? 'C11 H12 N2 O2'  204.225 
TYR 'L-peptide linking' y TYROSINE        ? 'C9 H11 N O3'    181.189 
VAL 'L-peptide linking' y VALINE          ? 'C5 H11 N O2'    117.146 
# 
loop_
_pdbx_poly_seq_scheme.asym_id 
_pdbx_poly_seq_scheme.entity_id 
_pdbx_poly_seq_scheme.seq_id 
_pdbx_poly_seq_scheme.mon_id 
_pdbx_poly_seq_scheme.ndb_seq_num 
_pdbx_poly_seq_scheme.pdb_seq_num 
_pdbx_poly_seq_scheme.auth_seq_num 
_pdbx_poly_seq_scheme.pdb_mon_id 
_pdbx_poly_seq_scheme.auth_mon_id 
_pdbx_poly_seq_scheme.pdb_strand_id 
_pdbx_poly_seq_scheme.pdb_ins_code 
_pdbx_poly_seq_scheme.hetero 
A 1 1  ALA 1  1  1  ALA ALA A . n 
A 1 2  THR 2  2  2  THR THR A . n 
A 1 3  VAL 3  3  3  VAL VAL A . n 
A 1 4  LYS 4  4  4  LYS LYS A . n 
A 1 5  PHE 5  5  5  PHE PHE A . n 
A 1 6  LYS 6  6  6  LYS LYS A . n 
A 1 7  TYR 7  7  7  TYR TYR A . n 
A 1 8  LYS 8  8  8  LYS LYS A . n 
A 1 9  GLY 9  9  9  GLY GLY A . n 
A 1 10 GLU 10 10 10 GLU GLU A . n 
A 1 11 GLU 11 11 11 GLU GLU A . n 
A 1 12 LYS 12 12 12 LYS LYS A . n 
A 1 13 GLN 13 13 13 GLN GLN A . n 
A 1 14 VAL 14 14 14 VAL VAL A . n 
A 1 15 ASP 15 15 15 ASP ASP A . n 
A 1 16 ILE 16 16 16 ILE ILE A . n 
A 1 17 SER 17 17 17 SER SER A . n 
A 1 18 LYS 18 18 18 LYS LYS A . n 
A 1 19 ILE 19 19 19 ILE ILE A . n 
A 1 20 LYS 20 20 20 LYS LYS A . n 
A 1 21 LYS 21 21 21 LYS LYS A . n 
A 1 22 VAL 22 22 22 VAL VAL A . n 
A 1 23 TRP 23 23 23 TRP TRP A . n 
A 1 24 ARG 24 24 24 ARG ARG A . n 
A 1 25 VAL 25 25 25 VAL VAL A . n 
A 1 26 GLY 26 26 26 GLY GLY A . n 
A 1 27 LYS 27 27 27 LYS LYS A . n 
A 1 28 MET 28 28 28 MET MET A . n 
A 1 29 ILE 29 29 29 ILE ILE A . n 
A 1 30 SER 30 30 30 SER SER A . n 
A 1 31 ALA 31 31 31 ALA ALA A . n 
A 1 32 THR 32 32 32 THR THR A . n 
A 1 33 TYR 33 33 33 TYR TYR A . n 
A 1 34 ASP 34 34 34 ASP ASP A . n 
A 1 35 GLU 35 35 35 GLU GLU A . n 
A 1 36 GLY 36 36 36 GLY GLY A . n 
A 1 37 GLY 37 37 37 GLY GLY A . n 
A 1 38 GLY 38 38 38 GLY GLY A . n 
A 1 39 LYS 39 39 39 LYS LYS A . n 
A 1 40 THR 40 40 40 THR THR A . n 
A 1 41 GLY 41 41 41 GLY GLY A . n 
A 1 42 ARG 42 42 42 ARG ARG A . n 
A 1 43 GLY 43 43 43 GLY GLY A . n 
A 1 44 ALA 44 44 44 ALA ALA A . n 
A 1 45 VAL 45 45 45 VAL VAL A . n 
A 1 46 SER 46 46 46 SER SER A . n 
A 1 47 GLU 47 47 47 GLU GLU A . n 
A 1 48 LYS 48 48 48 LYS LYS A . n 
A 1 49 ASP 49 49 49 ASP ASP A . n 
A 1 50 ALA 50 50 50 ALA ALA A . n 
A 1 51 PRO 51 51 51 PRO PRO A . n 
A 1 52 LYS 52 52 52 LYS LYS A . n 
A 1 53 GLU 53 53 53 GLU GLU A . n 
A 1 54 LEU 54 54 54 LEU LEU A . n 
A 1 55 LEU 55 55 55 LEU LEU A . n 
A 1 56 GLN 56 56 56 GLN GLN A . n 
A 1 57 MET 57 57 57 MET MET A . n 
A 1 58 LEU 58 58 58 LEU LEU A . n 
A 1 59 GLU 59 59 59 GLU GLU A . n 
A 1 60 LYS 60 60 60 LYS LYS A . n 
A 1 61 GLN 61 61 61 GLN GLN A . n 
A 1 62 LYS 62 62 62 LYS LYS A . n 
# 
_cell.entry_id           1B4O 
_cell.length_a           1.000 
_cell.length_b           1.000 
_cell.length_c           1.000 
_cell.angle_alpha        90.00 
_cell.angle_beta         90.00 
_cell.angle_gamma        90.00 
_cell.Z_PDB              1 
_cell.pdbx_unique_axis   ? 
# 
_symmetry.entry_id                         1B4O 
_symmetry.space_group_name_H-M             'P 1' 
_symmetry.pdbx_full_space_group_name_H-M   ? 
_symmetry.cell_setting                     ? 
_symmetry.Int_Tables_number                1 
# 
_exptl.entry_id          1B4O 
_exptl.method            'SOLUTION NMR' 
_exptl.crystals_number   ? 
# 
_struct.entry_id                  1B4O 
_struct.title                     'NMR STUDY OF SSO7D MUTANT (F31A) MINIMIZED AVERAGE STRUCTURE' 
_struct.pdbx_model_details        ? 
_struct.pdbx_CASP_flag            ? 
_struct.pdbx_model_type_details   ? 
# 
_struct_keywords.entry_id        1B4O 
_struct_keywords.pdbx_keywords   'DNA BINDING PROTEIN' 
_struct_keywords.text            
'RNASE AND DNA-BINDING PROTEIN, THERMOSTABLE RIBONUCLEASE, SULFOLOBUS SOLFATARICUS, DNA-BINDING PROTEIN, DNA BINDING PROTEIN' 
# 
_struct_asym.id                            A 
_struct_asym.pdbx_blank_PDB_chainid_flag   Y 
_struct_asym.pdbx_modified                 N 
_struct_asym.entity_id                     1 
_struct_asym.details                       ? 
# 
_struct_ref.id                         1 
_struct_ref.db_name                    UNP 
_struct_ref.db_code                    DN71_SULSO 
_struct_ref.entity_id                  1 
_struct_ref.pdbx_db_accession          P61991 
_struct_ref.pdbx_align_begin           1 
_struct_ref.pdbx_seq_one_letter_code   ATVKFKYKGEEKQVDISKIKKVWRVGKMISFTYDEGGGKTGRGAVSEKDAPKELLQMLEKQK 
_struct_ref.pdbx_db_isoform            ? 
# 
_struct_ref_seq.align_id                      1 
_struct_ref_seq.ref_id                        1 
_struct_ref_seq.pdbx_PDB_id_code              1B4O 
_struct_ref_seq.pdbx_strand_id                A 
_struct_ref_seq.seq_align_beg                 1 
_struct_ref_seq.pdbx_seq_align_beg_ins_code   ? 
_struct_ref_seq.seq_align_end                 62 
_struct_ref_seq.pdbx_seq_align_end_ins_code   ? 
_struct_ref_seq.pdbx_db_accession             P61991 
_struct_ref_seq.db_align_beg                  1 
_struct_ref_seq.pdbx_db_align_beg_ins_code    ? 
_struct_ref_seq.db_align_end                  62 
_struct_ref_seq.pdbx_db_align_end_ins_code    ? 
_struct_ref_seq.pdbx_auth_seq_align_beg       1 
_struct_ref_seq.pdbx_auth_seq_align_end       62 
# 
_struct_ref_seq_dif.align_id                     1 
_struct_ref_seq_dif.pdbx_pdb_id_code             1B4O 
_struct_ref_seq_dif.mon_id                       ALA 
_struct_ref_seq_dif.pdbx_pdb_strand_id           A 
_struct_ref_seq_dif.seq_num                      31 
_struct_ref_seq_dif.pdbx_pdb_ins_code            ? 
_struct_ref_seq_dif.pdbx_seq_db_name             UNP 
_struct_ref_seq_dif.pdbx_seq_db_accession_code   P61991 
_struct_ref_seq_dif.db_mon_id                    PHE 
_struct_ref_seq_dif.pdbx_seq_db_seq_num          31 
_struct_ref_seq_dif.details                      conflict 
_struct_ref_seq_dif.pdbx_auth_seq_num            31 
_struct_ref_seq_dif.pdbx_ordinal                 1 
# 
_pdbx_struct_assembly.id                   1 
_pdbx_struct_assembly.details              author_defined_assembly 
_pdbx_struct_assembly.method_details       ? 
_pdbx_struct_assembly.oligomeric_details   monomeric 
_pdbx_struct_assembly.oligomeric_count     1 
# 
_pdbx_struct_assembly_gen.assembly_id       1 
_pdbx_struct_assembly_gen.oper_expression   1 
_pdbx_struct_assembly_gen.asym_id_list      A 
# 
_pdbx_struct_oper_list.id                   1 
_pdbx_struct_oper_list.type                 'identity operation' 
_pdbx_struct_oper_list.name                 1_555 
_pdbx_struct_oper_list.symmetry_operation   x,y,z 
_pdbx_struct_oper_list.matrix[1][1]         1.0000000000 
_pdbx_struct_oper_list.matrix[1][2]         0.0000000000 
_pdbx_struct_oper_list.matrix[1][3]         0.0000000000 
_pdbx_struct_oper_list.vector[1]            0.0000000000 
_pdbx_struct_oper_list.matrix[2][1]         0.0000000000 
_pdbx_struct_oper_list.matrix[2][2]         1.0000000000 
_pdbx_struct_oper_list.matrix[2][3]         0.0000000000 
_pdbx_struct_oper_list.vector[2]            0.0000000000 
_pdbx_struct_oper_list.matrix[3][1]         0.0000000000 
_pdbx_struct_oper_list.matrix[3][2]         0.0000000000 
_pdbx_struct_oper_list.matrix[3][3]         1.0000000000 
_pdbx_struct_oper_list.vector[3]            0.0000000000 
# 
_struct_biol.id   1 
# 
_struct_conf.conf_type_id            HELX_P 
_struct_conf.id                      HELX_P1 
_struct_conf.pdbx_PDB_helix_id       H1 
_struct_conf.beg_label_comp_id       LYS 
_struct_conf.beg_label_asym_id       A 
_struct_conf.beg_label_seq_id        52 
_struct_conf.pdbx_beg_PDB_ins_code   ? 
_struct_conf.end_label_comp_id       LEU 
_struct_conf.end_label_asym_id       A 
_struct_conf.end_label_seq_id        58 
_struct_conf.pdbx_end_PDB_ins_code   ? 
_struct_conf.beg_auth_comp_id        LYS 
_struct_conf.beg_auth_asym_id        A 
_struct_conf.beg_auth_seq_id         52 
_struct_conf.end_auth_comp_id        LEU 
_struct_conf.end_auth_asym_id        A 
_struct_conf.end_auth_seq_id         58 
_struct_conf.pdbx_PDB_helix_class    1 
_struct_conf.details                 ? 
_struct_conf.pdbx_PDB_helix_length   7 
# 
_struct_conf_type.id          HELX_P 
_struct_conf_type.criteria    ? 
_struct_conf_type.reference   ? 
# 
_struct_mon_prot_cis.pdbx_id                1 
_struct_mon_prot_cis.label_comp_id          LEU 
_struct_mon_prot_cis.label_seq_id           58 
_struct_mon_prot_cis.label_asym_id          A 
_struct_mon_prot_cis.label_alt_id           . 
_struct_mon_prot_cis.pdbx_PDB_ins_code      ? 
_struct_mon_prot_cis.auth_comp_id           LEU 
_struct_mon_prot_cis.auth_seq_id            58 
_struct_mon_prot_cis.auth_asym_id           A 
_struct_mon_prot_cis.pdbx_label_comp_id_2   GLU 
_struct_mon_prot_cis.pdbx_label_seq_id_2    59 
_struct_mon_prot_cis.pdbx_label_asym_id_2   A 
_struct_mon_prot_cis.pdbx_PDB_ins_code_2    ? 
_struct_mon_prot_cis.pdbx_auth_comp_id_2    GLU 
_struct_mon_prot_cis.pdbx_auth_seq_id_2     59 
_struct_mon_prot_cis.pdbx_auth_asym_id_2    A 
_struct_mon_prot_cis.pdbx_PDB_model_num     1 
_struct_mon_prot_cis.pdbx_omega_angle       -8.94 
# 
_struct_sheet.id               A 
_struct_sheet.type             ? 
_struct_sheet.number_strands   2 
_struct_sheet.details          ? 
# 
_struct_sheet_order.sheet_id     A 
_struct_sheet_order.range_id_1   1 
_struct_sheet_order.range_id_2   2 
_struct_sheet_order.offset       ? 
_struct_sheet_order.sense        anti-parallel 
# 
loop_
_struct_sheet_range.sheet_id 
_struct_sheet_range.id 
_struct_sheet_range.beg_label_comp_id 
_struct_sheet_range.beg_label_asym_id 
_struct_sheet_range.beg_label_seq_id 
_struct_sheet_range.pdbx_beg_PDB_ins_code 
_struct_sheet_range.end_label_comp_id 
_struct_sheet_range.end_label_asym_id 
_struct_sheet_range.end_label_seq_id 
_struct_sheet_range.pdbx_end_PDB_ins_code 
_struct_sheet_range.beg_auth_comp_id 
_struct_sheet_range.beg_auth_asym_id 
_struct_sheet_range.beg_auth_seq_id 
_struct_sheet_range.end_auth_comp_id 
_struct_sheet_range.end_auth_asym_id 
_struct_sheet_range.end_auth_seq_id 
A 1 SER A 30 ? ALA A 31 ? SER A 30 ALA A 31 
A 2 GLY A 43 ? ALA A 44 ? GLY A 43 ALA A 44 
# 
_pdbx_struct_sheet_hbond.sheet_id                A 
_pdbx_struct_sheet_hbond.range_id_1              1 
_pdbx_struct_sheet_hbond.range_id_2              2 
_pdbx_struct_sheet_hbond.range_1_label_atom_id   N 
_pdbx_struct_sheet_hbond.range_1_label_comp_id   ALA 
_pdbx_struct_sheet_hbond.range_1_label_asym_id   A 
_pdbx_struct_sheet_hbond.range_1_label_seq_id    31 
_pdbx_struct_sheet_hbond.range_1_PDB_ins_code    ? 
_pdbx_struct_sheet_hbond.range_1_auth_atom_id    N 
_pdbx_struct_sheet_hbond.range_1_auth_comp_id    ALA 
_pdbx_struct_sheet_hbond.range_1_auth_asym_id    A 
_pdbx_struct_sheet_hbond.range_1_auth_seq_id     31 
_pdbx_struct_sheet_hbond.range_2_label_atom_id   O 
_pdbx_struct_sheet_hbond.range_2_label_comp_id   GLY 
_pdbx_struct_sheet_hbond.range_2_label_asym_id   A 
_pdbx_struct_sheet_hbond.range_2_label_seq_id    43 
_pdbx_struct_sheet_hbond.range_2_PDB_ins_code    ? 
_pdbx_struct_sheet_hbond.range_2_auth_atom_id    O 
_pdbx_struct_sheet_hbond.range_2_auth_comp_id    GLY 
_pdbx_struct_sheet_hbond.range_2_auth_asym_id    A 
_pdbx_struct_sheet_hbond.range_2_auth_seq_id     43 
# 
loop_
_pdbx_validate_rmsd_bond.id 
_pdbx_validate_rmsd_bond.PDB_model_num 
_pdbx_validate_rmsd_bond.auth_atom_id_1 
_pdbx_validate_rmsd_bond.auth_asym_id_1 
_pdbx_validate_rmsd_bond.auth_comp_id_1 
_pdbx_validate_rmsd_bond.auth_seq_id_1 
_pdbx_validate_rmsd_bond.PDB_ins_code_1 
_pdbx_validate_rmsd_bond.label_alt_id_1 
_pdbx_validate_rmsd_bond.auth_atom_id_2 
_pdbx_validate_rmsd_bond.auth_asym_id_2 
_pdbx_validate_rmsd_bond.auth_comp_id_2 
_pdbx_validate_rmsd_bond.auth_seq_id_2 
_pdbx_validate_rmsd_bond.PDB_ins_code_2 
_pdbx_validate_rmsd_bond.label_alt_id_2 
_pdbx_validate_rmsd_bond.bond_value 
_pdbx_validate_rmsd_bond.bond_target_value 
_pdbx_validate_rmsd_bond.bond_deviation 
_pdbx_validate_rmsd_bond.bond_standard_deviation 
_pdbx_validate_rmsd_bond.linker_flag 
1 1 CD A GLU 10 ? ? OE2 A GLU 10 ? ? 1.370 1.252 0.118 0.011 N 
2 1 CD A GLU 11 ? ? OE2 A GLU 11 ? ? 1.372 1.252 0.120 0.011 N 
3 1 CD A GLU 35 ? ? OE2 A GLU 35 ? ? 1.373 1.252 0.121 0.011 N 
4 1 CD A GLU 47 ? ? OE2 A GLU 47 ? ? 1.372 1.252 0.120 0.011 N 
5 1 CD A GLU 53 ? ? OE2 A GLU 53 ? ? 1.371 1.252 0.119 0.011 N 
6 1 CD A GLU 59 ? ? OE2 A GLU 59 ? ? 1.370 1.252 0.118 0.011 N 
# 
loop_
_pdbx_validate_rmsd_angle.id 
_pdbx_validate_rmsd_angle.PDB_model_num 
_pdbx_validate_rmsd_angle.auth_atom_id_1 
_pdbx_validate_rmsd_angle.auth_asym_id_1 
_pdbx_validate_rmsd_angle.auth_comp_id_1 
_pdbx_validate_rmsd_angle.auth_seq_id_1 
_pdbx_validate_rmsd_angle.PDB_ins_code_1 
_pdbx_validate_rmsd_angle.label_alt_id_1 
_pdbx_validate_rmsd_angle.auth_atom_id_2 
_pdbx_validate_rmsd_angle.auth_asym_id_2 
_pdbx_validate_rmsd_angle.auth_comp_id_2 
_pdbx_validate_rmsd_angle.auth_seq_id_2 
_pdbx_validate_rmsd_angle.PDB_ins_code_2 
_pdbx_validate_rmsd_angle.label_alt_id_2 
_pdbx_validate_rmsd_angle.auth_atom_id_3 
_pdbx_validate_rmsd_angle.auth_asym_id_3 
_pdbx_validate_rmsd_angle.auth_comp_id_3 
_pdbx_validate_rmsd_angle.auth_seq_id_3 
_pdbx_validate_rmsd_angle.PDB_ins_code_3 
_pdbx_validate_rmsd_angle.label_alt_id_3 
_pdbx_validate_rmsd_angle.angle_value 
_pdbx_validate_rmsd_angle.angle_target_value 
_pdbx_validate_rmsd_angle.angle_deviation 
_pdbx_validate_rmsd_angle.angle_standard_deviation 
_pdbx_validate_rmsd_angle.linker_flag 
1 1 NE A ARG 24 ? ? CZ A ARG 24 ? ? NH1 A ARG 24 ? ? 124.00 120.30 3.70  0.50 N 
2 1 NE A ARG 42 ? ? CZ A ARG 42 ? ? NH1 A ARG 42 ? ? 123.86 120.30 3.56  0.50 N 
3 1 CA A LEU 58 ? ? C  A LEU 58 ? ? N   A GLU 59 ? ? 130.93 117.20 13.73 2.20 Y 
# 
loop_
_pdbx_validate_torsion.id 
_pdbx_validate_torsion.PDB_model_num 
_pdbx_validate_torsion.auth_comp_id 
_pdbx_validate_torsion.auth_asym_id 
_pdbx_validate_torsion.auth_seq_id 
_pdbx_validate_torsion.PDB_ins_code 
_pdbx_validate_torsion.label_alt_id 
_pdbx_validate_torsion.phi 
_pdbx_validate_torsion.psi 
1 1 PHE A 5  ? ? -101.67 -117.09 
2 1 LYS A 6  ? ? 56.00   85.33   
3 1 LYS A 8  ? ? -98.07  -64.17  
4 1 LYS A 21 ? ? 80.46   107.78  
5 1 VAL A 22 ? ? -128.33 -83.79  
6 1 ARG A 24 ? ? -143.53 -73.13  
7 1 GLU A 47 ? ? -158.21 -47.51  
8 1 GLU A 59 ? ? 85.15   84.98   
# 
_pdbx_validate_peptide_omega.id               1 
_pdbx_validate_peptide_omega.PDB_model_num    1 
_pdbx_validate_peptide_omega.auth_comp_id_1   ARG 
_pdbx_validate_peptide_omega.auth_asym_id_1   A 
_pdbx_validate_peptide_omega.auth_seq_id_1    24 
_pdbx_validate_peptide_omega.PDB_ins_code_1   ? 
_pdbx_validate_peptide_omega.label_alt_id_1   ? 
_pdbx_validate_peptide_omega.auth_comp_id_2   VAL 
_pdbx_validate_peptide_omega.auth_asym_id_2   A 
_pdbx_validate_peptide_omega.auth_seq_id_2    25 
_pdbx_validate_peptide_omega.PDB_ins_code_2   ? 
_pdbx_validate_peptide_omega.label_alt_id_2   ? 
_pdbx_validate_peptide_omega.omega            -148.84 
# 
_pdbx_nmr_ensemble.entry_id                             1B4O 
_pdbx_nmr_ensemble.conformers_calculated_total_number   50 
_pdbx_nmr_ensemble.conformers_submitted_total_number    1 
_pdbx_nmr_ensemble.conformer_selection_criteria         'LOWEST ENERGY TERM' 
# 
_pdbx_nmr_sample_details.solution_id   1 
_pdbx_nmr_sample_details.contents      H2O 
# 
_pdbx_nmr_exptl_sample_conditions.conditions_id       1 
_pdbx_nmr_exptl_sample_conditions.temperature         300 
_pdbx_nmr_exptl_sample_conditions.pressure            ? 
_pdbx_nmr_exptl_sample_conditions.pH                  4.5 
_pdbx_nmr_exptl_sample_conditions.ionic_strength      ? 
_pdbx_nmr_exptl_sample_conditions.pressure_units      . 
_pdbx_nmr_exptl_sample_conditions.temperature_units   K 
# 
loop_
_pdbx_nmr_exptl.experiment_id 
_pdbx_nmr_exptl.conditions_id 
_pdbx_nmr_exptl.type 
_pdbx_nmr_exptl.solution_id 
1 1 DQF-COSY 1 
2 1 GE-TOCSY 1 
3 1 GE-NOESY 1 
# 
_pdbx_nmr_details.entry_id   1B4O 
_pdbx_nmr_details.text       'THE MINIMIZED AVERAGE STRUCTURE WAS DETERMINED USING 22 SELECTED CONFORMERS' 
# 
_pdbx_nmr_refine.entry_id           1B4O 
_pdbx_nmr_refine.method             'simulated annealing' 
_pdbx_nmr_refine.details            ? 
_pdbx_nmr_refine.software_ordinal   1 
# 
loop_
_pdbx_nmr_software.classification 
_pdbx_nmr_software.name 
_pdbx_nmr_software.version 
_pdbx_nmr_software.authors 
_pdbx_nmr_software.ordinal 
refinement           Discover 2.9 DAUBER-OSGUTHORPE 1 
'structure solution' Discover ?   ?                 2 
'structure solution' Felix    ?   ?                 3 
# 
loop_
_chem_comp_atom.comp_id 
_chem_comp_atom.atom_id 
_chem_comp_atom.type_symbol 
_chem_comp_atom.pdbx_aromatic_flag 
_chem_comp_atom.pdbx_stereo_config 
_chem_comp_atom.pdbx_ordinal 
ALA N    N N N 1   
ALA CA   C N S 2   
ALA C    C N N 3   
ALA O    O N N 4   
ALA CB   C N N 5   
ALA OXT  O N N 6   
ALA H    H N N 7   
ALA H2   H N N 8   
ALA HA   H N N 9   
ALA HB1  H N N 10  
ALA HB2  H N N 11  
ALA HB3  H N N 12  
ALA HXT  H N N 13  
ARG N    N N N 14  
ARG CA   C N S 15  
ARG C    C N N 16  
ARG O    O N N 17  
ARG CB   C N N 18  
ARG CG   C N N 19  
ARG CD   C N N 20  
ARG NE   N N N 21  
ARG CZ   C N N 22  
ARG NH1  N N N 23  
ARG NH2  N N N 24  
ARG OXT  O N N 25  
ARG H    H N N 26  
ARG H2   H N N 27  
ARG HA   H N N 28  
ARG HB2  H N N 29  
ARG HB3  H N N 30  
ARG HG2  H N N 31  
ARG HG3  H N N 32  
ARG HD2  H N N 33  
ARG HD3  H N N 34  
ARG HE   H N N 35  
ARG HH11 H N N 36  
ARG HH12 H N N 37  
ARG HH21 H N N 38  
ARG HH22 H N N 39  
ARG HXT  H N N 40  
ASP N    N N N 41  
ASP CA   C N S 42  
ASP C    C N N 43  
ASP O    O N N 44  
ASP CB   C N N 45  
ASP CG   C N N 46  
ASP OD1  O N N 47  
ASP OD2  O N N 48  
ASP OXT  O N N 49  
ASP H    H N N 50  
ASP H2   H N N 51  
ASP HA   H N N 52  
ASP HB2  H N N 53  
ASP HB3  H N N 54  
ASP HD2  H N N 55  
ASP HXT  H N N 56  
GLN N    N N N 57  
GLN CA   C N S 58  
GLN C    C N N 59  
GLN O    O N N 60  
GLN CB   C N N 61  
GLN CG   C N N 62  
GLN CD   C N N 63  
GLN OE1  O N N 64  
GLN NE2  N N N 65  
GLN OXT  O N N 66  
GLN H    H N N 67  
GLN H2   H N N 68  
GLN HA   H N N 69  
GLN HB2  H N N 70  
GLN HB3  H N N 71  
GLN HG2  H N N 72  
GLN HG3  H N N 73  
GLN HE21 H N N 74  
GLN HE22 H N N 75  
GLN HXT  H N N 76  
GLU N    N N N 77  
GLU CA   C N S 78  
GLU C    C N N 79  
GLU O    O N N 80  
GLU CB   C N N 81  
GLU CG   C N N 82  
GLU CD   C N N 83  
GLU OE1  O N N 84  
GLU OE2  O N N 85  
GLU OXT  O N N 86  
GLU H    H N N 87  
GLU H2   H N N 88  
GLU HA   H N N 89  
GLU HB2  H N N 90  
GLU HB3  H N N 91  
GLU HG2  H N N 92  
GLU HG3  H N N 93  
GLU HE2  H N N 94  
GLU HXT  H N N 95  
GLY N    N N N 96  
GLY CA   C N N 97  
GLY C    C N N 98  
GLY O    O N N 99  
GLY OXT  O N N 100 
GLY H    H N N 101 
GLY H2   H N N 102 
GLY HA2  H N N 103 
GLY HA3  H N N 104 
GLY HXT  H N N 105 
ILE N    N N N 106 
ILE CA   C N S 107 
ILE C    C N N 108 
ILE O    O N N 109 
ILE CB   C N S 110 
ILE CG1  C N N 111 
ILE CG2  C N N 112 
ILE CD1  C N N 113 
ILE OXT  O N N 114 
ILE H    H N N 115 
ILE H2   H N N 116 
ILE HA   H N N 117 
ILE HB   H N N 118 
ILE HG12 H N N 119 
ILE HG13 H N N 120 
ILE HG21 H N N 121 
ILE HG22 H N N 122 
ILE HG23 H N N 123 
ILE HD11 H N N 124 
ILE HD12 H N N 125 
ILE HD13 H N N 126 
ILE HXT  H N N 127 
LEU N    N N N 128 
LEU CA   C N S 129 
LEU C    C N N 130 
LEU O    O N N 131 
LEU CB   C N N 132 
LEU CG   C N N 133 
LEU CD1  C N N 134 
LEU CD2  C N N 135 
LEU OXT  O N N 136 
LEU H    H N N 137 
LEU H2   H N N 138 
LEU HA   H N N 139 
LEU HB2  H N N 140 
LEU HB3  H N N 141 
LEU HG   H N N 142 
LEU HD11 H N N 143 
LEU HD12 H N N 144 
LEU HD13 H N N 145 
LEU HD21 H N N 146 
LEU HD22 H N N 147 
LEU HD23 H N N 148 
LEU HXT  H N N 149 
LYS N    N N N 150 
LYS CA   C N S 151 
LYS C    C N N 152 
LYS O    O N N 153 
LYS CB   C N N 154 
LYS CG   C N N 155 
LYS CD   C N N 156 
LYS CE   C N N 157 
LYS NZ   N N N 158 
LYS OXT  O N N 159 
LYS H    H N N 160 
LYS H2   H N N 161 
LYS HA   H N N 162 
LYS HB2  H N N 163 
LYS HB3  H N N 164 
LYS HG2  H N N 165 
LYS HG3  H N N 166 
LYS HD2  H N N 167 
LYS HD3  H N N 168 
LYS HE2  H N N 169 
LYS HE3  H N N 170 
LYS HZ1  H N N 171 
LYS HZ2  H N N 172 
LYS HZ3  H N N 173 
LYS HXT  H N N 174 
MET N    N N N 175 
MET CA   C N S 176 
MET C    C N N 177 
MET O    O N N 178 
MET CB   C N N 179 
MET CG   C N N 180 
MET SD   S N N 181 
MET CE   C N N 182 
MET OXT  O N N 183 
MET H    H N N 184 
MET H2   H N N 185 
MET HA   H N N 186 
MET HB2  H N N 187 
MET HB3  H N N 188 
MET HG2  H N N 189 
MET HG3  H N N 190 
MET HE1  H N N 191 
MET HE2  H N N 192 
MET HE3  H N N 193 
MET HXT  H N N 194 
PHE N    N N N 195 
PHE CA   C N S 196 
PHE C    C N N 197 
PHE O    O N N 198 
PHE CB   C N N 199 
PHE CG   C Y N 200 
PHE CD1  C Y N 201 
PHE CD2  C Y N 202 
PHE CE1  C Y N 203 
PHE CE2  C Y N 204 
PHE CZ   C Y N 205 
PHE OXT  O N N 206 
PHE H    H N N 207 
PHE H2   H N N 208 
PHE HA   H N N 209 
PHE HB2  H N N 210 
PHE HB3  H N N 211 
PHE HD1  H N N 212 
PHE HD2  H N N 213 
PHE HE1  H N N 214 
PHE HE2  H N N 215 
PHE HZ   H N N 216 
PHE HXT  H N N 217 
PRO N    N N N 218 
PRO CA   C N S 219 
PRO C    C N N 220 
PRO O    O N N 221 
PRO CB   C N N 222 
PRO CG   C N N 223 
PRO CD   C N N 224 
PRO OXT  O N N 225 
PRO H    H N N 226 
PRO HA   H N N 227 
PRO HB2  H N N 228 
PRO HB3  H N N 229 
PRO HG2  H N N 230 
PRO HG3  H N N 231 
PRO HD2  H N N 232 
PRO HD3  H N N 233 
PRO HXT  H N N 234 
SER N    N N N 235 
SER CA   C N S 236 
SER C    C N N 237 
SER O    O N N 238 
SER CB   C N N 239 
SER OG   O N N 240 
SER OXT  O N N 241 
SER H    H N N 242 
SER H2   H N N 243 
SER HA   H N N 244 
SER HB2  H N N 245 
SER HB3  H N N 246 
SER HG   H N N 247 
SER HXT  H N N 248 
THR N    N N N 249 
THR CA   C N S 250 
THR C    C N N 251 
THR O    O N N 252 
THR CB   C N R 253 
THR OG1  O N N 254 
THR CG2  C N N 255 
THR OXT  O N N 256 
THR H    H N N 257 
THR H2   H N N 258 
THR HA   H N N 259 
THR HB   H N N 260 
THR HG1  H N N 261 
THR HG21 H N N 262 
THR HG22 H N N 263 
THR HG23 H N N 264 
THR HXT  H N N 265 
TRP N    N N N 266 
TRP CA   C N S 267 
TRP C    C N N 268 
TRP O    O N N 269 
TRP CB   C N N 270 
TRP CG   C Y N 271 
TRP CD1  C Y N 272 
TRP CD2  C Y N 273 
TRP NE1  N Y N 274 
TRP CE2  C Y N 275 
TRP CE3  C Y N 276 
TRP CZ2  C Y N 277 
TRP CZ3  C Y N 278 
TRP CH2  C Y N 279 
TRP OXT  O N N 280 
TRP H    H N N 281 
TRP H2   H N N 282 
TRP HA   H N N 283 
TRP HB2  H N N 284 
TRP HB3  H N N 285 
TRP HD1  H N N 286 
TRP HE1  H N N 287 
TRP HE3  H N N 288 
TRP HZ2  H N N 289 
TRP HZ3  H N N 290 
TRP HH2  H N N 291 
TRP HXT  H N N 292 
TYR N    N N N 293 
TYR CA   C N S 294 
TYR C    C N N 295 
TYR O    O N N 296 
TYR CB   C N N 297 
TYR CG   C Y N 298 
TYR CD1  C Y N 299 
TYR CD2  C Y N 300 
TYR CE1  C Y N 301 
TYR CE2  C Y N 302 
TYR CZ   C Y N 303 
TYR OH   O N N 304 
TYR OXT  O N N 305 
TYR H    H N N 306 
TYR H2   H N N 307 
TYR HA   H N N 308 
TYR HB2  H N N 309 
TYR HB3  H N N 310 
TYR HD1  H N N 311 
TYR HD2  H N N 312 
TYR HE1  H N N 313 
TYR HE2  H N N 314 
TYR HH   H N N 315 
TYR HXT  H N N 316 
VAL N    N N N 317 
VAL CA   C N S 318 
VAL C    C N N 319 
VAL O    O N N 320 
VAL CB   C N N 321 
VAL CG1  C N N 322 
VAL CG2  C N N 323 
VAL OXT  O N N 324 
VAL H    H N N 325 
VAL H2   H N N 326 
VAL HA   H N N 327 
VAL HB   H N N 328 
VAL HG11 H N N 329 
VAL HG12 H N N 330 
VAL HG13 H N N 331 
VAL HG21 H N N 332 
VAL HG22 H N N 333 
VAL HG23 H N N 334 
VAL HXT  H N N 335 
# 
loop_
_chem_comp_bond.comp_id 
_chem_comp_bond.atom_id_1 
_chem_comp_bond.atom_id_2 
_chem_comp_bond.value_order 
_chem_comp_bond.pdbx_aromatic_flag 
_chem_comp_bond.pdbx_stereo_config 
_chem_comp_bond.pdbx_ordinal 
ALA N   CA   sing N N 1   
ALA N   H    sing N N 2   
ALA N   H2   sing N N 3   
ALA CA  C    sing N N 4   
ALA CA  CB   sing N N 5   
ALA CA  HA   sing N N 6   
ALA C   O    doub N N 7   
ALA C   OXT  sing N N 8   
ALA CB  HB1  sing N N 9   
ALA CB  HB2  sing N N 10  
ALA CB  HB3  sing N N 11  
ALA OXT HXT  sing N N 12  
ARG N   CA   sing N N 13  
ARG N   H    sing N N 14  
ARG N   H2   sing N N 15  
ARG CA  C    sing N N 16  
ARG CA  CB   sing N N 17  
ARG CA  HA   sing N N 18  
ARG C   O    doub N N 19  
ARG C   OXT  sing N N 20  
ARG CB  CG   sing N N 21  
ARG CB  HB2  sing N N 22  
ARG CB  HB3  sing N N 23  
ARG CG  CD   sing N N 24  
ARG CG  HG2  sing N N 25  
ARG CG  HG3  sing N N 26  
ARG CD  NE   sing N N 27  
ARG CD  HD2  sing N N 28  
ARG CD  HD3  sing N N 29  
ARG NE  CZ   sing N N 30  
ARG NE  HE   sing N N 31  
ARG CZ  NH1  sing N N 32  
ARG CZ  NH2  doub N N 33  
ARG NH1 HH11 sing N N 34  
ARG NH1 HH12 sing N N 35  
ARG NH2 HH21 sing N N 36  
ARG NH2 HH22 sing N N 37  
ARG OXT HXT  sing N N 38  
ASP N   CA   sing N N 39  
ASP N   H    sing N N 40  
ASP N   H2   sing N N 41  
ASP CA  C    sing N N 42  
ASP CA  CB   sing N N 43  
ASP CA  HA   sing N N 44  
ASP C   O    doub N N 45  
ASP C   OXT  sing N N 46  
ASP CB  CG   sing N N 47  
ASP CB  HB2  sing N N 48  
ASP CB  HB3  sing N N 49  
ASP CG  OD1  doub N N 50  
ASP CG  OD2  sing N N 51  
ASP OD2 HD2  sing N N 52  
ASP OXT HXT  sing N N 53  
GLN N   CA   sing N N 54  
GLN N   H    sing N N 55  
GLN N   H2   sing N N 56  
GLN CA  C    sing N N 57  
GLN CA  CB   sing N N 58  
GLN CA  HA   sing N N 59  
GLN C   O    doub N N 60  
GLN C   OXT  sing N N 61  
GLN CB  CG   sing N N 62  
GLN CB  HB2  sing N N 63  
GLN CB  HB3  sing N N 64  
GLN CG  CD   sing N N 65  
GLN CG  HG2  sing N N 66  
GLN CG  HG3  sing N N 67  
GLN CD  OE1  doub N N 68  
GLN CD  NE2  sing N N 69  
GLN NE2 HE21 sing N N 70  
GLN NE2 HE22 sing N N 71  
GLN OXT HXT  sing N N 72  
GLU N   CA   sing N N 73  
GLU N   H    sing N N 74  
GLU N   H2   sing N N 75  
GLU CA  C    sing N N 76  
GLU CA  CB   sing N N 77  
GLU CA  HA   sing N N 78  
GLU C   O    doub N N 79  
GLU C   OXT  sing N N 80  
GLU CB  CG   sing N N 81  
GLU CB  HB2  sing N N 82  
GLU CB  HB3  sing N N 83  
GLU CG  CD   sing N N 84  
GLU CG  HG2  sing N N 85  
GLU CG  HG3  sing N N 86  
GLU CD  OE1  doub N N 87  
GLU CD  OE2  sing N N 88  
GLU OE2 HE2  sing N N 89  
GLU OXT HXT  sing N N 90  
GLY N   CA   sing N N 91  
GLY N   H    sing N N 92  
GLY N   H2   sing N N 93  
GLY CA  C    sing N N 94  
GLY CA  HA2  sing N N 95  
GLY CA  HA3  sing N N 96  
GLY C   O    doub N N 97  
GLY C   OXT  sing N N 98  
GLY OXT HXT  sing N N 99  
ILE N   CA   sing N N 100 
ILE N   H    sing N N 101 
ILE N   H2   sing N N 102 
ILE CA  C    sing N N 103 
ILE CA  CB   sing N N 104 
ILE CA  HA   sing N N 105 
ILE C   O    doub N N 106 
ILE C   OXT  sing N N 107 
ILE CB  CG1  sing N N 108 
ILE CB  CG2  sing N N 109 
ILE CB  HB   sing N N 110 
ILE CG1 CD1  sing N N 111 
ILE CG1 HG12 sing N N 112 
ILE CG1 HG13 sing N N 113 
ILE CG2 HG21 sing N N 114 
ILE CG2 HG22 sing N N 115 
ILE CG2 HG23 sing N N 116 
ILE CD1 HD11 sing N N 117 
ILE CD1 HD12 sing N N 118 
ILE CD1 HD13 sing N N 119 
ILE OXT HXT  sing N N 120 
LEU N   CA   sing N N 121 
LEU N   H    sing N N 122 
LEU N   H2   sing N N 123 
LEU CA  C    sing N N 124 
LEU CA  CB   sing N N 125 
LEU CA  HA   sing N N 126 
LEU C   O    doub N N 127 
LEU C   OXT  sing N N 128 
LEU CB  CG   sing N N 129 
LEU CB  HB2  sing N N 130 
LEU CB  HB3  sing N N 131 
LEU CG  CD1  sing N N 132 
LEU CG  CD2  sing N N 133 
LEU CG  HG   sing N N 134 
LEU CD1 HD11 sing N N 135 
LEU CD1 HD12 sing N N 136 
LEU CD1 HD13 sing N N 137 
LEU CD2 HD21 sing N N 138 
LEU CD2 HD22 sing N N 139 
LEU CD2 HD23 sing N N 140 
LEU OXT HXT  sing N N 141 
LYS N   CA   sing N N 142 
LYS N   H    sing N N 143 
LYS N   H2   sing N N 144 
LYS CA  C    sing N N 145 
LYS CA  CB   sing N N 146 
LYS CA  HA   sing N N 147 
LYS C   O    doub N N 148 
LYS C   OXT  sing N N 149 
LYS CB  CG   sing N N 150 
LYS CB  HB2  sing N N 151 
LYS CB  HB3  sing N N 152 
LYS CG  CD   sing N N 153 
LYS CG  HG2  sing N N 154 
LYS CG  HG3  sing N N 155 
LYS CD  CE   sing N N 156 
LYS CD  HD2  sing N N 157 
LYS CD  HD3  sing N N 158 
LYS CE  NZ   sing N N 159 
LYS CE  HE2  sing N N 160 
LYS CE  HE3  sing N N 161 
LYS NZ  HZ1  sing N N 162 
LYS NZ  HZ2  sing N N 163 
LYS NZ  HZ3  sing N N 164 
LYS OXT HXT  sing N N 165 
MET N   CA   sing N N 166 
MET N   H    sing N N 167 
MET N   H2   sing N N 168 
MET CA  C    sing N N 169 
MET CA  CB   sing N N 170 
MET CA  HA   sing N N 171 
MET C   O    doub N N 172 
MET C   OXT  sing N N 173 
MET CB  CG   sing N N 174 
MET CB  HB2  sing N N 175 
MET CB  HB3  sing N N 176 
MET CG  SD   sing N N 177 
MET CG  HG2  sing N N 178 
MET CG  HG3  sing N N 179 
MET SD  CE   sing N N 180 
MET CE  HE1  sing N N 181 
MET CE  HE2  sing N N 182 
MET CE  HE3  sing N N 183 
MET OXT HXT  sing N N 184 
PHE N   CA   sing N N 185 
PHE N   H    sing N N 186 
PHE N   H2   sing N N 187 
PHE CA  C    sing N N 188 
PHE CA  CB   sing N N 189 
PHE CA  HA   sing N N 190 
PHE C   O    doub N N 191 
PHE C   OXT  sing N N 192 
PHE CB  CG   sing N N 193 
PHE CB  HB2  sing N N 194 
PHE CB  HB3  sing N N 195 
PHE CG  CD1  doub Y N 196 
PHE CG  CD2  sing Y N 197 
PHE CD1 CE1  sing Y N 198 
PHE CD1 HD1  sing N N 199 
PHE CD2 CE2  doub Y N 200 
PHE CD2 HD2  sing N N 201 
PHE CE1 CZ   doub Y N 202 
PHE CE1 HE1  sing N N 203 
PHE CE2 CZ   sing Y N 204 
PHE CE2 HE2  sing N N 205 
PHE CZ  HZ   sing N N 206 
PHE OXT HXT  sing N N 207 
PRO N   CA   sing N N 208 
PRO N   CD   sing N N 209 
PRO N   H    sing N N 210 
PRO CA  C    sing N N 211 
PRO CA  CB   sing N N 212 
PRO CA  HA   sing N N 213 
PRO C   O    doub N N 214 
PRO C   OXT  sing N N 215 
PRO CB  CG   sing N N 216 
PRO CB  HB2  sing N N 217 
PRO CB  HB3  sing N N 218 
PRO CG  CD   sing N N 219 
PRO CG  HG2  sing N N 220 
PRO CG  HG3  sing N N 221 
PRO CD  HD2  sing N N 222 
PRO CD  HD3  sing N N 223 
PRO OXT HXT  sing N N 224 
SER N   CA   sing N N 225 
SER N   H    sing N N 226 
SER N   H2   sing N N 227 
SER CA  C    sing N N 228 
SER CA  CB   sing N N 229 
SER CA  HA   sing N N 230 
SER C   O    doub N N 231 
SER C   OXT  sing N N 232 
SER CB  OG   sing N N 233 
SER CB  HB2  sing N N 234 
SER CB  HB3  sing N N 235 
SER OG  HG   sing N N 236 
SER OXT HXT  sing N N 237 
THR N   CA   sing N N 238 
THR N   H    sing N N 239 
THR N   H2   sing N N 240 
THR CA  C    sing N N 241 
THR CA  CB   sing N N 242 
THR CA  HA   sing N N 243 
THR C   O    doub N N 244 
THR C   OXT  sing N N 245 
THR CB  OG1  sing N N 246 
THR CB  CG2  sing N N 247 
THR CB  HB   sing N N 248 
THR OG1 HG1  sing N N 249 
THR CG2 HG21 sing N N 250 
THR CG2 HG22 sing N N 251 
THR CG2 HG23 sing N N 252 
THR OXT HXT  sing N N 253 
TRP N   CA   sing N N 254 
TRP N   H    sing N N 255 
TRP N   H2   sing N N 256 
TRP CA  C    sing N N 257 
TRP CA  CB   sing N N 258 
TRP CA  HA   sing N N 259 
TRP C   O    doub N N 260 
TRP C   OXT  sing N N 261 
TRP CB  CG   sing N N 262 
TRP CB  HB2  sing N N 263 
TRP CB  HB3  sing N N 264 
TRP CG  CD1  doub Y N 265 
TRP CG  CD2  sing Y N 266 
TRP CD1 NE1  sing Y N 267 
TRP CD1 HD1  sing N N 268 
TRP CD2 CE2  doub Y N 269 
TRP CD2 CE3  sing Y N 270 
TRP NE1 CE2  sing Y N 271 
TRP NE1 HE1  sing N N 272 
TRP CE2 CZ2  sing Y N 273 
TRP CE3 CZ3  doub Y N 274 
TRP CE3 HE3  sing N N 275 
TRP CZ2 CH2  doub Y N 276 
TRP CZ2 HZ2  sing N N 277 
TRP CZ3 CH2  sing Y N 278 
TRP CZ3 HZ3  sing N N 279 
TRP CH2 HH2  sing N N 280 
TRP OXT HXT  sing N N 281 
TYR N   CA   sing N N 282 
TYR N   H    sing N N 283 
TYR N   H2   sing N N 284 
TYR CA  C    sing N N 285 
TYR CA  CB   sing N N 286 
TYR CA  HA   sing N N 287 
TYR C   O    doub N N 288 
TYR C   OXT  sing N N 289 
TYR CB  CG   sing N N 290 
TYR CB  HB2  sing N N 291 
TYR CB  HB3  sing N N 292 
TYR CG  CD1  doub Y N 293 
TYR CG  CD2  sing Y N 294 
TYR CD1 CE1  sing Y N 295 
TYR CD1 HD1  sing N N 296 
TYR CD2 CE2  doub Y N 297 
TYR CD2 HD2  sing N N 298 
TYR CE1 CZ   doub Y N 299 
TYR CE1 HE1  sing N N 300 
TYR CE2 CZ   sing Y N 301 
TYR CE2 HE2  sing N N 302 
TYR CZ  OH   sing N N 303 
TYR OH  HH   sing N N 304 
TYR OXT HXT  sing N N 305 
VAL N   CA   sing N N 306 
VAL N   H    sing N N 307 
VAL N   H2   sing N N 308 
VAL CA  C    sing N N 309 
VAL CA  CB   sing N N 310 
VAL CA  HA   sing N N 311 
VAL C   O    doub N N 312 
VAL C   OXT  sing N N 313 
VAL CB  CG1  sing N N 314 
VAL CB  CG2  sing N N 315 
VAL CB  HB   sing N N 316 
VAL CG1 HG11 sing N N 317 
VAL CG1 HG12 sing N N 318 
VAL CG1 HG13 sing N N 319 
VAL CG2 HG21 sing N N 320 
VAL CG2 HG22 sing N N 321 
VAL CG2 HG23 sing N N 322 
VAL OXT HXT  sing N N 323 
# 
_pdbx_nmr_spectrometer.spectrometer_id   1 
_pdbx_nmr_spectrometer.model             DMX 
_pdbx_nmr_spectrometer.manufacturer      Bruker 
_pdbx_nmr_spectrometer.field_strength    500 
# 
_atom_sites.entry_id                    1B4O 
_atom_sites.fract_transf_matrix[1][1]   1.000000 
_atom_sites.fract_transf_matrix[1][2]   0.000000 
_atom_sites.fract_transf_matrix[1][3]   0.000000 
_atom_sites.fract_transf_matrix[2][1]   0.000000 
_atom_sites.fract_transf_matrix[2][2]   1.000000 
_atom_sites.fract_transf_matrix[2][3]   0.000000 
_atom_sites.fract_transf_matrix[3][1]   0.000000 
_atom_sites.fract_transf_matrix[3][2]   0.000000 
_atom_sites.fract_transf_matrix[3][3]   1.000000 
_atom_sites.fract_transf_vector[1]      0.00000 
_atom_sites.fract_transf_vector[2]      0.00000 
_atom_sites.fract_transf_vector[3]      0.00000 
# 
loop_
_atom_type.symbol 
C 
H 
N 
O 
S 
# 
loop_
_atom_site.group_PDB 
_atom_site.id 
_atom_site.type_symbol 
_atom_site.label_atom_id 
_atom_site.label_alt_id 
_atom_site.label_comp_id 
_atom_site.label_asym_id 
_atom_site.label_entity_id 
_atom_site.label_seq_id 
_atom_site.pdbx_PDB_ins_code 
_atom_site.Cartn_x 
_atom_site.Cartn_y 
_atom_site.Cartn_z 
_atom_site.occupancy 
_atom_site.B_iso_or_equiv 
_atom_site.pdbx_formal_charge 
_atom_site.auth_seq_id 
_atom_site.auth_comp_id 
_atom_site.auth_asym_id 
_atom_site.auth_atom_id 
_atom_site.pdbx_PDB_model_num 
ATOM 1    N N    . ALA A 1 1  ? 2.883   2.630   11.397  1.00 0.00 ? 1  ALA A N    1 
ATOM 2    C CA   . ALA A 1 1  ? 2.601   1.338   10.741  1.00 0.00 ? 1  ALA A CA   1 
ATOM 3    C C    . ALA A 1 1  ? 2.691   1.512   9.207   1.00 0.00 ? 1  ALA A C    1 
ATOM 4    O O    . ALA A 1 1  ? 1.802   2.105   8.585   1.00 0.00 ? 1  ALA A O    1 
ATOM 5    C CB   . ALA A 1 1  ? 1.231   0.809   11.207  1.00 0.00 ? 1  ALA A CB   1 
ATOM 6    H H1   . ALA A 1 1  ? 3.797   3.005   11.114  1.00 0.00 ? 1  ALA A H1   1 
ATOM 7    H H2   . ALA A 1 1  ? 2.179   3.336   11.157  1.00 0.00 ? 1  ALA A H2   1 
ATOM 8    H H3   . ALA A 1 1  ? 2.894   2.542   12.420  1.00 0.00 ? 1  ALA A H3   1 
ATOM 9    H HA   . ALA A 1 1  ? 3.363   0.613   11.094  1.00 0.00 ? 1  ALA A HA   1 
ATOM 10   H HB1  . ALA A 1 1  ? 1.192   0.685   12.306  1.00 0.00 ? 1  ALA A HB1  1 
ATOM 11   H HB2  . ALA A 1 1  ? 0.400   1.482   10.924  1.00 0.00 ? 1  ALA A HB2  1 
ATOM 12   H HB3  . ALA A 1 1  ? 1.013   -0.181  10.766  1.00 0.00 ? 1  ALA A HB3  1 
ATOM 13   N N    . THR A 1 2  ? 3.787   1.003   8.613   1.00 0.00 ? 2  THR A N    1 
ATOM 14   C CA   . THR A 1 2  ? 4.088   1.190   7.164   1.00 0.00 ? 2  THR A CA   1 
ATOM 15   C C    . THR A 1 2  ? 3.516   0.031   6.299   1.00 0.00 ? 2  THR A C    1 
ATOM 16   O O    . THR A 1 2  ? 3.412   -1.115  6.750   1.00 0.00 ? 2  THR A O    1 
ATOM 17   C CB   . THR A 1 2  ? 5.607   1.433   6.904   1.00 0.00 ? 2  THR A CB   1 
ATOM 18   O OG1  . THR A 1 2  ? 6.401   0.351   7.387   1.00 0.00 ? 2  THR A OG1  1 
ATOM 19   C CG2  . THR A 1 2  ? 6.145   2.755   7.483   1.00 0.00 ? 2  THR A CG2  1 
ATOM 20   H H    . THR A 1 2  ? 4.431   0.509   9.240   1.00 0.00 ? 2  THR A H    1 
ATOM 21   H HA   . THR A 1 2  ? 3.584   2.113   6.834   1.00 0.00 ? 2  THR A HA   1 
ATOM 22   H HB   . THR A 1 2  ? 5.764   1.490   5.812   1.00 0.00 ? 2  THR A HB   1 
ATOM 23   H HG1  . THR A 1 2  ? 6.155   -0.412  6.859   1.00 0.00 ? 2  THR A HG1  1 
ATOM 24   H HG21 . THR A 1 2  ? 5.578   3.625   7.101   1.00 0.00 ? 2  THR A HG21 1 
ATOM 25   H HG22 . THR A 1 2  ? 6.082   2.783   8.586   1.00 0.00 ? 2  THR A HG22 1 
ATOM 26   H HG23 . THR A 1 2  ? 7.206   2.916   7.211   1.00 0.00 ? 2  THR A HG23 1 
ATOM 27   N N    . VAL A 1 3  ? 3.162   0.353   5.037   1.00 0.00 ? 3  VAL A N    1 
ATOM 28   C CA   . VAL A 1 3  ? 2.599   -0.631  4.065   1.00 0.00 ? 3  VAL A CA   1 
ATOM 29   C C    . VAL A 1 3  ? 3.738   -1.493  3.424   1.00 0.00 ? 3  VAL A C    1 
ATOM 30   O O    . VAL A 1 3  ? 4.237   -1.203  2.332   1.00 0.00 ? 3  VAL A O    1 
ATOM 31   C CB   . VAL A 1 3  ? 1.648   0.048   3.013   1.00 0.00 ? 3  VAL A CB   1 
ATOM 32   C CG1  . VAL A 1 3  ? 0.268   0.433   3.590   1.00 0.00 ? 3  VAL A CG1  1 
ATOM 33   C CG2  . VAL A 1 3  ? 2.228   1.252   2.232   1.00 0.00 ? 3  VAL A CG2  1 
ATOM 34   H H    . VAL A 1 3  ? 3.308   1.339   4.789   1.00 0.00 ? 3  VAL A H    1 
ATOM 35   H HA   . VAL A 1 3  ? 1.945   -1.332  4.625   1.00 0.00 ? 3  VAL A HA   1 
ATOM 36   H HB   . VAL A 1 3  ? 1.419   -0.723  2.258   1.00 0.00 ? 3  VAL A HB   1 
ATOM 37   H HG11 . VAL A 1 3  ? -0.256  -0.453  3.986   1.00 0.00 ? 3  VAL A HG11 1 
ATOM 38   H HG12 . VAL A 1 3  ? 0.346   1.166   4.412   1.00 0.00 ? 3  VAL A HG12 1 
ATOM 39   H HG13 . VAL A 1 3  ? -0.397  0.869   2.821   1.00 0.00 ? 3  VAL A HG13 1 
ATOM 40   H HG21 . VAL A 1 3  ? 3.202   1.025   1.765   1.00 0.00 ? 3  VAL A HG21 1 
ATOM 41   H HG22 . VAL A 1 3  ? 1.554   1.555   1.410   1.00 0.00 ? 3  VAL A HG22 1 
ATOM 42   H HG23 . VAL A 1 3  ? 2.376   2.137   2.877   1.00 0.00 ? 3  VAL A HG23 1 
ATOM 43   N N    . LYS A 1 4  ? 4.132   -2.572  4.131   1.00 0.00 ? 4  LYS A N    1 
ATOM 44   C CA   . LYS A 1 4  ? 5.207   -3.499  3.690   1.00 0.00 ? 4  LYS A CA   1 
ATOM 45   C C    . LYS A 1 4  ? 4.559   -4.643  2.866   1.00 0.00 ? 4  LYS A C    1 
ATOM 46   O O    . LYS A 1 4  ? 3.630   -5.312  3.337   1.00 0.00 ? 4  LYS A O    1 
ATOM 47   C CB   . LYS A 1 4  ? 5.995   -4.083  4.895   1.00 0.00 ? 4  LYS A CB   1 
ATOM 48   C CG   . LYS A 1 4  ? 6.755   -3.056  5.770   1.00 0.00 ? 4  LYS A CG   1 
ATOM 49   C CD   . LYS A 1 4  ? 7.803   -3.648  6.743   1.00 0.00 ? 4  LYS A CD   1 
ATOM 50   C CE   . LYS A 1 4  ? 7.279   -4.411  7.979   1.00 0.00 ? 4  LYS A CE   1 
ATOM 51   N NZ   . LYS A 1 4  ? 6.729   -5.746  7.677   1.00 0.00 ? 4  LYS A NZ   1 
ATOM 52   H H    . LYS A 1 4  ? 3.635   -2.708  5.019   1.00 0.00 ? 4  LYS A H    1 
ATOM 53   H HA   . LYS A 1 4  ? 5.940   -2.944  3.068   1.00 0.00 ? 4  LYS A HA   1 
ATOM 54   H HB2  . LYS A 1 4  ? 5.314   -4.673  5.538   1.00 0.00 ? 4  LYS A HB2  1 
ATOM 55   H HB3  . LYS A 1 4  ? 6.730   -4.814  4.506   1.00 0.00 ? 4  LYS A HB3  1 
ATOM 56   H HG2  . LYS A 1 4  ? 7.273   -2.346  5.101   1.00 0.00 ? 4  LYS A HG2  1 
ATOM 57   H HG3  . LYS A 1 4  ? 6.034   -2.434  6.332   1.00 0.00 ? 4  LYS A HG3  1 
ATOM 58   H HD2  . LYS A 1 4  ? 8.532   -4.268  6.188   1.00 0.00 ? 4  LYS A HD2  1 
ATOM 59   H HD3  . LYS A 1 4  ? 8.404   -2.799  7.123   1.00 0.00 ? 4  LYS A HD3  1 
ATOM 60   H HE2  . LYS A 1 4  ? 8.108   -4.539  8.700   1.00 0.00 ? 4  LYS A HE2  1 
ATOM 61   H HE3  . LYS A 1 4  ? 6.517   -3.810  8.508   1.00 0.00 ? 4  LYS A HE3  1 
ATOM 62   H HZ1  . LYS A 1 4  ? 7.428   -6.354  7.234   1.00 0.00 ? 4  LYS A HZ1  1 
ATOM 63   H HZ2  . LYS A 1 4  ? 6.404   -6.224  8.525   1.00 0.00 ? 4  LYS A HZ2  1 
ATOM 64   H HZ3  . LYS A 1 4  ? 5.931   -5.687  7.036   1.00 0.00 ? 4  LYS A HZ3  1 
ATOM 65   N N    . PHE A 1 5  ? 5.051   -4.846  1.631   1.00 0.00 ? 5  PHE A N    1 
ATOM 66   C CA   . PHE A 1 5  ? 4.417   -5.781  0.657   1.00 0.00 ? 5  PHE A CA   1 
ATOM 67   C C    . PHE A 1 5  ? 5.260   -7.095  0.661   1.00 0.00 ? 5  PHE A C    1 
ATOM 68   O O    . PHE A 1 5  ? 5.352   -7.742  1.711   1.00 0.00 ? 5  PHE A O    1 
ATOM 69   C CB   . PHE A 1 5  ? 4.180   -5.068  -0.721  1.00 0.00 ? 5  PHE A CB   1 
ATOM 70   C CG   . PHE A 1 5  ? 3.519   -3.672  -0.737  1.00 0.00 ? 5  PHE A CG   1 
ATOM 71   C CD1  . PHE A 1 5  ? 2.305   -3.440  -0.081  1.00 0.00 ? 5  PHE A CD1  1 
ATOM 72   C CD2  . PHE A 1 5  ? 4.162   -2.608  -1.381  1.00 0.00 ? 5  PHE A CD2  1 
ATOM 73   C CE1  . PHE A 1 5  ? 1.755   -2.161  -0.052  1.00 0.00 ? 5  PHE A CE1  1 
ATOM 74   C CE2  . PHE A 1 5  ? 3.615   -1.330  -1.342  1.00 0.00 ? 5  PHE A CE2  1 
ATOM 75   C CZ   . PHE A 1 5  ? 2.424   -1.103  -0.664  1.00 0.00 ? 5  PHE A CZ   1 
ATOM 76   H H    . PHE A 1 5  ? 5.856   -4.261  1.383   1.00 0.00 ? 5  PHE A H    1 
ATOM 77   H HA   . PHE A 1 5  ? 3.408   -6.070  1.011   1.00 0.00 ? 5  PHE A HA   1 
ATOM 78   H HB2  . PHE A 1 5  ? 5.149   -5.010  -1.254  1.00 0.00 ? 5  PHE A HB2  1 
ATOM 79   H HB3  . PHE A 1 5  ? 3.567   -5.738  -1.352  1.00 0.00 ? 5  PHE A HB3  1 
ATOM 80   H HD1  . PHE A 1 5  ? 1.807   -4.240  0.444   1.00 0.00 ? 5  PHE A HD1  1 
ATOM 81   H HD2  . PHE A 1 5  ? 5.098   -2.759  -1.900  1.00 0.00 ? 5  PHE A HD2  1 
ATOM 82   H HE1  . PHE A 1 5  ? 0.818   -1.990  0.455   1.00 0.00 ? 5  PHE A HE1  1 
ATOM 83   H HE2  . PHE A 1 5  ? 4.118   -0.512  -1.833  1.00 0.00 ? 5  PHE A HE2  1 
ATOM 84   H HZ   . PHE A 1 5  ? 2.020   -0.103  -0.621  1.00 0.00 ? 5  PHE A HZ   1 
ATOM 85   N N    . LYS A 1 6  ? 5.890   -7.469  -0.472  1.00 0.00 ? 6  LYS A N    1 
ATOM 86   C CA   . LYS A 1 6  ? 7.014   -8.446  -0.548  1.00 0.00 ? 6  LYS A CA   1 
ATOM 87   C C    . LYS A 1 6  ? 6.715   -9.848  0.060   1.00 0.00 ? 6  LYS A C    1 
ATOM 88   O O    . LYS A 1 6  ? 7.027   -10.107 1.228   1.00 0.00 ? 6  LYS A O    1 
ATOM 89   C CB   . LYS A 1 6  ? 8.371   -7.854  -0.053  1.00 0.00 ? 6  LYS A CB   1 
ATOM 90   C CG   . LYS A 1 6  ? 8.835   -6.478  -0.595  1.00 0.00 ? 6  LYS A CG   1 
ATOM 91   C CD   . LYS A 1 6  ? 8.864   -6.332  -2.134  1.00 0.00 ? 6  LYS A CD   1 
ATOM 92   C CE   . LYS A 1 6  ? 9.398   -4.989  -2.673  1.00 0.00 ? 6  LYS A CE   1 
ATOM 93   N NZ   . LYS A 1 6  ? 8.536   -3.839  -2.336  1.00 0.00 ? 6  LYS A NZ   1 
ATOM 94   H H    . LYS A 1 6  ? 5.699   -6.846  -1.265  1.00 0.00 ? 6  LYS A H    1 
ATOM 95   H HA   . LYS A 1 6  ? 7.165   -8.604  -1.635  1.00 0.00 ? 6  LYS A HA   1 
ATOM 96   H HB2  . LYS A 1 6  ? 8.360   -7.790  1.052   1.00 0.00 ? 6  LYS A HB2  1 
ATOM 97   H HB3  . LYS A 1 6  ? 9.157   -8.597  -0.277  1.00 0.00 ? 6  LYS A HB3  1 
ATOM 98   H HG2  . LYS A 1 6  ? 8.194   -5.686  -0.162  1.00 0.00 ? 6  LYS A HG2  1 
ATOM 99   H HG3  . LYS A 1 6  ? 9.846   -6.272  -0.193  1.00 0.00 ? 6  LYS A HG3  1 
ATOM 100  H HD2  . LYS A 1 6  ? 9.488   -7.145  -2.541  1.00 0.00 ? 6  LYS A HD2  1 
ATOM 101  H HD3  . LYS A 1 6  ? 7.856   -6.511  -2.550  1.00 0.00 ? 6  LYS A HD3  1 
ATOM 102  H HE2  . LYS A 1 6  ? 10.422  -4.804  -2.300  1.00 0.00 ? 6  LYS A HE2  1 
ATOM 103  H HE3  . LYS A 1 6  ? 9.488   -5.048  -3.774  1.00 0.00 ? 6  LYS A HE3  1 
ATOM 104  H HZ1  . LYS A 1 6  ? 7.584   -3.951  -2.698  1.00 0.00 ? 6  LYS A HZ1  1 
ATOM 105  H HZ2  . LYS A 1 6  ? 8.461   -3.718  -1.319  1.00 0.00 ? 6  LYS A HZ2  1 
ATOM 106  H HZ3  . LYS A 1 6  ? 8.911   -2.962  -2.714  1.00 0.00 ? 6  LYS A HZ3  1 
ATOM 107  N N    . TYR A 1 7  ? 6.109   -10.740 -0.742  1.00 0.00 ? 7  TYR A N    1 
ATOM 108  C CA   . TYR A 1 7  ? 5.750   -12.115 -0.291  1.00 0.00 ? 7  TYR A CA   1 
ATOM 109  C C    . TYR A 1 7  ? 6.949   -13.108 -0.382  1.00 0.00 ? 7  TYR A C    1 
ATOM 110  O O    . TYR A 1 7  ? 7.336   -13.668 0.647   1.00 0.00 ? 7  TYR A O    1 
ATOM 111  C CB   . TYR A 1 7  ? 4.481   -12.642 -1.028  1.00 0.00 ? 7  TYR A CB   1 
ATOM 112  C CG   . TYR A 1 7  ? 3.130   -11.899 -0.866  1.00 0.00 ? 7  TYR A CG   1 
ATOM 113  C CD1  . TYR A 1 7  ? 2.753   -11.252 0.324   1.00 0.00 ? 7  TYR A CD1  1 
ATOM 114  C CD2  . TYR A 1 7  ? 2.221   -11.933 -1.930  1.00 0.00 ? 7  TYR A CD2  1 
ATOM 115  C CE1  . TYR A 1 7  ? 1.506   -10.642 0.429   1.00 0.00 ? 7  TYR A CE1  1 
ATOM 116  C CE2  . TYR A 1 7  ? 0.972   -11.331 -1.818  1.00 0.00 ? 7  TYR A CE2  1 
ATOM 117  C CZ   . TYR A 1 7  ? 0.615   -10.682 -0.636  1.00 0.00 ? 7  TYR A CZ   1 
ATOM 118  O OH   . TYR A 1 7  ? -0.620  -10.100 -0.526  1.00 0.00 ? 7  TYR A OH   1 
ATOM 119  H H    . TYR A 1 7  ? 5.878   -10.396 -1.679  1.00 0.00 ? 7  TYR A H    1 
ATOM 120  H HA   . TYR A 1 7  ? 5.476   -12.072 0.781   1.00 0.00 ? 7  TYR A HA   1 
ATOM 121  H HB2  . TYR A 1 7  ? 4.726   -12.730 -2.106  1.00 0.00 ? 7  TYR A HB2  1 
ATOM 122  H HB3  . TYR A 1 7  ? 4.309   -13.690 -0.714  1.00 0.00 ? 7  TYR A HB3  1 
ATOM 123  H HD1  . TYR A 1 7  ? 3.417   -11.222 1.173   1.00 0.00 ? 7  TYR A HD1  1 
ATOM 124  H HD2  . TYR A 1 7  ? 2.471   -12.440 -2.854  1.00 0.00 ? 7  TYR A HD2  1 
ATOM 125  H HE1  . TYR A 1 7  ? 1.227   -10.145 1.351   1.00 0.00 ? 7  TYR A HE1  1 
ATOM 126  H HE2  . TYR A 1 7  ? 0.277   -11.376 -2.643  1.00 0.00 ? 7  TYR A HE2  1 
ATOM 127  H HH   . TYR A 1 7  ? -0.721  -9.746  0.360   1.00 0.00 ? 7  TYR A HH   1 
ATOM 128  N N    . LYS A 1 8  ? 7.513   -13.341 -1.588  1.00 0.00 ? 8  LYS A N    1 
ATOM 129  C CA   . LYS A 1 8  ? 8.495   -14.436 -1.826  1.00 0.00 ? 8  LYS A CA   1 
ATOM 130  C C    . LYS A 1 8  ? 9.976   -13.947 -1.790  1.00 0.00 ? 8  LYS A C    1 
ATOM 131  O O    . LYS A 1 8  ? 10.736  -14.414 -0.937  1.00 0.00 ? 8  LYS A O    1 
ATOM 132  C CB   . LYS A 1 8  ? 8.174   -15.206 -3.139  1.00 0.00 ? 8  LYS A CB   1 
ATOM 133  C CG   . LYS A 1 8  ? 6.804   -15.920 -3.201  1.00 0.00 ? 8  LYS A CG   1 
ATOM 134  C CD   . LYS A 1 8  ? 6.597   -16.645 -4.544  1.00 0.00 ? 8  LYS A CD   1 
ATOM 135  C CE   . LYS A 1 8  ? 5.270   -17.422 -4.621  1.00 0.00 ? 8  LYS A CE   1 
ATOM 136  N NZ   . LYS A 1 8  ? 5.105   -18.030 -5.953  1.00 0.00 ? 8  LYS A NZ   1 
ATOM 137  H H    . LYS A 1 8  ? 7.098   -12.812 -2.364  1.00 0.00 ? 8  LYS A H    1 
ATOM 138  H HA   . LYS A 1 8  ? 8.397   -15.192 -1.021  1.00 0.00 ? 8  LYS A HA   1 
ATOM 139  H HB2  . LYS A 1 8  ? 8.272   -14.522 -4.006  1.00 0.00 ? 8  LYS A HB2  1 
ATOM 140  H HB3  . LYS A 1 8  ? 8.957   -15.974 -3.292  1.00 0.00 ? 8  LYS A HB3  1 
ATOM 141  H HG2  . LYS A 1 8  ? 6.725   -16.640 -2.364  1.00 0.00 ? 8  LYS A HG2  1 
ATOM 142  H HG3  . LYS A 1 8  ? 5.988   -15.188 -3.050  1.00 0.00 ? 8  LYS A HG3  1 
ATOM 143  H HD2  . LYS A 1 8  ? 6.645   -15.903 -5.365  1.00 0.00 ? 8  LYS A HD2  1 
ATOM 144  H HD3  . LYS A 1 8  ? 7.439   -17.343 -4.717  1.00 0.00 ? 8  LYS A HD3  1 
ATOM 145  H HE2  . LYS A 1 8  ? 5.244   -18.216 -3.853  1.00 0.00 ? 8  LYS A HE2  1 
ATOM 146  H HE3  . LYS A 1 8  ? 4.412   -16.757 -4.413  1.00 0.00 ? 8  LYS A HE3  1 
ATOM 147  H HZ1  . LYS A 1 8  ? 5.912   -18.613 -6.201  1.00 0.00 ? 8  LYS A HZ1  1 
ATOM 148  H HZ2  . LYS A 1 8  ? 4.269   -18.622 -6.004  1.00 0.00 ? 8  LYS A HZ2  1 
ATOM 149  H HZ3  . LYS A 1 8  ? 5.018   -17.313 -6.682  1.00 0.00 ? 8  LYS A HZ3  1 
ATOM 150  N N    . GLY A 1 9  ? 10.395  -13.069 -2.727  1.00 0.00 ? 9  GLY A N    1 
ATOM 151  C CA   . GLY A 1 9  ? 11.830  -12.824 -3.013  1.00 0.00 ? 9  GLY A CA   1 
ATOM 152  C C    . GLY A 1 9  ? 12.387  -11.474 -2.528  1.00 0.00 ? 9  GLY A C    1 
ATOM 153  O O    . GLY A 1 9  ? 13.237  -11.448 -1.633  1.00 0.00 ? 9  GLY A O    1 
ATOM 154  H H    . GLY A 1 9  ? 9.659   -12.739 -3.360  1.00 0.00 ? 9  GLY A H    1 
ATOM 155  H HA2  . GLY A 1 9  ? 12.465  -13.640 -2.615  1.00 0.00 ? 9  GLY A HA2  1 
ATOM 156  H HA3  . GLY A 1 9  ? 11.975  -12.895 -4.107  1.00 0.00 ? 9  GLY A HA3  1 
ATOM 157  N N    . GLU A 1 10 ? 11.950  -10.371 -3.166  1.00 0.00 ? 10 GLU A N    1 
ATOM 158  C CA   . GLU A 1 10 ? 12.602  -9.037  -3.051  1.00 0.00 ? 10 GLU A CA   1 
ATOM 159  C C    . GLU A 1 10 ? 12.544  -8.423  -1.615  1.00 0.00 ? 10 GLU A C    1 
ATOM 160  O O    . GLU A 1 10 ? 11.546  -8.542  -0.901  1.00 0.00 ? 10 GLU A O    1 
ATOM 161  C CB   . GLU A 1 10 ? 11.970  -8.134  -4.155  1.00 0.00 ? 10 GLU A CB   1 
ATOM 162  C CG   . GLU A 1 10 ? 12.582  -6.734  -4.383  1.00 0.00 ? 10 GLU A CG   1 
ATOM 163  C CD   . GLU A 1 10 ? 14.035  -6.765  -4.875  1.00 0.00 ? 10 GLU A CD   1 
ATOM 164  O OE1  . GLU A 1 10 ? 14.351  -6.941  -6.050  1.00 0.00 ? 10 GLU A OE1  1 
ATOM 165  O OE2  . GLU A 1 10 ? 14.930  -6.591  -3.853  1.00 0.00 ? 10 GLU A OE2  1 
ATOM 166  H H    . GLU A 1 10 ? 11.243  -10.554 -3.887  1.00 0.00 ? 10 GLU A H    1 
ATOM 167  H HA   . GLU A 1 10 ? 13.664  -9.187  -3.338  1.00 0.00 ? 10 GLU A HA   1 
ATOM 168  H HB2  . GLU A 1 10 ? 12.000  -8.663  -5.128  1.00 0.00 ? 10 GLU A HB2  1 
ATOM 169  H HB3  . GLU A 1 10 ? 10.892  -8.009  -3.955  1.00 0.00 ? 10 GLU A HB3  1 
ATOM 170  H HG2  . GLU A 1 10 ? 11.975  -6.199  -5.137  1.00 0.00 ? 10 GLU A HG2  1 
ATOM 171  H HG3  . GLU A 1 10 ? 12.497  -6.122  -3.465  1.00 0.00 ? 10 GLU A HG3  1 
ATOM 172  H HE2  . GLU A 1 10 ? 14.490  -6.415  -3.018  1.00 0.00 ? 10 GLU A HE2  1 
ATOM 173  N N    . GLU A 1 11 ? 13.660  -7.795  -1.208  1.00 0.00 ? 11 GLU A N    1 
ATOM 174  C CA   . GLU A 1 11 ? 13.879  -7.295  0.180   1.00 0.00 ? 11 GLU A CA   1 
ATOM 175  C C    . GLU A 1 11 ? 13.109  -6.001  0.599   1.00 0.00 ? 11 GLU A C    1 
ATOM 176  O O    . GLU A 1 11 ? 12.764  -5.873  1.778   1.00 0.00 ? 11 GLU A O    1 
ATOM 177  C CB   . GLU A 1 11 ? 15.421  -7.119  0.349   1.00 0.00 ? 11 GLU A CB   1 
ATOM 178  C CG   . GLU A 1 11 ? 15.964  -6.784  1.759   1.00 0.00 ? 11 GLU A CG   1 
ATOM 179  C CD   . GLU A 1 11 ? 15.781  -7.895  2.799   1.00 0.00 ? 11 GLU A CD   1 
ATOM 180  O OE1  . GLU A 1 11 ? 16.473  -8.912  2.832   1.00 0.00 ? 11 GLU A OE1  1 
ATOM 181  O OE2  . GLU A 1 11 ? 14.767  -7.619  3.681   1.00 0.00 ? 11 GLU A OE2  1 
ATOM 182  H H    . GLU A 1 11 ? 14.410  -7.768  -1.909  1.00 0.00 ? 11 GLU A H    1 
ATOM 183  H HA   . GLU A 1 11 ? 13.566  -8.101  0.873   1.00 0.00 ? 11 GLU A HA   1 
ATOM 184  H HB2  . GLU A 1 11 ? 15.948  -8.028  0.000   1.00 0.00 ? 11 GLU A HB2  1 
ATOM 185  H HB3  . GLU A 1 11 ? 15.766  -6.320  -0.337  1.00 0.00 ? 11 GLU A HB3  1 
ATOM 186  H HG2  . GLU A 1 11 ? 17.045  -6.566  1.679   1.00 0.00 ? 11 GLU A HG2  1 
ATOM 187  H HG3  . GLU A 1 11 ? 15.520  -5.838  2.125   1.00 0.00 ? 11 GLU A HG3  1 
ATOM 188  H HE2  . GLU A 1 11 ? 14.354  -6.771  3.503   1.00 0.00 ? 11 GLU A HE2  1 
ATOM 189  N N    . LYS A 1 12 ? 12.914  -5.026  -0.312  1.00 0.00 ? 12 LYS A N    1 
ATOM 190  C CA   . LYS A 1 12 ? 12.727  -3.596  0.055   1.00 0.00 ? 12 LYS A CA   1 
ATOM 191  C C    . LYS A 1 12 ? 11.344  -3.304  0.710   1.00 0.00 ? 12 LYS A C    1 
ATOM 192  O O    . LYS A 1 12 ? 10.294  -3.584  0.128   1.00 0.00 ? 12 LYS A O    1 
ATOM 193  C CB   . LYS A 1 12 ? 12.929  -2.698  -1.203  1.00 0.00 ? 12 LYS A CB   1 
ATOM 194  C CG   . LYS A 1 12 ? 14.370  -2.551  -1.758  1.00 0.00 ? 12 LYS A CG   1 
ATOM 195  C CD   . LYS A 1 12 ? 14.875  -3.715  -2.642  1.00 0.00 ? 12 LYS A CD   1 
ATOM 196  C CE   . LYS A 1 12 ? 16.307  -3.572  -3.193  1.00 0.00 ? 12 LYS A CE   1 
ATOM 197  N NZ   . LYS A 1 12 ? 16.459  -2.489  -4.182  1.00 0.00 ? 12 LYS A NZ   1 
ATOM 198  H H    . LYS A 1 12 ? 13.220  -5.282  -1.256  1.00 0.00 ? 12 LYS A H    1 
ATOM 199  H HA   . LYS A 1 12 ? 13.534  -3.327  0.767   1.00 0.00 ? 12 LYS A HA   1 
ATOM 200  H HB2  . LYS A 1 12 ? 12.243  -3.006  -2.017  1.00 0.00 ? 12 LYS A HB2  1 
ATOM 201  H HB3  . LYS A 1 12 ? 12.599  -1.674  -0.947  1.00 0.00 ? 12 LYS A HB3  1 
ATOM 202  H HG2  . LYS A 1 12 ? 14.404  -1.625  -2.364  1.00 0.00 ? 12 LYS A HG2  1 
ATOM 203  H HG3  . LYS A 1 12 ? 15.074  -2.374  -0.925  1.00 0.00 ? 12 LYS A HG3  1 
ATOM 204  H HD2  . LYS A 1 12 ? 14.854  -4.649  -2.055  1.00 0.00 ? 12 LYS A HD2  1 
ATOM 205  H HD3  . LYS A 1 12 ? 14.169  -3.890  -3.477  1.00 0.00 ? 12 LYS A HD3  1 
ATOM 206  H HE2  . LYS A 1 12 ? 17.026  -3.422  -2.366  1.00 0.00 ? 12 LYS A HE2  1 
ATOM 207  H HE3  . LYS A 1 12 ? 16.605  -4.520  -3.676  1.00 0.00 ? 12 LYS A HE3  1 
ATOM 208  H HZ1  . LYS A 1 12 ? 15.833  -2.617  -4.986  1.00 0.00 ? 12 LYS A HZ1  1 
ATOM 209  H HZ2  . LYS A 1 12 ? 16.247  -1.572  -3.773  1.00 0.00 ? 12 LYS A HZ2  1 
ATOM 210  H HZ3  . LYS A 1 12 ? 17.417  -2.446  -4.547  1.00 0.00 ? 12 LYS A HZ3  1 
ATOM 211  N N    . GLN A 1 13 ? 11.364  -2.700  1.912   1.00 0.00 ? 13 GLN A N    1 
ATOM 212  C CA   . GLN A 1 13 ? 10.137  -2.211  2.601   1.00 0.00 ? 13 GLN A CA   1 
ATOM 213  C C    . GLN A 1 13 ? 9.671   -0.832  2.042   1.00 0.00 ? 13 GLN A C    1 
ATOM 214  O O    . GLN A 1 13 ? 10.493  0.069   1.833   1.00 0.00 ? 13 GLN A O    1 
ATOM 215  C CB   . GLN A 1 13 ? 10.348  -2.181  4.140   1.00 0.00 ? 13 GLN A CB   1 
ATOM 216  C CG   . GLN A 1 13 ? 11.442  -1.242  4.707   1.00 0.00 ? 13 GLN A CG   1 
ATOM 217  C CD   . GLN A 1 13 ? 11.550  -1.309  6.239   1.00 0.00 ? 13 GLN A CD   1 
ATOM 218  O OE1  . GLN A 1 13 ? 10.799  -0.657  6.963   1.00 0.00 ? 13 GLN A OE1  1 
ATOM 219  N NE2  . GLN A 1 13 ? 12.484  -2.094  6.758   1.00 0.00 ? 13 GLN A NE2  1 
ATOM 220  H H    . GLN A 1 13 ? 12.302  -2.540  2.300   1.00 0.00 ? 13 GLN A H    1 
ATOM 221  H HA   . GLN A 1 13 ? 9.334   -2.959  2.433   1.00 0.00 ? 13 GLN A HA   1 
ATOM 222  H HB2  . GLN A 1 13 ? 9.388   -1.903  4.609   1.00 0.00 ? 13 GLN A HB2  1 
ATOM 223  H HB3  . GLN A 1 13 ? 10.538  -3.214  4.492   1.00 0.00 ? 13 GLN A HB3  1 
ATOM 224  H HG2  . GLN A 1 13 ? 12.419  -1.461  4.233   1.00 0.00 ? 13 GLN A HG2  1 
ATOM 225  H HG3  . GLN A 1 13 ? 11.216  -0.196  4.424   1.00 0.00 ? 13 GLN A HG3  1 
ATOM 226  H HE21 . GLN A 1 13 ? 13.083  -2.595  6.094   1.00 0.00 ? 13 GLN A HE21 1 
ATOM 227  H HE22 . GLN A 1 13 ? 12.547  -2.117  7.782   1.00 0.00 ? 13 GLN A HE22 1 
ATOM 228  N N    . VAL A 1 14 ? 8.351   -0.681  1.818   1.00 0.00 ? 14 VAL A N    1 
ATOM 229  C CA   . VAL A 1 14 ? 7.760   0.571   1.257   1.00 0.00 ? 14 VAL A CA   1 
ATOM 230  C C    . VAL A 1 14 ? 7.103   1.361   2.433   1.00 0.00 ? 14 VAL A C    1 
ATOM 231  O O    . VAL A 1 14 ? 6.288   0.832   3.198   1.00 0.00 ? 14 VAL A O    1 
ATOM 232  C CB   . VAL A 1 14 ? 6.773   0.280   0.072   1.00 0.00 ? 14 VAL A CB   1 
ATOM 233  C CG1  . VAL A 1 14 ? 6.117   1.560   -0.506  1.00 0.00 ? 14 VAL A CG1  1 
ATOM 234  C CG2  . VAL A 1 14 ? 7.448   -0.465  -1.105  1.00 0.00 ? 14 VAL A CG2  1 
ATOM 235  H H    . VAL A 1 14 ? 7.779   -1.506  2.030   1.00 0.00 ? 14 VAL A H    1 
ATOM 236  H HA   . VAL A 1 14 ? 8.574   1.189   0.819   1.00 0.00 ? 14 VAL A HA   1 
ATOM 237  H HB   . VAL A 1 14 ? 5.959   -0.368  0.448   1.00 0.00 ? 14 VAL A HB   1 
ATOM 238  H HG11 . VAL A 1 14 ? 6.870   2.287   -0.864  1.00 0.00 ? 14 VAL A HG11 1 
ATOM 239  H HG12 . VAL A 1 14 ? 5.447   1.338   -1.355  1.00 0.00 ? 14 VAL A HG12 1 
ATOM 240  H HG13 . VAL A 1 14 ? 5.495   2.077   0.248   1.00 0.00 ? 14 VAL A HG13 1 
ATOM 241  H HG21 . VAL A 1 14 ? 7.865   -1.439  -0.790  1.00 0.00 ? 14 VAL A HG21 1 
ATOM 242  H HG22 . VAL A 1 14 ? 6.732   -0.687  -1.916  1.00 0.00 ? 14 VAL A HG22 1 
ATOM 243  H HG23 . VAL A 1 14 ? 8.277   0.116   -1.550  1.00 0.00 ? 14 VAL A HG23 1 
ATOM 244  N N    . ASP A 1 15 ? 7.453   2.657   2.518   1.00 0.00 ? 15 ASP A N    1 
ATOM 245  C CA   . ASP A 1 15 ? 6.927   3.590   3.552   1.00 0.00 ? 15 ASP A CA   1 
ATOM 246  C C    . ASP A 1 15 ? 5.489   4.094   3.223   1.00 0.00 ? 15 ASP A C    1 
ATOM 247  O O    . ASP A 1 15 ? 5.092   4.225   2.059   1.00 0.00 ? 15 ASP A O    1 
ATOM 248  C CB   . ASP A 1 15 ? 7.895   4.797   3.713   1.00 0.00 ? 15 ASP A CB   1 
ATOM 249  C CG   . ASP A 1 15 ? 9.270   4.451   4.307   1.00 0.00 ? 15 ASP A CG   1 
ATOM 250  O OD1  . ASP A 1 15 ? 9.376   4.323   5.546   1.00 0.00 ? 15 ASP A OD1  1 
ATOM 251  O OD2  . ASP A 1 15 ? 10.241  4.295   3.535   1.00 0.00 ? 15 ASP A OD2  1 
ATOM 252  H H    . ASP A 1 15 ? 8.156   2.956   1.831   1.00 0.00 ? 15 ASP A H    1 
ATOM 253  H HA   . ASP A 1 15 ? 6.908   3.054   4.523   1.00 0.00 ? 15 ASP A HA   1 
ATOM 254  H HB2  . ASP A 1 15 ? 8.028   5.321   2.746   1.00 0.00 ? 15 ASP A HB2  1 
ATOM 255  H HB3  . ASP A 1 15 ? 7.438   5.558   4.375   1.00 0.00 ? 15 ASP A HB3  1 
ATOM 256  N N    . ILE A 1 16 ? 4.738   4.424   4.292   1.00 0.00 ? 16 ILE A N    1 
ATOM 257  C CA   . ILE A 1 16 ? 3.371   5.032   4.194   1.00 0.00 ? 16 ILE A CA   1 
ATOM 258  C C    . ILE A 1 16 ? 3.303   6.510   3.651   1.00 0.00 ? 16 ILE A C    1 
ATOM 259  O O    . ILE A 1 16 ? 2.212   6.959   3.295   1.00 0.00 ? 16 ILE A O    1 
ATOM 260  C CB   . ILE A 1 16 ? 2.607   4.789   5.553   1.00 0.00 ? 16 ILE A CB   1 
ATOM 261  C CG1  . ILE A 1 16 ? 1.148   4.267   5.418   1.00 0.00 ? 16 ILE A CG1  1 
ATOM 262  C CG2  . ILE A 1 16 ? 2.734   5.905   6.619   1.00 0.00 ? 16 ILE A CG2  1 
ATOM 263  C CD1  . ILE A 1 16 ? 0.112   5.175   4.737   1.00 0.00 ? 16 ILE A CD1  1 
ATOM 264  H H    . ILE A 1 16 ? 5.196   4.281   5.198   1.00 0.00 ? 16 ILE A H    1 
ATOM 265  H HA   . ILE A 1 16 ? 2.840   4.428   3.432   1.00 0.00 ? 16 ILE A HA   1 
ATOM 266  H HB   . ILE A 1 16 ? 3.099   3.941   6.049   1.00 0.00 ? 16 ILE A HB   1 
ATOM 267  H HG12 . ILE A 1 16 ? 1.167   3.309   4.867   1.00 0.00 ? 16 ILE A HG12 1 
ATOM 268  H HG13 . ILE A 1 16 ? 0.770   3.995   6.421   1.00 0.00 ? 16 ILE A HG13 1 
ATOM 269  H HG21 . ILE A 1 16 ? 3.789   6.202   6.765   1.00 0.00 ? 16 ILE A HG21 1 
ATOM 270  H HG22 . ILE A 1 16 ? 2.174   6.815   6.342   1.00 0.00 ? 16 ILE A HG22 1 
ATOM 271  H HG23 . ILE A 1 16 ? 2.352   5.576   7.604   1.00 0.00 ? 16 ILE A HG23 1 
ATOM 272  H HD11 . ILE A 1 16 ? 0.076   6.180   5.194   1.00 0.00 ? 16 ILE A HD11 1 
ATOM 273  H HD12 . ILE A 1 16 ? 0.327   5.298   3.660   1.00 0.00 ? 16 ILE A HD12 1 
ATOM 274  H HD13 . ILE A 1 16 ? -0.902  4.742   4.815   1.00 0.00 ? 16 ILE A HD13 1 
ATOM 275  N N    . SER A 1 17 ? 4.423   7.260   3.566   1.00 0.00 ? 17 SER A N    1 
ATOM 276  C CA   . SER A 1 17 ? 4.463   8.603   2.925   1.00 0.00 ? 17 SER A CA   1 
ATOM 277  C C    . SER A 1 17 ? 4.289   8.594   1.373   1.00 0.00 ? 17 SER A C    1 
ATOM 278  O O    . SER A 1 17 ? 3.447   9.339   0.865   1.00 0.00 ? 17 SER A O    1 
ATOM 279  C CB   . SER A 1 17 ? 5.728   9.366   3.386   1.00 0.00 ? 17 SER A CB   1 
ATOM 280  O OG   . SER A 1 17 ? 6.935   8.746   2.948   1.00 0.00 ? 17 SER A OG   1 
ATOM 281  H H    . SER A 1 17 ? 5.277   6.793   3.892   1.00 0.00 ? 17 SER A H    1 
ATOM 282  H HA   . SER A 1 17 ? 3.613   9.184   3.337   1.00 0.00 ? 17 SER A HA   1 
ATOM 283  H HB2  . SER A 1 17 ? 5.704   10.407  3.014   1.00 0.00 ? 17 SER A HB2  1 
ATOM 284  H HB3  . SER A 1 17 ? 5.746   9.454   4.488   1.00 0.00 ? 17 SER A HB3  1 
ATOM 285  H HG   . SER A 1 17 ? 6.943   7.874   3.347   1.00 0.00 ? 17 SER A HG   1 
ATOM 286  N N    . LYS A 1 18 ? 5.065   7.771   0.630   1.00 0.00 ? 18 LYS A N    1 
ATOM 287  C CA   . LYS A 1 18 ? 5.066   7.768   -0.860  1.00 0.00 ? 18 LYS A CA   1 
ATOM 288  C C    . LYS A 1 18 ? 4.000   6.774   -1.390  1.00 0.00 ? 18 LYS A C    1 
ATOM 289  O O    . LYS A 1 18 ? 4.204   5.557   -1.342  1.00 0.00 ? 18 LYS A O    1 
ATOM 290  C CB   . LYS A 1 18 ? 6.486   7.413   -1.389  1.00 0.00 ? 18 LYS A CB   1 
ATOM 291  C CG   . LYS A 1 18 ? 7.600   8.450   -1.114  1.00 0.00 ? 18 LYS A CG   1 
ATOM 292  C CD   . LYS A 1 18 ? 7.455   9.758   -1.926  1.00 0.00 ? 18 LYS A CD   1 
ATOM 293  C CE   . LYS A 1 18 ? 8.393   10.897  -1.488  1.00 0.00 ? 18 LYS A CE   1 
ATOM 294  N NZ   . LYS A 1 18 ? 9.783   10.728  -1.948  1.00 0.00 ? 18 LYS A NZ   1 
ATOM 295  H H    . LYS A 1 18 ? 5.706   7.180   1.170   1.00 0.00 ? 18 LYS A H    1 
ATOM 296  H HA   . LYS A 1 18 ? 4.823   8.785   -1.231  1.00 0.00 ? 18 LYS A HA   1 
ATOM 297  H HB2  . LYS A 1 18 ? 6.805   6.439   -0.971  1.00 0.00 ? 18 LYS A HB2  1 
ATOM 298  H HB3  . LYS A 1 18 ? 6.434   7.237   -2.477  1.00 0.00 ? 18 LYS A HB3  1 
ATOM 299  H HG2  . LYS A 1 18 ? 7.633   8.673   -0.030  1.00 0.00 ? 18 LYS A HG2  1 
ATOM 300  H HG3  . LYS A 1 18 ? 8.580   7.989   -1.339  1.00 0.00 ? 18 LYS A HG3  1 
ATOM 301  H HD2  . LYS A 1 18 ? 7.571   9.547   -3.007  1.00 0.00 ? 18 LYS A HD2  1 
ATOM 302  H HD3  . LYS A 1 18 ? 6.422   10.136  -1.821  1.00 0.00 ? 18 LYS A HD3  1 
ATOM 303  H HE2  . LYS A 1 18 ? 8.008   11.851  -1.892  1.00 0.00 ? 18 LYS A HE2  1 
ATOM 304  H HE3  . LYS A 1 18 ? 8.377   11.011  -0.387  1.00 0.00 ? 18 LYS A HE3  1 
ATOM 305  H HZ1  . LYS A 1 18 ? 9.836   10.636  -2.968  1.00 0.00 ? 18 LYS A HZ1  1 
ATOM 306  H HZ2  . LYS A 1 18 ? 10.360  11.537  -1.689  1.00 0.00 ? 18 LYS A HZ2  1 
ATOM 307  H HZ3  . LYS A 1 18 ? 10.223  9.896   -1.541  1.00 0.00 ? 18 LYS A HZ3  1 
ATOM 308  N N    . ILE A 1 19 ? 2.847   7.315   -1.826  1.00 0.00 ? 19 ILE A N    1 
ATOM 309  C CA   . ILE A 1 19 ? 1.611   6.519   -2.071  1.00 0.00 ? 19 ILE A CA   1 
ATOM 310  C C    . ILE A 1 19 ? 0.864   7.202   -3.259  1.00 0.00 ? 19 ILE A C    1 
ATOM 311  O O    . ILE A 1 19 ? 0.428   8.353   -3.143  1.00 0.00 ? 19 ILE A O    1 
ATOM 312  C CB   . ILE A 1 19 ? 0.723   6.413   -0.770  1.00 0.00 ? 19 ILE A CB   1 
ATOM 313  C CG1  . ILE A 1 19 ? 1.403   5.726   0.453   1.00 0.00 ? 19 ILE A CG1  1 
ATOM 314  C CG2  . ILE A 1 19 ? -0.658  5.761   -1.012  1.00 0.00 ? 19 ILE A CG2  1 
ATOM 315  C CD1  . ILE A 1 19 ? 1.777   4.242   0.320   1.00 0.00 ? 19 ILE A CD1  1 
ATOM 316  H H    . ILE A 1 19 ? 2.826   8.340   -1.803  1.00 0.00 ? 19 ILE A H    1 
ATOM 317  H HA   . ILE A 1 19 ? 1.887   5.488   -2.368  1.00 0.00 ? 19 ILE A HA   1 
ATOM 318  H HB   . ILE A 1 19 ? 0.504   7.446   -0.440  1.00 0.00 ? 19 ILE A HB   1 
ATOM 319  H HG12 . ILE A 1 19 ? 2.316   6.288   0.721   1.00 0.00 ? 19 ILE A HG12 1 
ATOM 320  H HG13 . ILE A 1 19 ? 0.758   5.839   1.345   1.00 0.00 ? 19 ILE A HG13 1 
ATOM 321  H HG21 . ILE A 1 19 ? -0.564  4.767   -1.488  1.00 0.00 ? 19 ILE A HG21 1 
ATOM 322  H HG22 . ILE A 1 19 ? -1.228  5.630   -0.074  1.00 0.00 ? 19 ILE A HG22 1 
ATOM 323  H HG23 . ILE A 1 19 ? -1.291  6.381   -1.671  1.00 0.00 ? 19 ILE A HG23 1 
ATOM 324  H HD11 . ILE A 1 19 ? 2.260   4.005   -0.643  1.00 0.00 ? 19 ILE A HD11 1 
ATOM 325  H HD12 . ILE A 1 19 ? 2.483   3.941   1.113   1.00 0.00 ? 19 ILE A HD12 1 
ATOM 326  H HD13 . ILE A 1 19 ? 0.887   3.595   0.413   1.00 0.00 ? 19 ILE A HD13 1 
ATOM 327  N N    . LYS A 1 20 ? 0.646   6.456   -4.362  1.00 0.00 ? 20 LYS A N    1 
ATOM 328  C CA   . LYS A 1 20 ? -0.304  6.866   -5.443  1.00 0.00 ? 20 LYS A CA   1 
ATOM 329  C C    . LYS A 1 20 ? -1.827  6.600   -5.188  1.00 0.00 ? 20 LYS A C    1 
ATOM 330  O O    . LYS A 1 20 ? -2.639  7.262   -5.843  1.00 0.00 ? 20 LYS A O    1 
ATOM 331  C CB   . LYS A 1 20 ? 0.139   6.296   -6.826  1.00 0.00 ? 20 LYS A CB   1 
ATOM 332  C CG   . LYS A 1 20 ? 0.929   7.281   -7.717  1.00 0.00 ? 20 LYS A CG   1 
ATOM 333  C CD   . LYS A 1 20 ? 0.101   8.470   -8.254  1.00 0.00 ? 20 LYS A CD   1 
ATOM 334  C CE   . LYS A 1 20 ? 0.841   9.301   -9.315  1.00 0.00 ? 20 LYS A CE   1 
ATOM 335  N NZ   . LYS A 1 20 ? -0.025  10.373  -9.838  1.00 0.00 ? 20 LYS A NZ   1 
ATOM 336  H H    . LYS A 1 20 ? 1.058   5.517   -4.332  1.00 0.00 ? 20 LYS A H    1 
ATOM 337  H HA   . LYS A 1 20 ? -0.242  7.968   -5.517  1.00 0.00 ? 20 LYS A HA   1 
ATOM 338  H HB2  . LYS A 1 20 ? 0.737   5.374   -6.701  1.00 0.00 ? 20 LYS A HB2  1 
ATOM 339  H HB3  . LYS A 1 20 ? -0.733  5.951   -7.418  1.00 0.00 ? 20 LYS A HB3  1 
ATOM 340  H HG2  . LYS A 1 20 ? 1.818   7.645   -7.175  1.00 0.00 ? 20 LYS A HG2  1 
ATOM 341  H HG3  . LYS A 1 20 ? 1.322   6.717   -8.578  1.00 0.00 ? 20 LYS A HG3  1 
ATOM 342  H HD2  . LYS A 1 20 ? -0.843  8.083   -8.684  1.00 0.00 ? 20 LYS A HD2  1 
ATOM 343  H HD3  . LYS A 1 20 ? -0.198  9.128   -7.416  1.00 0.00 ? 20 LYS A HD3  1 
ATOM 344  H HE2  . LYS A 1 20 ? 1.761   9.749   -8.895  1.00 0.00 ? 20 LYS A HE2  1 
ATOM 345  H HE3  . LYS A 1 20 ? 1.164   8.656   -10.153 1.00 0.00 ? 20 LYS A HE3  1 
ATOM 346  H HZ1  . LYS A 1 20 ? -0.935  10.004  -10.133 1.00 0.00 ? 20 LYS A HZ1  1 
ATOM 347  H HZ2  . LYS A 1 20 ? -0.206  11.093  -9.130  1.00 0.00 ? 20 LYS A HZ2  1 
ATOM 348  H HZ3  . LYS A 1 20 ? 0.395   10.838  -10.652 1.00 0.00 ? 20 LYS A HZ3  1 
ATOM 349  N N    . LYS A 1 21 ? -2.225  5.689   -4.270  1.00 0.00 ? 21 LYS A N    1 
ATOM 350  C CA   . LYS A 1 21 ? -3.625  5.529   -3.779  1.00 0.00 ? 21 LYS A CA   1 
ATOM 351  C C    . LYS A 1 21 ? -4.504  4.710   -4.768  1.00 0.00 ? 21 LYS A C    1 
ATOM 352  O O    . LYS A 1 21 ? -4.924  5.226   -5.809  1.00 0.00 ? 21 LYS A O    1 
ATOM 353  C CB   . LYS A 1 21 ? -4.288  6.857   -3.285  1.00 0.00 ? 21 LYS A CB   1 
ATOM 354  C CG   . LYS A 1 21 ? -5.532  6.752   -2.370  1.00 0.00 ? 21 LYS A CG   1 
ATOM 355  C CD   . LYS A 1 21 ? -6.875  6.473   -3.086  1.00 0.00 ? 21 LYS A CD   1 
ATOM 356  C CE   . LYS A 1 21 ? -8.126  6.523   -2.187  1.00 0.00 ? 21 LYS A CE   1 
ATOM 357  N NZ   . LYS A 1 21 ? -8.442  7.883   -1.708  1.00 0.00 ? 21 LYS A NZ   1 
ATOM 358  H H    . LYS A 1 21 ? -1.446  5.219   -3.795  1.00 0.00 ? 21 LYS A H    1 
ATOM 359  H HA   . LYS A 1 21 ? -3.499  4.934   -2.855  1.00 0.00 ? 21 LYS A HA   1 
ATOM 360  H HB2  . LYS A 1 21 ? -3.527  7.418   -2.707  1.00 0.00 ? 21 LYS A HB2  1 
ATOM 361  H HB3  . LYS A 1 21 ? -4.519  7.519   -4.141  1.00 0.00 ? 21 LYS A HB3  1 
ATOM 362  H HG2  . LYS A 1 21 ? -5.356  5.997   -1.584  1.00 0.00 ? 21 LYS A HG2  1 
ATOM 363  H HG3  . LYS A 1 21 ? -5.621  7.713   -1.827  1.00 0.00 ? 21 LYS A HG3  1 
ATOM 364  H HD2  . LYS A 1 21 ? -7.005  7.167   -3.938  1.00 0.00 ? 21 LYS A HD2  1 
ATOM 365  H HD3  . LYS A 1 21 ? -6.838  5.467   -3.541  1.00 0.00 ? 21 LYS A HD3  1 
ATOM 366  H HE2  . LYS A 1 21 ? -8.993  6.148   -2.760  1.00 0.00 ? 21 LYS A HE2  1 
ATOM 367  H HE3  . LYS A 1 21 ? -8.019  5.838   -1.324  1.00 0.00 ? 21 LYS A HE3  1 
ATOM 368  H HZ1  . LYS A 1 21 ? -8.372  8.572   -2.465  1.00 0.00 ? 21 LYS A HZ1  1 
ATOM 369  H HZ2  . LYS A 1 21 ? -9.392  7.945   -1.327  1.00 0.00 ? 21 LYS A HZ2  1 
ATOM 370  H HZ3  . LYS A 1 21 ? -7.794  8.182   -0.968  1.00 0.00 ? 21 LYS A HZ3  1 
ATOM 371  N N    . VAL A 1 22 ? -4.834  3.461   -4.389  1.00 0.00 ? 22 VAL A N    1 
ATOM 372  C CA   . VAL A 1 22 ? -6.005  2.717   -4.942  1.00 0.00 ? 22 VAL A CA   1 
ATOM 373  C C    . VAL A 1 22 ? -6.781  2.235   -3.674  1.00 0.00 ? 22 VAL A C    1 
ATOM 374  O O    . VAL A 1 22 ? -7.710  2.924   -3.239  1.00 0.00 ? 22 VAL A O    1 
ATOM 375  C CB   . VAL A 1 22 ? -5.609  1.631   -6.010  1.00 0.00 ? 22 VAL A CB   1 
ATOM 376  C CG1  . VAL A 1 22 ? -6.801  0.751   -6.462  1.00 0.00 ? 22 VAL A CG1  1 
ATOM 377  C CG2  . VAL A 1 22 ? -4.966  2.229   -7.284  1.00 0.00 ? 22 VAL A CG2  1 
ATOM 378  H H    . VAL A 1 22 ? -4.379  3.153   -3.522  1.00 0.00 ? 22 VAL A H    1 
ATOM 379  H HA   . VAL A 1 22 ? -6.689  3.427   -5.450  1.00 0.00 ? 22 VAL A HA   1 
ATOM 380  H HB   . VAL A 1 22 ? -4.863  0.955   -5.552  1.00 0.00 ? 22 VAL A HB   1 
ATOM 381  H HG11 . VAL A 1 22 ? -7.254  0.195   -5.620  1.00 0.00 ? 22 VAL A HG11 1 
ATOM 382  H HG12 . VAL A 1 22 ? -7.606  1.350   -6.927  1.00 0.00 ? 22 VAL A HG12 1 
ATOM 383  H HG13 . VAL A 1 22 ? -6.491  -0.012  -7.202  1.00 0.00 ? 22 VAL A HG13 1 
ATOM 384  H HG21 . VAL A 1 22 ? -4.073  2.834   -7.053  1.00 0.00 ? 22 VAL A HG21 1 
ATOM 385  H HG22 . VAL A 1 22 ? -4.637  1.439   -7.986  1.00 0.00 ? 22 VAL A HG22 1 
ATOM 386  H HG23 . VAL A 1 22 ? -5.668  2.884   -7.832  1.00 0.00 ? 22 VAL A HG23 1 
ATOM 387  N N    . TRP A 1 23 ? -6.383  1.094   -3.068  1.00 0.00 ? 23 TRP A N    1 
ATOM 388  C CA   . TRP A 1 23 ? -6.838  0.653   -1.710  1.00 0.00 ? 23 TRP A CA   1 
ATOM 389  C C    . TRP A 1 23 ? -8.373  0.385   -1.516  1.00 0.00 ? 23 TRP A C    1 
ATOM 390  O O    . TRP A 1 23 ? -8.934  0.729   -0.469  1.00 0.00 ? 23 TRP A O    1 
ATOM 391  C CB   . TRP A 1 23 ? -6.258  1.543   -0.560  1.00 0.00 ? 23 TRP A CB   1 
ATOM 392  C CG   . TRP A 1 23 ? -4.782  1.972   -0.589  1.00 0.00 ? 23 TRP A CG   1 
ATOM 393  C CD1  . TRP A 1 23 ? -4.351  3.308   -0.466  1.00 0.00 ? 23 TRP A CD1  1 
ATOM 394  C CD2  . TRP A 1 23 ? -3.623  1.226   -0.742  1.00 0.00 ? 23 TRP A CD2  1 
ATOM 395  N NE1  . TRP A 1 23 ? -2.958  3.421   -0.545  1.00 0.00 ? 23 TRP A NE1  1 
ATOM 396  C CE2  . TRP A 1 23 ? -2.524  2.123   -0.730  1.00 0.00 ? 23 TRP A CE2  1 
ATOM 397  C CE3  . TRP A 1 23 ? -3.413  -0.162  -0.947  1.00 0.00 ? 23 TRP A CE3  1 
ATOM 398  C CZ2  . TRP A 1 23 ? -1.212  1.645   -0.955  1.00 0.00 ? 23 TRP A CZ2  1 
ATOM 399  C CZ3  . TRP A 1 23 ? -2.108  -0.608  -1.159  1.00 0.00 ? 23 TRP A CZ3  1 
ATOM 400  C CH2  . TRP A 1 23 ? -1.030  0.280   -1.174  1.00 0.00 ? 23 TRP A CH2  1 
ATOM 401  H H    . TRP A 1 23 ? -5.591  0.638   -3.531  1.00 0.00 ? 23 TRP A H    1 
ATOM 402  H HA   . TRP A 1 23 ? -6.373  -0.339  -1.572  1.00 0.00 ? 23 TRP A HA   1 
ATOM 403  H HB2  . TRP A 1 23 ? -6.880  2.459   -0.489  1.00 0.00 ? 23 TRP A HB2  1 
ATOM 404  H HB3  . TRP A 1 23 ? -6.428  1.027   0.402   1.00 0.00 ? 23 TRP A HB3  1 
ATOM 405  H HD1  . TRP A 1 23 ? -5.013  4.151   -0.331  1.00 0.00 ? 23 TRP A HD1  1 
ATOM 406  H HE1  . TRP A 1 23 ? -2.391  4.278   -0.534  1.00 0.00 ? 23 TRP A HE1  1 
ATOM 407  H HE3  . TRP A 1 23 ? -4.235  -0.860  -0.973  1.00 0.00 ? 23 TRP A HE3  1 
ATOM 408  H HZ2  . TRP A 1 23 ? -0.370  2.317   -0.991  1.00 0.00 ? 23 TRP A HZ2  1 
ATOM 409  H HZ3  . TRP A 1 23 ? -1.931  -1.652  -1.370  1.00 0.00 ? 23 TRP A HZ3  1 
ATOM 410  H HH2  . TRP A 1 23 ? -0.047  -0.093  -1.403  1.00 0.00 ? 23 TRP A HH2  1 
ATOM 411  N N    . ARG A 1 24 ? -9.060  -0.239  -2.495  1.00 0.00 ? 24 ARG A N    1 
ATOM 412  C CA   . ARG A 1 24 ? -10.517 -0.540  -2.388  1.00 0.00 ? 24 ARG A CA   1 
ATOM 413  C C    . ARG A 1 24 ? -10.838 -1.906  -3.051  1.00 0.00 ? 24 ARG A C    1 
ATOM 414  O O    . ARG A 1 24 ? -11.170 -2.852  -2.333  1.00 0.00 ? 24 ARG A O    1 
ATOM 415  C CB   . ARG A 1 24 ? -11.454 0.598   -2.906  1.00 0.00 ? 24 ARG A CB   1 
ATOM 416  C CG   . ARG A 1 24 ? -11.428 1.937   -2.129  1.00 0.00 ? 24 ARG A CG   1 
ATOM 417  C CD   . ARG A 1 24 ? -12.552 2.936   -2.497  1.00 0.00 ? 24 ARG A CD   1 
ATOM 418  N NE   . ARG A 1 24 ? -13.925 2.511   -2.104  1.00 0.00 ? 24 ARG A NE   1 
ATOM 419  C CZ   . ARG A 1 24 ? -14.417 2.555   -0.850  1.00 0.00 ? 24 ARG A CZ   1 
ATOM 420  N NH1  . ARG A 1 24 ? -13.732 2.996   0.204   1.00 0.00 ? 24 ARG A NH1  1 
ATOM 421  N NH2  . ARG A 1 24 ? -15.653 2.135   -0.656  1.00 0.00 ? 24 ARG A NH2  1 
ATOM 422  H H    . ARG A 1 24 ? -8.504  -0.514  -3.313  1.00 0.00 ? 24 ARG A H    1 
ATOM 423  H HA   . ARG A 1 24 ? -10.777 -0.683  -1.319  1.00 0.00 ? 24 ARG A HA   1 
ATOM 424  H HB2  . ARG A 1 24 ? -11.253 0.800   -3.975  1.00 0.00 ? 24 ARG A HB2  1 
ATOM 425  H HB3  . ARG A 1 24 ? -12.489 0.211   -2.882  1.00 0.00 ? 24 ARG A HB3  1 
ATOM 426  H HG2  . ARG A 1 24 ? -11.451 1.733   -1.042  1.00 0.00 ? 24 ARG A HG2  1 
ATOM 427  H HG3  . ARG A 1 24 ? -10.455 2.429   -2.307  1.00 0.00 ? 24 ARG A HG3  1 
ATOM 428  H HD2  . ARG A 1 24 ? -12.329 3.924   -2.053  1.00 0.00 ? 24 ARG A HD2  1 
ATOM 429  H HD3  . ARG A 1 24 ? -12.543 3.120   -3.587  1.00 0.00 ? 24 ARG A HD3  1 
ATOM 430  H HE   . ARG A 1 24 ? -14.600 2.181   -2.802  1.00 0.00 ? 24 ARG A HE   1 
ATOM 431  H HH11 . ARG A 1 24 ? -12.778 3.325   0.022   1.00 0.00 ? 24 ARG A HH11 1 
ATOM 432  H HH12 . ARG A 1 24 ? -14.220 2.987   1.105   1.00 0.00 ? 24 ARG A HH12 1 
ATOM 433  H HH21 . ARG A 1 24 ? -16.163 1.807   -1.485  1.00 0.00 ? 24 ARG A HH21 1 
ATOM 434  H HH22 . ARG A 1 24 ? -16.005 2.166   0.305   1.00 0.00 ? 24 ARG A HH22 1 
ATOM 435  N N    . VAL A 1 25 ? -10.824 -2.000  -4.402  1.00 0.00 ? 25 VAL A N    1 
ATOM 436  C CA   . VAL A 1 25 ? -11.711 -2.943  -5.140  1.00 0.00 ? 25 VAL A CA   1 
ATOM 437  C C    . VAL A 1 25 ? -11.301 -4.446  -4.998  1.00 0.00 ? 25 VAL A C    1 
ATOM 438  O O    . VAL A 1 25 ? -10.185 -4.847  -5.351  1.00 0.00 ? 25 VAL A O    1 
ATOM 439  C CB   . VAL A 1 25 ? -11.913 -2.456  -6.619  1.00 0.00 ? 25 VAL A CB   1 
ATOM 440  C CG1  . VAL A 1 25 ? -10.667 -2.549  -7.533  1.00 0.00 ? 25 VAL A CG1  1 
ATOM 441  C CG2  . VAL A 1 25 ? -13.123 -3.135  -7.308  1.00 0.00 ? 25 VAL A CG2  1 
ATOM 442  H H    . VAL A 1 25 ? -10.491 -1.147  -4.861  1.00 0.00 ? 25 VAL A H    1 
ATOM 443  H HA   . VAL A 1 25 ? -12.713 -2.806  -4.676  1.00 0.00 ? 25 VAL A HA   1 
ATOM 444  H HB   . VAL A 1 25 ? -12.176 -1.381  -6.572  1.00 0.00 ? 25 VAL A HB   1 
ATOM 445  H HG11 . VAL A 1 25 ? -9.780  -2.083  -7.070  1.00 0.00 ? 25 VAL A HG11 1 
ATOM 446  H HG12 . VAL A 1 25 ? -10.399 -3.595  -7.767  1.00 0.00 ? 25 VAL A HG12 1 
ATOM 447  H HG13 . VAL A 1 25 ? -10.827 -2.032  -8.498  1.00 0.00 ? 25 VAL A HG13 1 
ATOM 448  H HG21 . VAL A 1 25 ? -14.037 -3.054  -6.688  1.00 0.00 ? 25 VAL A HG21 1 
ATOM 449  H HG22 . VAL A 1 25 ? -13.359 -2.667  -8.283  1.00 0.00 ? 25 VAL A HG22 1 
ATOM 450  H HG23 . VAL A 1 25 ? -12.950 -4.213  -7.491  1.00 0.00 ? 25 VAL A HG23 1 
ATOM 451  N N    . GLY A 1 26 ? -12.260 -5.250  -4.509  1.00 0.00 ? 26 GLY A N    1 
ATOM 452  C CA   . GLY A 1 26 ? -12.212 -6.719  -4.633  1.00 0.00 ? 26 GLY A CA   1 
ATOM 453  C C    . GLY A 1 26 ? -11.304 -7.468  -3.639  1.00 0.00 ? 26 GLY A C    1 
ATOM 454  O O    . GLY A 1 26 ? -10.914 -6.964  -2.578  1.00 0.00 ? 26 GLY A O    1 
ATOM 455  H H    . GLY A 1 26 ? -13.125 -4.765  -4.250  1.00 0.00 ? 26 GLY A H    1 
ATOM 456  H HA2  . GLY A 1 26 ? -13.246 -7.095  -4.509  1.00 0.00 ? 26 GLY A HA2  1 
ATOM 457  H HA3  . GLY A 1 26 ? -11.943 -6.974  -5.679  1.00 0.00 ? 26 GLY A HA3  1 
ATOM 458  N N    . LYS A 1 27 ? -10.986 -8.704  -4.040  1.00 0.00 ? 27 LYS A N    1 
ATOM 459  C CA   . LYS A 1 27 ? -10.058 -9.608  -3.301  1.00 0.00 ? 27 LYS A CA   1 
ATOM 460  C C    . LYS A 1 27 ? -8.562  -9.231  -3.543  1.00 0.00 ? 27 LYS A C    1 
ATOM 461  O O    . LYS A 1 27 ? -7.828  -9.026  -2.570  1.00 0.00 ? 27 LYS A O    1 
ATOM 462  C CB   . LYS A 1 27 ? -10.364 -11.088 -3.666  1.00 0.00 ? 27 LYS A CB   1 
ATOM 463  C CG   . LYS A 1 27 ? -11.772 -11.601 -3.266  1.00 0.00 ? 27 LYS A CG   1 
ATOM 464  C CD   . LYS A 1 27 ? -12.102 -13.045 -3.709  1.00 0.00 ? 27 LYS A CD   1 
ATOM 465  C CE   . LYS A 1 27 ? -12.210 -13.303 -5.229  1.00 0.00 ? 27 LYS A CE   1 
ATOM 466  N NZ   . LYS A 1 27 ? -13.322 -12.584 -5.885  1.00 0.00 ? 27 LYS A NZ   1 
ATOM 467  H H    . LYS A 1 27 ? -11.394 -8.978  -4.942  1.00 0.00 ? 27 LYS A H    1 
ATOM 468  H HA   . LYS A 1 27 ? -10.249 -9.507  -2.214  1.00 0.00 ? 27 LYS A HA   1 
ATOM 469  H HB2  . LYS A 1 27 ? -10.213 -11.228 -4.753  1.00 0.00 ? 27 LYS A HB2  1 
ATOM 470  H HB3  . LYS A 1 27 ? -9.611  -11.742 -3.186  1.00 0.00 ? 27 LYS A HB3  1 
ATOM 471  H HG2  . LYS A 1 27 ? -11.875 -11.536 -2.167  1.00 0.00 ? 27 LYS A HG2  1 
ATOM 472  H HG3  . LYS A 1 27 ? -12.553 -10.928 -3.664  1.00 0.00 ? 27 LYS A HG3  1 
ATOM 473  H HD2  . LYS A 1 27 ? -11.338 -13.725 -3.291  1.00 0.00 ? 27 LYS A HD2  1 
ATOM 474  H HD3  . LYS A 1 27 ? -13.047 -13.357 -3.226  1.00 0.00 ? 27 LYS A HD3  1 
ATOM 475  H HE2  . LYS A 1 27 ? -11.263 -13.048 -5.736  1.00 0.00 ? 27 LYS A HE2  1 
ATOM 476  H HE3  . LYS A 1 27 ? -12.348 -14.386 -5.402  1.00 0.00 ? 27 LYS A HE3  1 
ATOM 477  H HZ1  . LYS A 1 27 ? -13.241 -11.568 -5.762  1.00 0.00 ? 27 LYS A HZ1  1 
ATOM 478  H HZ2  . LYS A 1 27 ? -13.340 -12.765 -6.895  1.00 0.00 ? 27 LYS A HZ2  1 
ATOM 479  H HZ3  . LYS A 1 27 ? -14.235 -12.867 -5.509  1.00 0.00 ? 27 LYS A HZ3  1 
ATOM 480  N N    . MET A 1 28 ? -8.129  -9.107  -4.820  1.00 0.00 ? 28 MET A N    1 
ATOM 481  C CA   . MET A 1 28 ? -6.789  -8.582  -5.188  1.00 0.00 ? 28 MET A CA   1 
ATOM 482  C C    . MET A 1 28 ? -6.820  -7.028  -5.149  1.00 0.00 ? 28 MET A C    1 
ATOM 483  O O    . MET A 1 28 ? -7.478  -6.381  -5.972  1.00 0.00 ? 28 MET A O    1 
ATOM 484  C CB   . MET A 1 28 ? -6.382  -9.080  -6.601  1.00 0.00 ? 28 MET A CB   1 
ATOM 485  C CG   . MET A 1 28 ? -6.098  -10.587 -6.714  1.00 0.00 ? 28 MET A CG   1 
ATOM 486  S SD   . MET A 1 28 ? -5.639  -10.968 -8.418  1.00 0.00 ? 28 MET A SD   1 
ATOM 487  C CE   . MET A 1 28 ? -5.689  -12.768 -8.373  1.00 0.00 ? 28 MET A CE   1 
ATOM 488  H H    . MET A 1 28 ? -8.848  -9.294  -5.527  1.00 0.00 ? 28 MET A H    1 
ATOM 489  H HA   . MET A 1 28 ? -6.032  -8.971  -4.475  1.00 0.00 ? 28 MET A HA   1 
ATOM 490  H HB2  . MET A 1 28 ? -7.156  -8.808  -7.344  1.00 0.00 ? 28 MET A HB2  1 
ATOM 491  H HB3  . MET A 1 28 ? -5.470  -8.546  -6.927  1.00 0.00 ? 28 MET A HB3  1 
ATOM 492  H HG2  . MET A 1 28 ? -5.280  -10.889 -6.034  1.00 0.00 ? 28 MET A HG2  1 
ATOM 493  H HG3  . MET A 1 28 ? -6.990  -11.175 -6.429  1.00 0.00 ? 28 MET A HG3  1 
ATOM 494  H HE1  . MET A 1 28 ? -5.042  -13.160 -7.570  1.00 0.00 ? 28 MET A HE1  1 
ATOM 495  H HE2  . MET A 1 28 ? -6.718  -13.127 -8.195  1.00 0.00 ? 28 MET A HE2  1 
ATOM 496  H HE3  . MET A 1 28 ? -5.343  -13.185 -9.334  1.00 0.00 ? 28 MET A HE3  1 
ATOM 497  N N    . ILE A 1 29 ? -6.112  -6.457  -4.160  1.00 0.00 ? 29 ILE A N    1 
ATOM 498  C CA   . ILE A 1 29 ? -6.096  -4.990  -3.911  1.00 0.00 ? 29 ILE A CA   1 
ATOM 499  C C    . ILE A 1 29 ? -4.712  -4.498  -4.434  1.00 0.00 ? 29 ILE A C    1 
ATOM 500  O O    . ILE A 1 29 ? -3.656  -4.852  -3.893  1.00 0.00 ? 29 ILE A O    1 
ATOM 501  C CB   . ILE A 1 29 ? -6.410  -4.665  -2.406  1.00 0.00 ? 29 ILE A CB   1 
ATOM 502  C CG1  . ILE A 1 29 ? -7.839  -5.135  -1.985  1.00 0.00 ? 29 ILE A CG1  1 
ATOM 503  C CG2  . ILE A 1 29 ? -6.245  -3.154  -2.100  1.00 0.00 ? 29 ILE A CG2  1 
ATOM 504  C CD1  . ILE A 1 29 ? -8.105  -5.189  -0.475  1.00 0.00 ? 29 ILE A CD1  1 
ATOM 505  H H    . ILE A 1 29 ? -5.605  -7.115  -3.559  1.00 0.00 ? 29 ILE A H    1 
ATOM 506  H HA   . ILE A 1 29 ? -6.907  -4.497  -4.490  1.00 0.00 ? 29 ILE A HA   1 
ATOM 507  H HB   . ILE A 1 29 ? -5.678  -5.210  -1.784  1.00 0.00 ? 29 ILE A HB   1 
ATOM 508  H HG12 . ILE A 1 29 ? -8.609  -4.510  -2.477  1.00 0.00 ? 29 ILE A HG12 1 
ATOM 509  H HG13 . ILE A 1 29 ? -8.030  -6.156  -2.363  1.00 0.00 ? 29 ILE A HG13 1 
ATOM 510  H HG21 . ILE A 1 29 ? -6.884  -2.534  -2.753  1.00 0.00 ? 29 ILE A HG21 1 
ATOM 511  H HG22 . ILE A 1 29 ? -6.499  -2.897  -1.056  1.00 0.00 ? 29 ILE A HG22 1 
ATOM 512  H HG23 . ILE A 1 29 ? -5.202  -2.817  -2.248  1.00 0.00 ? 29 ILE A HG23 1 
ATOM 513  H HD11 . ILE A 1 29 ? -7.362  -5.821  0.046   1.00 0.00 ? 29 ILE A HD11 1 
ATOM 514  H HD12 . ILE A 1 29 ? -8.079  -4.186  -0.013  1.00 0.00 ? 29 ILE A HD12 1 
ATOM 515  H HD13 . ILE A 1 29 ? -9.103  -5.619  -0.272  1.00 0.00 ? 29 ILE A HD13 1 
ATOM 516  N N    . SER A 1 30 ? -4.756  -3.679  -5.502  1.00 0.00 ? 30 SER A N    1 
ATOM 517  C CA   . SER A 1 30 ? -3.547  -3.214  -6.228  1.00 0.00 ? 30 SER A CA   1 
ATOM 518  C C    . SER A 1 30 ? -2.702  -2.220  -5.385  1.00 0.00 ? 30 SER A C    1 
ATOM 519  O O    . SER A 1 30 ? -3.203  -1.179  -4.943  1.00 0.00 ? 30 SER A O    1 
ATOM 520  C CB   . SER A 1 30 ? -4.000  -2.577  -7.563  1.00 0.00 ? 30 SER A CB   1 
ATOM 521  O OG   . SER A 1 30 ? -2.880  -2.273  -8.388  1.00 0.00 ? 30 SER A OG   1 
ATOM 522  H H    . SER A 1 30 ? -5.704  -3.497  -5.855  1.00 0.00 ? 30 SER A H    1 
ATOM 523  H HA   . SER A 1 30 ? -2.950  -4.111  -6.494  1.00 0.00 ? 30 SER A HA   1 
ATOM 524  H HB2  . SER A 1 30 ? -4.665  -3.261  -8.122  1.00 0.00 ? 30 SER A HB2  1 
ATOM 525  H HB3  . SER A 1 30 ? -4.589  -1.655  -7.390  1.00 0.00 ? 30 SER A HB3  1 
ATOM 526  H HG   . SER A 1 30 ? -2.327  -1.675  -7.880  1.00 0.00 ? 30 SER A HG   1 
ATOM 527  N N    . ALA A 1 31 ? -1.419  -2.571  -5.172  1.00 0.00 ? 31 ALA A N    1 
ATOM 528  C CA   . ALA A 1 31 ? -0.477  -1.728  -4.401  1.00 0.00 ? 31 ALA A CA   1 
ATOM 529  C C    . ALA A 1 31 ? 0.246   -0.736  -5.339  1.00 0.00 ? 31 ALA A C    1 
ATOM 530  O O    . ALA A 1 31 ? 0.945   -1.139  -6.274  1.00 0.00 ? 31 ALA A O    1 
ATOM 531  C CB   . ALA A 1 31 ? 0.527   -2.602  -3.633  1.00 0.00 ? 31 ALA A CB   1 
ATOM 532  H H    . ALA A 1 31 ? -1.124  -3.440  -5.630  1.00 0.00 ? 31 ALA A H    1 
ATOM 533  H HA   . ALA A 1 31 ? -1.046  -1.180  -3.628  1.00 0.00 ? 31 ALA A HA   1 
ATOM 534  H HB1  . ALA A 1 31 ? 0.029   -3.346  -2.983  1.00 0.00 ? 31 ALA A HB1  1 
ATOM 535  H HB2  . ALA A 1 31 ? 1.215   -3.145  -4.302  1.00 0.00 ? 31 ALA A HB2  1 
ATOM 536  H HB3  . ALA A 1 31 ? 1.156   -1.974  -2.979  1.00 0.00 ? 31 ALA A HB3  1 
ATOM 537  N N    . THR A 1 32 ? 0.029   0.564   -5.085  1.00 0.00 ? 32 THR A N    1 
ATOM 538  C CA   . THR A 1 32 ? 0.519   1.658   -5.966  1.00 0.00 ? 32 THR A CA   1 
ATOM 539  C C    . THR A 1 32 ? 1.306   2.664   -5.083  1.00 0.00 ? 32 THR A C    1 
ATOM 540  O O    . THR A 1 32 ? 0.759   3.239   -4.133  1.00 0.00 ? 32 THR A O    1 
ATOM 541  C CB   . THR A 1 32 ? -0.640  2.340   -6.756  1.00 0.00 ? 32 THR A CB   1 
ATOM 542  O OG1  . THR A 1 32 ? -1.631  2.865   -5.875  1.00 0.00 ? 32 THR A OG1  1 
ATOM 543  C CG2  . THR A 1 32 ? -1.328  1.422   -7.783  1.00 0.00 ? 32 THR A CG2  1 
ATOM 544  H H    . THR A 1 32 ? -0.582  0.750   -4.283  1.00 0.00 ? 32 THR A H    1 
ATOM 545  H HA   . THR A 1 32 ? 1.209   1.245   -6.731  1.00 0.00 ? 32 THR A HA   1 
ATOM 546  H HB   . THR A 1 32 ? -0.211  3.185   -7.327  1.00 0.00 ? 32 THR A HB   1 
ATOM 547  H HG1  . THR A 1 32 ? -1.167  3.451   -5.274  1.00 0.00 ? 32 THR A HG1  1 
ATOM 548  H HG21 . THR A 1 32 ? -0.603  1.003   -8.506  1.00 0.00 ? 32 THR A HG21 1 
ATOM 549  H HG22 . THR A 1 32 ? -1.843  0.570   -7.299  1.00 0.00 ? 32 THR A HG22 1 
ATOM 550  H HG23 . THR A 1 32 ? -2.089  1.973   -8.366  1.00 0.00 ? 32 THR A HG23 1 
ATOM 551  N N    . TYR A 1 33 ? 2.593   2.862   -5.420  1.00 0.00 ? 33 TYR A N    1 
ATOM 552  C CA   . TYR A 1 33 ? 3.482   3.831   -4.724  1.00 0.00 ? 33 TYR A CA   1 
ATOM 553  C C    . TYR A 1 33 ? 4.205   4.731   -5.762  1.00 0.00 ? 33 TYR A C    1 
ATOM 554  O O    . TYR A 1 33 ? 4.707   4.243   -6.781  1.00 0.00 ? 33 TYR A O    1 
ATOM 555  C CB   . TYR A 1 33 ? 4.457   3.134   -3.730  1.00 0.00 ? 33 TYR A CB   1 
ATOM 556  C CG   . TYR A 1 33 ? 5.531   2.170   -4.275  1.00 0.00 ? 33 TYR A CG   1 
ATOM 557  C CD1  . TYR A 1 33 ? 6.780   2.660   -4.675  1.00 0.00 ? 33 TYR A CD1  1 
ATOM 558  C CD2  . TYR A 1 33 ? 5.299   0.789   -4.296  1.00 0.00 ? 33 TYR A CD2  1 
ATOM 559  C CE1  . TYR A 1 33 ? 7.784   1.782   -5.076  1.00 0.00 ? 33 TYR A CE1  1 
ATOM 560  C CE2  . TYR A 1 33 ? 6.308   -0.087  -4.686  1.00 0.00 ? 33 TYR A CE2  1 
ATOM 561  C CZ   . TYR A 1 33 ? 7.553   0.409   -5.068  1.00 0.00 ? 33 TYR A CZ   1 
ATOM 562  O OH   . TYR A 1 33 ? 8.552   -0.455  -5.436  1.00 0.00 ? 33 TYR A OH   1 
ATOM 563  H H    . TYR A 1 33 ? 2.913   2.313   -6.227  1.00 0.00 ? 33 TYR A H    1 
ATOM 564  H HA   . TYR A 1 33 ? 2.858   4.492   -4.095  1.00 0.00 ? 33 TYR A HA   1 
ATOM 565  H HB2  . TYR A 1 33 ? 4.969   3.924   -3.149  1.00 0.00 ? 33 TYR A HB2  1 
ATOM 566  H HB3  . TYR A 1 33 ? 3.855   2.614   -2.959  1.00 0.00 ? 33 TYR A HB3  1 
ATOM 567  H HD1  . TYR A 1 33 ? 6.980   3.723   -4.672  1.00 0.00 ? 33 TYR A HD1  1 
ATOM 568  H HD2  . TYR A 1 33 ? 4.343   0.390   -3.991  1.00 0.00 ? 33 TYR A HD2  1 
ATOM 569  H HE1  . TYR A 1 33 ? 8.746   2.173   -5.381  1.00 0.00 ? 33 TYR A HE1  1 
ATOM 570  H HE2  . TYR A 1 33 ? 6.125   -1.152  -4.679  1.00 0.00 ? 33 TYR A HE2  1 
ATOM 571  H HH   . TYR A 1 33 ? 8.244   -1.357  -5.328  1.00 0.00 ? 33 TYR A HH   1 
ATOM 572  N N    . ASP A 1 34 ? 4.307   6.042   -5.458  1.00 0.00 ? 34 ASP A N    1 
ATOM 573  C CA   . ASP A 1 34 ? 5.069   7.001   -6.300  1.00 0.00 ? 34 ASP A CA   1 
ATOM 574  C C    . ASP A 1 34 ? 6.589   6.859   -6.009  1.00 0.00 ? 34 ASP A C    1 
ATOM 575  O O    . ASP A 1 34 ? 7.059   7.193   -4.917  1.00 0.00 ? 34 ASP A O    1 
ATOM 576  C CB   . ASP A 1 34 ? 4.568   8.454   -6.073  1.00 0.00 ? 34 ASP A CB   1 
ATOM 577  C CG   . ASP A 1 34 ? 5.015   9.427   -7.175  1.00 0.00 ? 34 ASP A CG   1 
ATOM 578  O OD1  . ASP A 1 34 ? 4.370   9.469   -8.245  1.00 0.00 ? 34 ASP A OD1  1 
ATOM 579  O OD2  . ASP A 1 34 ? 6.027   10.140  -6.981  1.00 0.00 ? 34 ASP A OD2  1 
ATOM 580  H H    . ASP A 1 34 ? 3.855   6.321   -4.581  1.00 0.00 ? 34 ASP A H    1 
ATOM 581  H HA   . ASP A 1 34 ? 4.850   6.756   -7.362  1.00 0.00 ? 34 ASP A HA   1 
ATOM 582  H HB2  . ASP A 1 34 ? 3.464   8.484   -6.024  1.00 0.00 ? 34 ASP A HB2  1 
ATOM 583  H HB3  . ASP A 1 34 ? 4.894   8.834   -5.084  1.00 0.00 ? 34 ASP A HB3  1 
ATOM 584  N N    . GLU A 1 35 ? 7.341   6.359   -7.005  1.00 0.00 ? 35 GLU A N    1 
ATOM 585  C CA   . GLU A 1 35 ? 8.804   6.125   -6.871  1.00 0.00 ? 35 GLU A CA   1 
ATOM 586  C C    . GLU A 1 35 ? 9.626   7.444   -7.019  1.00 0.00 ? 35 GLU A C    1 
ATOM 587  O O    . GLU A 1 35 ? 10.311  7.824   -6.065  1.00 0.00 ? 35 GLU A O    1 
ATOM 588  C CB   . GLU A 1 35 ? 9.211   4.965   -7.822  1.00 0.00 ? 35 GLU A CB   1 
ATOM 589  C CG   . GLU A 1 35 ? 10.591  4.323   -7.561  1.00 0.00 ? 35 GLU A CG   1 
ATOM 590  C CD   . GLU A 1 35 ? 11.773  5.102   -8.151  1.00 0.00 ? 35 GLU A CD   1 
ATOM 591  O OE1  . GLU A 1 35 ? 12.038  5.115   -9.353  1.00 0.00 ? 35 GLU A OE1  1 
ATOM 592  O OE2  . GLU A 1 35 ? 12.487  5.780   -7.195  1.00 0.00 ? 35 GLU A OE2  1 
ATOM 593  H H    . GLU A 1 35 ? 6.822   6.111   -7.856  1.00 0.00 ? 35 GLU A H    1 
ATOM 594  H HA   . GLU A 1 35 ? 8.986   5.738   -5.848  1.00 0.00 ? 35 GLU A HA   1 
ATOM 595  H HB2  . GLU A 1 35 ? 8.469   4.147   -7.719  1.00 0.00 ? 35 GLU A HB2  1 
ATOM 596  H HB3  . GLU A 1 35 ? 9.133   5.283   -8.880  1.00 0.00 ? 35 GLU A HB3  1 
ATOM 597  H HG2  . GLU A 1 35 ? 10.735  4.148   -6.479  1.00 0.00 ? 35 GLU A HG2  1 
ATOM 598  H HG3  . GLU A 1 35 ? 10.600  3.315   -8.012  1.00 0.00 ? 35 GLU A HG3  1 
ATOM 599  H HE2  . GLU A 1 35 ? 12.127  5.651   -6.314  1.00 0.00 ? 35 GLU A HE2  1 
ATOM 600  N N    . GLY A 1 36 ? 9.553   8.122   -8.182  1.00 0.00 ? 36 GLY A N    1 
ATOM 601  C CA   . GLY A 1 36 ? 10.220  9.426   -8.401  1.00 0.00 ? 36 GLY A CA   1 
ATOM 602  C C    . GLY A 1 36 ? 9.285   10.394  -9.146  1.00 0.00 ? 36 GLY A C    1 
ATOM 603  O O    . GLY A 1 36 ? 8.561   11.161  -8.506  1.00 0.00 ? 36 GLY A O    1 
ATOM 604  H H    . GLY A 1 36 ? 8.955   7.692   -8.895  1.00 0.00 ? 36 GLY A H    1 
ATOM 605  H HA2  . GLY A 1 36 ? 10.529  9.898   -7.448  1.00 0.00 ? 36 GLY A HA2  1 
ATOM 606  H HA3  . GLY A 1 36 ? 11.160  9.271   -8.964  1.00 0.00 ? 36 GLY A HA3  1 
ATOM 607  N N    . GLY A 1 37 ? 9.310   10.345  -10.490 1.00 0.00 ? 37 GLY A N    1 
ATOM 608  C CA   . GLY A 1 37 ? 8.445   11.195  -11.342 1.00 0.00 ? 37 GLY A CA   1 
ATOM 609  C C    . GLY A 1 37 ? 7.050   10.576  -11.552 1.00 0.00 ? 37 GLY A C    1 
ATOM 610  O O    . GLY A 1 37 ? 6.122   10.873  -10.792 1.00 0.00 ? 37 GLY A O    1 
ATOM 611  H H    . GLY A 1 37 ? 9.927   9.626   -10.885 1.00 0.00 ? 37 GLY A H    1 
ATOM 612  H HA2  . GLY A 1 37 ? 8.345   12.211  -10.913 1.00 0.00 ? 37 GLY A HA2  1 
ATOM 613  H HA3  . GLY A 1 37 ? 8.953   11.353  -12.313 1.00 0.00 ? 37 GLY A HA3  1 
ATOM 614  N N    . GLY A 1 38 ? 6.936   9.704   -12.566 1.00 0.00 ? 38 GLY A N    1 
ATOM 615  C CA   . GLY A 1 38 ? 5.735   8.864   -12.766 1.00 0.00 ? 38 GLY A CA   1 
ATOM 616  C C    . GLY A 1 38 ? 6.116   7.446   -13.229 1.00 0.00 ? 38 GLY A C    1 
ATOM 617  O O    . GLY A 1 38 ? 5.942   7.112   -14.405 1.00 0.00 ? 38 GLY A O    1 
ATOM 618  H H    . GLY A 1 38 ? 7.803   9.546   -13.094 1.00 0.00 ? 38 GLY A H    1 
ATOM 619  H HA2  . GLY A 1 38 ? 5.114   8.799   -11.850 1.00 0.00 ? 38 GLY A HA2  1 
ATOM 620  H HA3  . GLY A 1 38 ? 5.087   9.342   -13.524 1.00 0.00 ? 38 GLY A HA3  1 
ATOM 621  N N    . LYS A 1 39 ? 6.617   6.624   -12.289 1.00 0.00 ? 39 LYS A N    1 
ATOM 622  C CA   . LYS A 1 39 ? 6.923   5.188   -12.530 1.00 0.00 ? 39 LYS A CA   1 
ATOM 623  C C    . LYS A 1 39 ? 6.436   4.446   -11.260 1.00 0.00 ? 39 LYS A C    1 
ATOM 624  O O    . LYS A 1 39 ? 7.087   4.491   -10.210 1.00 0.00 ? 39 LYS A O    1 
ATOM 625  C CB   . LYS A 1 39 ? 8.430   4.927   -12.813 1.00 0.00 ? 39 LYS A CB   1 
ATOM 626  C CG   . LYS A 1 39 ? 8.926   5.411   -14.195 1.00 0.00 ? 39 LYS A CG   1 
ATOM 627  C CD   . LYS A 1 39 ? 10.414  5.101   -14.450 1.00 0.00 ? 39 LYS A CD   1 
ATOM 628  C CE   . LYS A 1 39 ? 10.882  5.558   -15.846 1.00 0.00 ? 39 LYS A CE   1 
ATOM 629  N NZ   . LYS A 1 39 ? 12.324  5.331   -16.035 1.00 0.00 ? 39 LYS A NZ   1 
ATOM 630  H H    . LYS A 1 39 ? 6.688   7.040   -11.353 1.00 0.00 ? 39 LYS A H    1 
ATOM 631  H HA   . LYS A 1 39 ? 6.352   4.813   -13.405 1.00 0.00 ? 39 LYS A HA   1 
ATOM 632  H HB2  . LYS A 1 39 ? 9.053   5.369   -12.010 1.00 0.00 ? 39 LYS A HB2  1 
ATOM 633  H HB3  . LYS A 1 39 ? 8.619   3.838   -12.751 1.00 0.00 ? 39 LYS A HB3  1 
ATOM 634  H HG2  . LYS A 1 39 ? 8.312   4.942   -14.987 1.00 0.00 ? 39 LYS A HG2  1 
ATOM 635  H HG3  . LYS A 1 39 ? 8.763   6.501   -14.289 1.00 0.00 ? 39 LYS A HG3  1 
ATOM 636  H HD2  . LYS A 1 39 ? 11.023  5.595   -13.670 1.00 0.00 ? 39 LYS A HD2  1 
ATOM 637  H HD3  . LYS A 1 39 ? 10.591  4.015   -14.334 1.00 0.00 ? 39 LYS A HD3  1 
ATOM 638  H HE2  . LYS A 1 39 ? 10.324  5.023   -16.638 1.00 0.00 ? 39 LYS A HE2  1 
ATOM 639  H HE3  . LYS A 1 39 ? 10.675  6.635   -15.988 1.00 0.00 ? 39 LYS A HE3  1 
ATOM 640  H HZ1  . LYS A 1 39 ? 12.871  5.797   -15.304 1.00 0.00 ? 39 LYS A HZ1  1 
ATOM 641  H HZ2  . LYS A 1 39 ? 12.560  4.333   -16.008 1.00 0.00 ? 39 LYS A HZ2  1 
ATOM 642  H HZ3  . LYS A 1 39 ? 12.649  5.697   -16.937 1.00 0.00 ? 39 LYS A HZ3  1 
ATOM 643  N N    . THR A 1 40 ? 5.261   3.796   -11.352 1.00 0.00 ? 40 THR A N    1 
ATOM 644  C CA   . THR A 1 40 ? 4.575   3.192   -10.176 1.00 0.00 ? 40 THR A CA   1 
ATOM 645  C C    . THR A 1 40 ? 4.948   1.694   -10.029 1.00 0.00 ? 40 THR A C    1 
ATOM 646  O O    . THR A 1 40 ? 4.925   0.930   -11.002 1.00 0.00 ? 40 THR A O    1 
ATOM 647  C CB   . THR A 1 40 ? 3.032   3.383   -10.231 1.00 0.00 ? 40 THR A CB   1 
ATOM 648  O OG1  . THR A 1 40 ? 2.477   2.822   -11.419 1.00 0.00 ? 40 THR A OG1  1 
ATOM 649  C CG2  . THR A 1 40 ? 2.586   4.849   -10.118 1.00 0.00 ? 40 THR A CG2  1 
ATOM 650  H H    . THR A 1 40 ? 4.816   3.831   -12.275 1.00 0.00 ? 40 THR A H    1 
ATOM 651  H HA   . THR A 1 40 ? 4.907   3.733   -9.266  1.00 0.00 ? 40 THR A HA   1 
ATOM 652  H HB   . THR A 1 40 ? 2.583   2.853   -9.367  1.00 0.00 ? 40 THR A HB   1 
ATOM 653  H HG1  . THR A 1 40 ? 2.922   3.256   -12.150 1.00 0.00 ? 40 THR A HG1  1 
ATOM 654  H HG21 . THR A 1 40 ? 2.991   5.316   -9.200  1.00 0.00 ? 40 THR A HG21 1 
ATOM 655  H HG22 . THR A 1 40 ? 2.928   5.458   -10.975 1.00 0.00 ? 40 THR A HG22 1 
ATOM 656  H HG23 . THR A 1 40 ? 1.484   4.930   -10.075 1.00 0.00 ? 40 THR A HG23 1 
ATOM 657  N N    . GLY A 1 41 ? 5.262   1.287   -8.788  1.00 0.00 ? 41 GLY A N    1 
ATOM 658  C CA   . GLY A 1 41 ? 5.604   -0.115  -8.473  1.00 0.00 ? 41 GLY A CA   1 
ATOM 659  C C    . GLY A 1 41 ? 4.357   -0.943  -8.115  1.00 0.00 ? 41 GLY A C    1 
ATOM 660  O O    . GLY A 1 41 ? 3.798   -0.784  -7.025  1.00 0.00 ? 41 GLY A O    1 
ATOM 661  H H    . GLY A 1 41 ? 5.211   2.014   -8.066  1.00 0.00 ? 41 GLY A H    1 
ATOM 662  H HA2  . GLY A 1 41 ? 6.194   -0.575  -9.292  1.00 0.00 ? 41 GLY A HA2  1 
ATOM 663  H HA3  . GLY A 1 41 ? 6.290   -0.115  -7.609  1.00 0.00 ? 41 GLY A HA3  1 
ATOM 664  N N    . ARG A 1 42 ? 3.950   -1.834  -9.039  1.00 0.00 ? 42 ARG A N    1 
ATOM 665  C CA   . ARG A 1 42 ? 2.776   -2.730  -8.844  1.00 0.00 ? 42 ARG A CA   1 
ATOM 666  C C    . ARG A 1 42 ? 3.081   -3.857  -7.808  1.00 0.00 ? 42 ARG A C    1 
ATOM 667  O O    . ARG A 1 42 ? 4.169   -4.445  -7.812  1.00 0.00 ? 42 ARG A O    1 
ATOM 668  C CB   . ARG A 1 42 ? 2.342   -3.387  -10.184 1.00 0.00 ? 42 ARG A CB   1 
ATOM 669  C CG   . ARG A 1 42 ? 1.821   -2.443  -11.293 1.00 0.00 ? 42 ARG A CG   1 
ATOM 670  C CD   . ARG A 1 42 ? 1.413   -3.229  -12.554 1.00 0.00 ? 42 ARG A CD   1 
ATOM 671  N NE   . ARG A 1 42 ? 0.941   -2.345  -13.647 1.00 0.00 ? 42 ARG A NE   1 
ATOM 672  C CZ   . ARG A 1 42 ? 0.503   -2.792  -14.844 1.00 0.00 ? 42 ARG A CZ   1 
ATOM 673  N NH1  . ARG A 1 42 ? 0.438   -4.082  -15.176 1.00 0.00 ? 42 ARG A NH1  1 
ATOM 674  N NH2  . ARG A 1 42 ? 0.118   -1.903  -15.743 1.00 0.00 ? 42 ARG A NH2  1 
ATOM 675  H H    . ARG A 1 42 ? 4.508   -1.850  -9.900  1.00 0.00 ? 42 ARG A H    1 
ATOM 676  H HA   . ARG A 1 42 ? 1.926   -2.111  -8.493  1.00 0.00 ? 42 ARG A HA   1 
ATOM 677  H HB2  . ARG A 1 42 ? 3.171   -4.001  -10.585 1.00 0.00 ? 42 ARG A HB2  1 
ATOM 678  H HB3  . ARG A 1 42 ? 1.532   -4.112  -9.968  1.00 0.00 ? 42 ARG A HB3  1 
ATOM 679  H HG2  . ARG A 1 42 ? 0.960   -1.860  -10.913 1.00 0.00 ? 42 ARG A HG2  1 
ATOM 680  H HG3  . ARG A 1 42 ? 2.600   -1.699  -11.547 1.00 0.00 ? 42 ARG A HG3  1 
ATOM 681  H HD2  . ARG A 1 42 ? 2.272   -3.829  -12.913 1.00 0.00 ? 42 ARG A HD2  1 
ATOM 682  H HD3  . ARG A 1 42 ? 0.617   -3.955  -12.296 1.00 0.00 ? 42 ARG A HD3  1 
ATOM 683  H HE   . ARG A 1 42 ? 0.928   -1.324  -13.548 1.00 0.00 ? 42 ARG A HE   1 
ATOM 684  H HH11 . ARG A 1 42 ? 0.755   -4.758  -14.473 1.00 0.00 ? 42 ARG A HH11 1 
ATOM 685  H HH12 . ARG A 1 42 ? 0.071   -4.297  -16.110 1.00 0.00 ? 42 ARG A HH12 1 
ATOM 686  H HH21 . ARG A 1 42 ? 0.183   -0.914  -15.474 1.00 0.00 ? 42 ARG A HH21 1 
ATOM 687  H HH22 . ARG A 1 42 ? -0.191  -2.272  -16.649 1.00 0.00 ? 42 ARG A HH22 1 
ATOM 688  N N    . GLY A 1 43 ? 2.094   -4.157  -6.948  1.00 0.00 ? 43 GLY A N    1 
ATOM 689  C CA   . GLY A 1 43 ? 2.215   -5.251  -5.958  1.00 0.00 ? 43 GLY A CA   1 
ATOM 690  C C    . GLY A 1 43 ? 0.860   -5.765  -5.430  1.00 0.00 ? 43 GLY A C    1 
ATOM 691  O O    . GLY A 1 43 ? -0.196  -5.577  -6.048  1.00 0.00 ? 43 GLY A O    1 
ATOM 692  H H    . GLY A 1 43 ? 1.241   -3.596  -7.052  1.00 0.00 ? 43 GLY A H    1 
ATOM 693  H HA2  . GLY A 1 43 ? 2.760   -6.110  -6.398  1.00 0.00 ? 43 GLY A HA2  1 
ATOM 694  H HA3  . GLY A 1 43 ? 2.846   -4.894  -5.120  1.00 0.00 ? 43 GLY A HA3  1 
ATOM 695  N N    . ALA A 1 44 ? 0.931   -6.460  -4.281  1.00 0.00 ? 44 ALA A N    1 
ATOM 696  C CA   . ALA A 1 44 ? -0.229  -7.180  -3.698  1.00 0.00 ? 44 ALA A CA   1 
ATOM 697  C C    . ALA A 1 44 ? -0.236  -7.066  -2.151  1.00 0.00 ? 44 ALA A C    1 
ATOM 698  O O    . ALA A 1 44 ? 0.755   -7.381  -1.480  1.00 0.00 ? 44 ALA A O    1 
ATOM 699  C CB   . ALA A 1 44 ? -0.174  -8.658  -4.137  1.00 0.00 ? 44 ALA A CB   1 
ATOM 700  H H    . ALA A 1 44 ? 1.879   -6.568  -3.901  1.00 0.00 ? 44 ALA A H    1 
ATOM 701  H HA   . ALA A 1 44 ? -1.173  -6.759  -4.102  1.00 0.00 ? 44 ALA A HA   1 
ATOM 702  H HB1  . ALA A 1 44 ? 0.762   -9.151  -3.817  1.00 0.00 ? 44 ALA A HB1  1 
ATOM 703  H HB2  . ALA A 1 44 ? -1.015  -9.242  -3.719  1.00 0.00 ? 44 ALA A HB2  1 
ATOM 704  H HB3  . ALA A 1 44 ? -0.232  -8.758  -5.237  1.00 0.00 ? 44 ALA A HB3  1 
ATOM 705  N N    . VAL A 1 45 ? -1.393  -6.653  -1.598  1.00 0.00 ? 45 VAL A N    1 
ATOM 706  C CA   . VAL A 1 45 ? -1.657  -6.677  -0.133  1.00 0.00 ? 45 VAL A CA   1 
ATOM 707  C C    . VAL A 1 45 ? -3.146  -7.097  0.042   1.00 0.00 ? 45 VAL A C    1 
ATOM 708  O O    . VAL A 1 45 ? -4.064  -6.302  -0.184  1.00 0.00 ? 45 VAL A O    1 
ATOM 709  C CB   . VAL A 1 45 ? -1.223  -5.352  0.587   1.00 0.00 ? 45 VAL A CB   1 
ATOM 710  C CG1  . VAL A 1 45 ? -1.959  -4.062  0.166   1.00 0.00 ? 45 VAL A CG1  1 
ATOM 711  C CG2  . VAL A 1 45 ? -1.256  -5.481  2.123   1.00 0.00 ? 45 VAL A CG2  1 
ATOM 712  H H    . VAL A 1 45 ? -2.137  -6.446  -2.273  1.00 0.00 ? 45 VAL A H    1 
ATOM 713  H HA   . VAL A 1 45 ? -1.021  -7.474  0.310   1.00 0.00 ? 45 VAL A HA   1 
ATOM 714  H HB   . VAL A 1 45 ? -0.162  -5.195  0.326   1.00 0.00 ? 45 VAL A HB   1 
ATOM 715  H HG11 . VAL A 1 45 ? -1.943  -3.927  -0.930  1.00 0.00 ? 45 VAL A HG11 1 
ATOM 716  H HG12 . VAL A 1 45 ? -3.017  -4.054  0.486   1.00 0.00 ? 45 VAL A HG12 1 
ATOM 717  H HG13 . VAL A 1 45 ? -1.484  -3.164  0.607   1.00 0.00 ? 45 VAL A HG13 1 
ATOM 718  H HG21 . VAL A 1 45 ? -0.651  -6.339  2.465   1.00 0.00 ? 45 VAL A HG21 1 
ATOM 719  H HG22 . VAL A 1 45 ? -0.847  -4.583  2.624   1.00 0.00 ? 45 VAL A HG22 1 
ATOM 720  H HG23 . VAL A 1 45 ? -2.282  -5.635  2.504   1.00 0.00 ? 45 VAL A HG23 1 
ATOM 721  N N    . SER A 1 46 ? -3.372  -8.365  0.434   1.00 0.00 ? 46 SER A N    1 
ATOM 722  C CA   . SER A 1 46 ? -4.733  -8.949  0.560   1.00 0.00 ? 46 SER A CA   1 
ATOM 723  C C    . SER A 1 46 ? -5.446  -8.549  1.888   1.00 0.00 ? 46 SER A C    1 
ATOM 724  O O    . SER A 1 46 ? -6.492  -7.896  1.831   1.00 0.00 ? 46 SER A O    1 
ATOM 725  C CB   . SER A 1 46 ? -4.638  -10.477 0.329   1.00 0.00 ? 46 SER A CB   1 
ATOM 726  O OG   . SER A 1 46 ? -5.926  -11.080 0.392   1.00 0.00 ? 46 SER A OG   1 
ATOM 727  H H    . SER A 1 46 ? -2.526  -8.923  0.595   1.00 0.00 ? 46 SER A H    1 
ATOM 728  H HA   . SER A 1 46 ? -5.354  -8.566  -0.276  1.00 0.00 ? 46 SER A HA   1 
ATOM 729  H HB2  . SER A 1 46 ? -4.194  -10.701 -0.661  1.00 0.00 ? 46 SER A HB2  1 
ATOM 730  H HB3  . SER A 1 46 ? -3.974  -10.956 1.076   1.00 0.00 ? 46 SER A HB3  1 
ATOM 731  H HG   . SER A 1 46 ? -6.249  -10.920 1.284   1.00 0.00 ? 46 SER A HG   1 
ATOM 732  N N    . GLU A 1 47 ? -4.913  -8.960  3.055   1.00 0.00 ? 47 GLU A N    1 
ATOM 733  C CA   . GLU A 1 47 ? -5.602  -8.821  4.372   1.00 0.00 ? 47 GLU A CA   1 
ATOM 734  C C    . GLU A 1 47 ? -4.620  -8.856  5.583   1.00 0.00 ? 47 GLU A C    1 
ATOM 735  O O    . GLU A 1 47 ? -4.737  -8.006  6.471   1.00 0.00 ? 47 GLU A O    1 
ATOM 736  C CB   . GLU A 1 47 ? -6.807  -9.800  4.542   1.00 0.00 ? 47 GLU A CB   1 
ATOM 737  C CG   . GLU A 1 47 ? -6.537  -11.314 4.356   1.00 0.00 ? 47 GLU A CG   1 
ATOM 738  C CD   . GLU A 1 47 ? -7.805  -12.164 4.475   1.00 0.00 ? 47 GLU A CD   1 
ATOM 739  O OE1  . GLU A 1 47 ? -8.657  -12.235 3.590   1.00 0.00 ? 47 GLU A OE1  1 
ATOM 740  O OE2  . GLU A 1 47 ? -7.872  -12.832 5.671   1.00 0.00 ? 47 GLU A OE2  1 
ATOM 741  H H    . GLU A 1 47 ? -4.036  -9.484  2.965   1.00 0.00 ? 47 GLU A H    1 
ATOM 742  H HA   . GLU A 1 47 ? -6.042  -7.803  4.396   1.00 0.00 ? 47 GLU A HA   1 
ATOM 743  H HB2  . GLU A 1 47 ? -7.264  -9.634  5.537   1.00 0.00 ? 47 GLU A HB2  1 
ATOM 744  H HB3  . GLU A 1 47 ? -7.596  -9.498  3.825   1.00 0.00 ? 47 GLU A HB3  1 
ATOM 745  H HG2  . GLU A 1 47 ? -6.088  -11.500 3.363   1.00 0.00 ? 47 GLU A HG2  1 
ATOM 746  H HG3  . GLU A 1 47 ? -5.781  -11.660 5.085   1.00 0.00 ? 47 GLU A HG3  1 
ATOM 747  H HE2  . GLU A 1 47 ? -7.106  -12.656 6.224   1.00 0.00 ? 47 GLU A HE2  1 
ATOM 748  N N    . LYS A 1 48 ? -3.678  -9.824  5.639   1.00 0.00 ? 48 LYS A N    1 
ATOM 749  C CA   . LYS A 1 48 ? -2.742  -10.008 6.789   1.00 0.00 ? 48 LYS A CA   1 
ATOM 750  C C    . LYS A 1 48 ? -1.658  -8.893  6.927   1.00 0.00 ? 48 LYS A C    1 
ATOM 751  O O    . LYS A 1 48 ? -1.495  -8.362  8.030   1.00 0.00 ? 48 LYS A O    1 
ATOM 752  C CB   . LYS A 1 48 ? -2.110  -11.427 6.733   1.00 0.00 ? 48 LYS A CB   1 
ATOM 753  C CG   . LYS A 1 48 ? -3.103  -12.586 6.996   1.00 0.00 ? 48 LYS A CG   1 
ATOM 754  C CD   . LYS A 1 48 ? -2.507  -13.981 6.729   1.00 0.00 ? 48 LYS A CD   1 
ATOM 755  C CE   . LYS A 1 48 ? -3.540  -15.105 6.931   1.00 0.00 ? 48 LYS A CE   1 
ATOM 756  N NZ   . LYS A 1 48 ? -2.968  -16.427 6.619   1.00 0.00 ? 48 LYS A NZ   1 
ATOM 757  H H    . LYS A 1 48 ? -3.685  -10.473 4.845   1.00 0.00 ? 48 LYS A H    1 
ATOM 758  H HA   . LYS A 1 48 ? -3.347  -9.971  7.718   1.00 0.00 ? 48 LYS A HA   1 
ATOM 759  H HB2  . LYS A 1 48 ? -1.608  -11.571 5.755   1.00 0.00 ? 48 LYS A HB2  1 
ATOM 760  H HB3  . LYS A 1 48 ? -1.300  -11.504 7.484   1.00 0.00 ? 48 LYS A HB3  1 
ATOM 761  H HG2  . LYS A 1 48 ? -3.465  -12.526 8.040   1.00 0.00 ? 48 LYS A HG2  1 
ATOM 762  H HG3  . LYS A 1 48 ? -4.001  -12.462 6.363   1.00 0.00 ? 48 LYS A HG3  1 
ATOM 763  H HD2  . LYS A 1 48 ? -2.118  -14.016 5.693   1.00 0.00 ? 48 LYS A HD2  1 
ATOM 764  H HD3  . LYS A 1 48 ? -1.632  -14.145 7.387   1.00 0.00 ? 48 LYS A HD3  1 
ATOM 765  H HE2  . LYS A 1 48 ? -3.913  -15.107 7.972   1.00 0.00 ? 48 LYS A HE2  1 
ATOM 766  H HE3  . LYS A 1 48 ? -4.424  -14.938 6.286   1.00 0.00 ? 48 LYS A HE3  1 
ATOM 767  H HZ1  . LYS A 1 48 ? -2.105  -16.600 7.143   1.00 0.00 ? 48 LYS A HZ1  1 
ATOM 768  H HZ2  . LYS A 1 48 ? -3.623  -17.185 6.847   1.00 0.00 ? 48 LYS A HZ2  1 
ATOM 769  H HZ3  . LYS A 1 48 ? -2.741  -16.514 5.622   1.00 0.00 ? 48 LYS A HZ3  1 
ATOM 770  N N    . ASP A 1 49 ? -0.947  -8.523  5.840   1.00 0.00 ? 49 ASP A N    1 
ATOM 771  C CA   . ASP A 1 49 ? 0.031   -7.391  5.853   1.00 0.00 ? 49 ASP A CA   1 
ATOM 772  C C    . ASP A 1 49 ? -0.568  -5.935  5.831   1.00 0.00 ? 49 ASP A C    1 
ATOM 773  O O    . ASP A 1 49 ? 0.213   -4.985  5.965   1.00 0.00 ? 49 ASP A O    1 
ATOM 774  C CB   . ASP A 1 49 ? 1.054   -7.594  4.695   1.00 0.00 ? 49 ASP A CB   1 
ATOM 775  C CG   . ASP A 1 49 ? 2.026   -8.774  4.863   1.00 0.00 ? 49 ASP A CG   1 
ATOM 776  O OD1  . ASP A 1 49 ? 3.065   -8.615  5.543   1.00 0.00 ? 49 ASP A OD1  1 
ATOM 777  O OD2  . ASP A 1 49 ? 1.749   -9.864  4.317   1.00 0.00 ? 49 ASP A OD2  1 
ATOM 778  H H    . ASP A 1 49 ? -1.166  -9.039  4.982   1.00 0.00 ? 49 ASP A H    1 
ATOM 779  H HA   . ASP A 1 49 ? 0.612   -7.450  6.795   1.00 0.00 ? 49 ASP A HA   1 
ATOM 780  H HB2  . ASP A 1 49 ? 0.532   -7.699  3.726   1.00 0.00 ? 49 ASP A HB2  1 
ATOM 781  H HB3  . ASP A 1 49 ? 1.676   -6.685  4.579   1.00 0.00 ? 49 ASP A HB3  1 
ATOM 782  N N    . ALA A 1 50 ? -1.902  -5.730  5.702   1.00 0.00 ? 50 ALA A N    1 
ATOM 783  C CA   . ALA A 1 50 ? -2.527  -4.379  5.674   1.00 0.00 ? 50 ALA A CA   1 
ATOM 784  C C    . ALA A 1 50 ? -2.593  -3.697  7.089   1.00 0.00 ? 50 ALA A C    1 
ATOM 785  O O    . ALA A 1 50 ? -3.073  -4.352  8.022   1.00 0.00 ? 50 ALA A O    1 
ATOM 786  C CB   . ALA A 1 50 ? -3.941  -4.496  5.076   1.00 0.00 ? 50 ALA A CB   1 
ATOM 787  H H    . ALA A 1 50 ? -2.456  -6.583  5.569   1.00 0.00 ? 50 ALA A H    1 
ATOM 788  H HA   . ALA A 1 50 ? -1.944  -3.767  4.959   1.00 0.00 ? 50 ALA A HA   1 
ATOM 789  H HB1  . ALA A 1 50 ? -3.934  -4.976  4.079   1.00 0.00 ? 50 ALA A HB1  1 
ATOM 790  H HB2  . ALA A 1 50 ? -4.624  -5.087  5.717   1.00 0.00 ? 50 ALA A HB2  1 
ATOM 791  H HB3  . ALA A 1 50 ? -4.400  -3.499  4.942   1.00 0.00 ? 50 ALA A HB3  1 
ATOM 792  N N    . PRO A 1 51 ? -2.151  -2.418  7.307   1.00 0.00 ? 51 PRO A N    1 
ATOM 793  C CA   . PRO A 1 51 ? -2.093  -1.794  8.659   1.00 0.00 ? 51 PRO A CA   1 
ATOM 794  C C    . PRO A 1 51 ? -3.445  -1.210  9.190   1.00 0.00 ? 51 PRO A C    1 
ATOM 795  O O    . PRO A 1 51 ? -4.421  -1.040  8.451   1.00 0.00 ? 51 PRO A O    1 
ATOM 796  C CB   . PRO A 1 51 ? -1.006  -0.715  8.453   1.00 0.00 ? 51 PRO A CB   1 
ATOM 797  C CG   . PRO A 1 51 ? -1.099  -0.306  6.985   1.00 0.00 ? 51 PRO A CG   1 
ATOM 798  C CD   . PRO A 1 51 ? -1.500  -1.593  6.268   1.00 0.00 ? 51 PRO A CD   1 
ATOM 799  H HA   . PRO A 1 51 ? -1.710  -2.534  9.392   1.00 0.00 ? 51 PRO A HA   1 
ATOM 800  H HB2  . PRO A 1 51 ? -1.104  0.155   9.131   1.00 0.00 ? 51 PRO A HB2  1 
ATOM 801  H HB3  . PRO A 1 51 ? -0.007  -1.145  8.655   1.00 0.00 ? 51 PRO A HB3  1 
ATOM 802  H HG2  . PRO A 1 51 ? -1.878  0.468   6.849   1.00 0.00 ? 51 PRO A HG2  1 
ATOM 803  H HG3  . PRO A 1 51 ? -0.147  0.110   6.606   1.00 0.00 ? 51 PRO A HG3  1 
ATOM 804  H HD2  . PRO A 1 51 ? -2.181  -1.387  5.420   1.00 0.00 ? 51 PRO A HD2  1 
ATOM 805  H HD3  . PRO A 1 51 ? -0.603  -2.106  5.868   1.00 0.00 ? 51 PRO A HD3  1 
ATOM 806  N N    . LYS A 1 52 ? -3.454  -0.885  10.497  1.00 0.00 ? 52 LYS A N    1 
ATOM 807  C CA   . LYS A 1 52 ? -4.619  -0.253  11.196  1.00 0.00 ? 52 LYS A CA   1 
ATOM 808  C C    . LYS A 1 52 ? -5.001  1.189   10.727  1.00 0.00 ? 52 LYS A C    1 
ATOM 809  O O    . LYS A 1 52 ? -6.195  1.483   10.609  1.00 0.00 ? 52 LYS A O    1 
ATOM 810  C CB   . LYS A 1 52 ? -4.352  -0.250  12.732  1.00 0.00 ? 52 LYS A CB   1 
ATOM 811  C CG   . LYS A 1 52 ? -4.486  -1.621  13.434  1.00 0.00 ? 52 LYS A CG   1 
ATOM 812  C CD   . LYS A 1 52 ? -4.025  -1.591  14.906  1.00 0.00 ? 52 LYS A CD   1 
ATOM 813  C CE   . LYS A 1 52 ? -4.261  -2.927  15.634  1.00 0.00 ? 52 LYS A CE   1 
ATOM 814  N NZ   . LYS A 1 52 ? -3.714  -2.900  17.003  1.00 0.00 ? 52 LYS A NZ   1 
ATOM 815  H H    . LYS A 1 52 ? -2.568  -1.056  10.984  1.00 0.00 ? 52 LYS A H    1 
ATOM 816  H HA   . LYS A 1 52 ? -5.507  -0.891  11.013  1.00 0.00 ? 52 LYS A HA   1 
ATOM 817  H HB2  . LYS A 1 52 ? -3.352  0.182   12.936  1.00 0.00 ? 52 LYS A HB2  1 
ATOM 818  H HB3  . LYS A 1 52 ? -5.061  0.438   13.234  1.00 0.00 ? 52 LYS A HB3  1 
ATOM 819  H HG2  . LYS A 1 52 ? -5.540  -1.955  13.379  1.00 0.00 ? 52 LYS A HG2  1 
ATOM 820  H HG3  . LYS A 1 52 ? -3.902  -2.387  12.890  1.00 0.00 ? 52 LYS A HG3  1 
ATOM 821  H HD2  . LYS A 1 52 ? -2.950  -1.327  14.940  1.00 0.00 ? 52 LYS A HD2  1 
ATOM 822  H HD3  . LYS A 1 52 ? -4.551  -0.778  15.445  1.00 0.00 ? 52 LYS A HD3  1 
ATOM 823  H HE2  . LYS A 1 52 ? -5.344  -3.149  15.685  1.00 0.00 ? 52 LYS A HE2  1 
ATOM 824  H HE3  . LYS A 1 52 ? -3.796  -3.763  15.079  1.00 0.00 ? 52 LYS A HE3  1 
ATOM 825  H HZ1  . LYS A 1 52 ? -4.085  -2.111  17.545  1.00 0.00 ? 52 LYS A HZ1  1 
ATOM 826  H HZ2  . LYS A 1 52 ? -3.943  -3.759  17.516  1.00 0.00 ? 52 LYS A HZ2  1 
ATOM 827  H HZ3  . LYS A 1 52 ? -2.692  -2.813  16.999  1.00 0.00 ? 52 LYS A HZ3  1 
ATOM 828  N N    . GLU A 1 53 ? -4.012  2.078   10.492  1.00 0.00 ? 53 GLU A N    1 
ATOM 829  C CA   . GLU A 1 53 ? -4.243  3.520   10.170  1.00 0.00 ? 53 GLU A CA   1 
ATOM 830  C C    . GLU A 1 53 ? -5.029  3.825   8.855   1.00 0.00 ? 53 GLU A C    1 
ATOM 831  O O    . GLU A 1 53 ? -5.892  4.707   8.865   1.00 0.00 ? 53 GLU A O    1 
ATOM 832  C CB   . GLU A 1 53 ? -2.884  4.274   10.163  1.00 0.00 ? 53 GLU A CB   1 
ATOM 833  C CG   . GLU A 1 53 ? -2.168  4.359   11.529  1.00 0.00 ? 53 GLU A CG   1 
ATOM 834  C CD   . GLU A 1 53 ? -0.889  5.197   11.472  1.00 0.00 ? 53 GLU A CD   1 
ATOM 835  O OE1  . GLU A 1 53 ? -0.825  6.363   11.859  1.00 0.00 ? 53 GLU A OE1  1 
ATOM 836  O OE2  . GLU A 1 53 ? 0.165   4.501   10.937  1.00 0.00 ? 53 GLU A OE2  1 
ATOM 837  H H    . GLU A 1 53 ? -3.067  1.704   10.631  1.00 0.00 ? 53 GLU A H    1 
ATOM 838  H HA   . GLU A 1 53 ? -4.845  3.945   10.998  1.00 0.00 ? 53 GLU A HA   1 
ATOM 839  H HB2  . GLU A 1 53 ? -2.205  3.813   9.417   1.00 0.00 ? 53 GLU A HB2  1 
ATOM 840  H HB3  . GLU A 1 53 ? -3.046  5.309   9.802   1.00 0.00 ? 53 GLU A HB3  1 
ATOM 841  H HG2  . GLU A 1 53 ? -2.851  4.796   12.282  1.00 0.00 ? 53 GLU A HG2  1 
ATOM 842  H HG3  . GLU A 1 53 ? -1.924  3.348   11.904  1.00 0.00 ? 53 GLU A HG3  1 
ATOM 843  H HE2  . GLU A 1 53 ? 0.961   5.034   10.890  1.00 0.00 ? 53 GLU A HE2  1 
ATOM 844  N N    . LEU A 1 54 ? -4.753  3.097   7.753   1.00 0.00 ? 54 LEU A N    1 
ATOM 845  C CA   . LEU A 1 54 ? -5.539  3.177   6.486   1.00 0.00 ? 54 LEU A CA   1 
ATOM 846  C C    . LEU A 1 54 ? -7.070  2.858   6.614   1.00 0.00 ? 54 LEU A C    1 
ATOM 847  O O    . LEU A 1 54 ? -7.878  3.538   5.974   1.00 0.00 ? 54 LEU A O    1 
ATOM 848  C CB   . LEU A 1 54 ? -4.804  2.273   5.453   1.00 0.00 ? 54 LEU A CB   1 
ATOM 849  C CG   . LEU A 1 54 ? -5.307  2.279   3.982   1.00 0.00 ? 54 LEU A CG   1 
ATOM 850  C CD1  . LEU A 1 54 ? -5.194  3.657   3.298   1.00 0.00 ? 54 LEU A CD1  1 
ATOM 851  C CD2  . LEU A 1 54 ? -4.545  1.213   3.170   1.00 0.00 ? 54 LEU A CD2  1 
ATOM 852  H H    . LEU A 1 54 ? -4.017  2.394   7.880   1.00 0.00 ? 54 LEU A H    1 
ATOM 853  H HA   . LEU A 1 54 ? -5.455  4.221   6.130   1.00 0.00 ? 54 LEU A HA   1 
ATOM 854  H HB2  . LEU A 1 54 ? -3.728  2.537   5.439   1.00 0.00 ? 54 LEU A HB2  1 
ATOM 855  H HB3  . LEU A 1 54 ? -4.829  1.230   5.827   1.00 0.00 ? 54 LEU A HB3  1 
ATOM 856  H HG   . LEU A 1 54 ? -6.375  1.990   3.976   1.00 0.00 ? 54 LEU A HG   1 
ATOM 857  H HD11 . LEU A 1 54 ? -4.153  4.029   3.277   1.00 0.00 ? 54 LEU A HD11 1 
ATOM 858  H HD12 . LEU A 1 54 ? -5.553  3.623   2.252   1.00 0.00 ? 54 LEU A HD12 1 
ATOM 859  H HD13 . LEU A 1 54 ? -5.808  4.420   3.811   1.00 0.00 ? 54 LEU A HD13 1 
ATOM 860  H HD21 . LEU A 1 54 ? -4.663  0.205   3.610   1.00 0.00 ? 54 LEU A HD21 1 
ATOM 861  H HD22 . LEU A 1 54 ? -4.918  1.146   2.135   1.00 0.00 ? 54 LEU A HD22 1 
ATOM 862  H HD23 . LEU A 1 54 ? -3.460  1.424   3.114   1.00 0.00 ? 54 LEU A HD23 1 
ATOM 863  N N    . LEU A 1 55 ? -7.459  1.868   7.446   1.00 0.00 ? 55 LEU A N    1 
ATOM 864  C CA   . LEU A 1 55 ? -8.884  1.558   7.757   1.00 0.00 ? 55 LEU A CA   1 
ATOM 865  C C    . LEU A 1 55 ? -9.649  2.694   8.512   1.00 0.00 ? 55 LEU A C    1 
ATOM 866  O O    . LEU A 1 55 ? -10.735 3.076   8.070   1.00 0.00 ? 55 LEU A O    1 
ATOM 867  C CB   . LEU A 1 55 ? -9.004  0.212   8.539   1.00 0.00 ? 55 LEU A CB   1 
ATOM 868  C CG   . LEU A 1 55 ? -8.376  -1.073  7.924   1.00 0.00 ? 55 LEU A CG   1 
ATOM 869  C CD1  . LEU A 1 55 ? -8.483  -2.250  8.914   1.00 0.00 ? 55 LEU A CD1  1 
ATOM 870  C CD2  . LEU A 1 55 ? -8.994  -1.458  6.565   1.00 0.00 ? 55 LEU A CD2  1 
ATOM 871  H H    . LEU A 1 55 ? -6.688  1.383   7.920   1.00 0.00 ? 55 LEU A H    1 
ATOM 872  H HA   . LEU A 1 55 ? -9.405  1.413   6.791   1.00 0.00 ? 55 LEU A HA   1 
ATOM 873  H HB2  . LEU A 1 55 ? -8.568  0.359   9.547   1.00 0.00 ? 55 LEU A HB2  1 
ATOM 874  H HB3  . LEU A 1 55 ? -10.076 0.013   8.732   1.00 0.00 ? 55 LEU A HB3  1 
ATOM 875  H HG   . LEU A 1 55 ? -7.298  -0.891  7.763   1.00 0.00 ? 55 LEU A HG   1 
ATOM 876  H HD11 . LEU A 1 55 ? -7.990  -2.016  9.877   1.00 0.00 ? 55 LEU A HD11 1 
ATOM 877  H HD12 . LEU A 1 55 ? -9.534  -2.513  9.138   1.00 0.00 ? 55 LEU A HD12 1 
ATOM 878  H HD13 . LEU A 1 55 ? -7.993  -3.161  8.522   1.00 0.00 ? 55 LEU A HD13 1 
ATOM 879  H HD21 . LEU A 1 55 ? -10.080 -1.645  6.638   1.00 0.00 ? 55 LEU A HD21 1 
ATOM 880  H HD22 . LEU A 1 55 ? -8.847  -0.662  5.812   1.00 0.00 ? 55 LEU A HD22 1 
ATOM 881  H HD23 . LEU A 1 55 ? -8.528  -2.371  6.150   1.00 0.00 ? 55 LEU A HD23 1 
ATOM 882  N N    . GLN A 1 56 ? -9.098  3.220   9.632   1.00 0.00 ? 56 GLN A N    1 
ATOM 883  C CA   . GLN A 1 56 ? -9.775  4.244   10.481  1.00 0.00 ? 56 GLN A CA   1 
ATOM 884  C C    . GLN A 1 56 ? -9.880  5.637   9.791   1.00 0.00 ? 56 GLN A C    1 
ATOM 885  O O    . GLN A 1 56 ? -10.997 6.088   9.522   1.00 0.00 ? 56 GLN A O    1 
ATOM 886  C CB   . GLN A 1 56 ? -9.105  4.328   11.883  1.00 0.00 ? 56 GLN A CB   1 
ATOM 887  C CG   . GLN A 1 56 ? -9.252  3.065   12.764  1.00 0.00 ? 56 GLN A CG   1 
ATOM 888  C CD   . GLN A 1 56 ? -8.550  3.196   14.129  1.00 0.00 ? 56 GLN A CD   1 
ATOM 889  O OE1  . GLN A 1 56 ? -8.878  4.063   14.939  1.00 0.00 ? 56 GLN A OE1  1 
ATOM 890  N NE2  . GLN A 1 56 ? -7.584  2.338   14.421  1.00 0.00 ? 56 GLN A NE2  1 
ATOM 891  H H    . GLN A 1 56 ? -8.195  2.812   9.898   1.00 0.00 ? 56 GLN A H    1 
ATOM 892  H HA   . GLN A 1 56 ? -10.814 3.901   10.656  1.00 0.00 ? 56 GLN A HA   1 
ATOM 893  H HB2  . GLN A 1 56 ? -8.033  4.584   11.769  1.00 0.00 ? 56 GLN A HB2  1 
ATOM 894  H HB3  . GLN A 1 56 ? -9.546  5.180   12.436  1.00 0.00 ? 56 GLN A HB3  1 
ATOM 895  H HG2  . GLN A 1 56 ? -10.325 2.867   12.943  1.00 0.00 ? 56 GLN A HG2  1 
ATOM 896  H HG3  . GLN A 1 56 ? -8.882  2.180   12.213  1.00 0.00 ? 56 GLN A HG3  1 
ATOM 897  H HE21 . GLN A 1 56 ? -7.378  1.617   13.720  1.00 0.00 ? 56 GLN A HE21 1 
ATOM 898  H HE22 . GLN A 1 56 ? -7.141  2.444   15.342  1.00 0.00 ? 56 GLN A HE22 1 
ATOM 899  N N    . MET A 1 57 ? -8.739  6.288   9.478   1.00 0.00 ? 57 MET A N    1 
ATOM 900  C CA   . MET A 1 57 ? -8.716  7.518   8.643   1.00 0.00 ? 57 MET A CA   1 
ATOM 901  C C    . MET A 1 57 ? -8.530  7.083   7.164   1.00 0.00 ? 57 MET A C    1 
ATOM 902  O O    . MET A 1 57 ? -7.415  6.757   6.742   1.00 0.00 ? 57 MET A O    1 
ATOM 903  C CB   . MET A 1 57 ? -7.600  8.493   9.111   1.00 0.00 ? 57 MET A CB   1 
ATOM 904  C CG   . MET A 1 57 ? -7.904  9.225   10.431  1.00 0.00 ? 57 MET A CG   1 
ATOM 905  S SD   . MET A 1 57 ? -6.551  10.343  10.838  1.00 0.00 ? 57 MET A SD   1 
ATOM 906  C CE   . MET A 1 57 ? -7.319  11.325  12.143  1.00 0.00 ? 57 MET A CE   1 
ATOM 907  H H    . MET A 1 57 ? -7.878  5.798   9.738   1.00 0.00 ? 57 MET A H    1 
ATOM 908  H HA   . MET A 1 57 ? -9.673  8.068   8.757   1.00 0.00 ? 57 MET A HA   1 
ATOM 909  H HB2  . MET A 1 57 ? -6.629  7.967   9.195   1.00 0.00 ? 57 MET A HB2  1 
ATOM 910  H HB3  . MET A 1 57 ? -7.443  9.269   8.339   1.00 0.00 ? 57 MET A HB3  1 
ATOM 911  H HG2  . MET A 1 57 ? -8.840  9.803   10.340  1.00 0.00 ? 57 MET A HG2  1 
ATOM 912  H HG3  . MET A 1 57 ? -8.046  8.513   11.264  1.00 0.00 ? 57 MET A HG3  1 
ATOM 913  H HE1  . MET A 1 57 ? -7.746  10.675  12.929  1.00 0.00 ? 57 MET A HE1  1 
ATOM 914  H HE2  . MET A 1 57 ? -6.580  11.997  12.617  1.00 0.00 ? 57 MET A HE2  1 
ATOM 915  H HE3  . MET A 1 57 ? -8.133  11.949  11.730  1.00 0.00 ? 57 MET A HE3  1 
ATOM 916  N N    . LEU A 1 58 ? -9.640  7.062   6.398   1.00 0.00 ? 58 LEU A N    1 
ATOM 917  C CA   . LEU A 1 58 ? -9.641  6.653   4.970   1.00 0.00 ? 58 LEU A CA   1 
ATOM 918  C C    . LEU A 1 58 ? -9.473  7.860   3.978   1.00 0.00 ? 58 LEU A C    1 
ATOM 919  O O    . LEU A 1 58 ? -8.622  7.711   3.100   1.00 0.00 ? 58 LEU A O    1 
ATOM 920  C CB   . LEU A 1 58 ? -10.776 5.618   4.685   1.00 0.00 ? 58 LEU A CB   1 
ATOM 921  C CG   . LEU A 1 58 ? -10.496 4.534   3.601   1.00 0.00 ? 58 LEU A CG   1 
ATOM 922  C CD1  . LEU A 1 58 ? -11.330 3.259   3.862   1.00 0.00 ? 58 LEU A CD1  1 
ATOM 923  C CD2  . LEU A 1 58 ? -10.761 5.030   2.164   1.00 0.00 ? 58 LEU A CD2  1 
ATOM 924  H H    . LEU A 1 58 ? -10.500 7.362   6.871   1.00 0.00 ? 58 LEU A H    1 
ATOM 925  H HA   . LEU A 1 58 ? -8.722  6.051   4.823   1.00 0.00 ? 58 LEU A HA   1 
ATOM 926  H HB2  . LEU A 1 58 ? -10.984 5.077   5.631   1.00 0.00 ? 58 LEU A HB2  1 
ATOM 927  H HB3  . LEU A 1 58 ? -11.735 6.110   4.467   1.00 0.00 ? 58 LEU A HB3  1 
ATOM 928  H HG   . LEU A 1 58 ? -9.434  4.229   3.666   1.00 0.00 ? 58 LEU A HG   1 
ATOM 929  H HD11 . LEU A 1 58 ? -11.132 2.836   4.864   1.00 0.00 ? 58 LEU A HD11 1 
ATOM 930  H HD12 . LEU A 1 58 ? -12.418 3.455   3.801   1.00 0.00 ? 58 LEU A HD12 1 
ATOM 931  H HD13 . LEU A 1 58 ? -11.098 2.459   3.136   1.00 0.00 ? 58 LEU A HD13 1 
ATOM 932  H HD21 . LEU A 1 58 ? -11.811 5.358   2.026   1.00 0.00 ? 58 LEU A HD21 1 
ATOM 933  H HD22 . LEU A 1 58 ? -10.111 5.882   1.895   1.00 0.00 ? 58 LEU A HD22 1 
ATOM 934  H HD23 . LEU A 1 58 ? -10.563 4.236   1.414   1.00 0.00 ? 58 LEU A HD23 1 
ATOM 935  N N    . GLU A 1 59 ? -10.080 9.077   3.944   1.00 0.00 ? 59 GLU A N    1 
ATOM 936  C CA   . GLU A 1 59 ? -11.236 9.592   4.743   1.00 0.00 ? 59 GLU A CA   1 
ATOM 937  C C    . GLU A 1 59 ? -10.860 10.185  6.136   1.00 0.00 ? 59 GLU A C    1 
ATOM 938  O O    . GLU A 1 59 ? -10.981 9.502   7.157   1.00 0.00 ? 59 GLU A O    1 
ATOM 939  C CB   . GLU A 1 59 ? -12.544 8.755   4.767   1.00 0.00 ? 59 GLU A CB   1 
ATOM 940  C CG   . GLU A 1 59 ? -13.071 8.319   3.381   1.00 0.00 ? 59 GLU A CG   1 
ATOM 941  C CD   . GLU A 1 59 ? -14.372 7.524   3.469   1.00 0.00 ? 59 GLU A CD   1 
ATOM 942  O OE1  . GLU A 1 59 ? -14.413 6.306   3.646   1.00 0.00 ? 59 GLU A OE1  1 
ATOM 943  O OE2  . GLU A 1 59 ? -15.475 8.325   3.327   1.00 0.00 ? 59 GLU A OE2  1 
ATOM 944  H H    . GLU A 1 59 ? -9.698  9.668   3.197   1.00 0.00 ? 59 GLU A H    1 
ATOM 945  H HA   . GLU A 1 59 ? -11.553 10.469  4.141   1.00 0.00 ? 59 GLU A HA   1 
ATOM 946  H HB2  . GLU A 1 59 ? -12.424 7.885   5.438   1.00 0.00 ? 59 GLU A HB2  1 
ATOM 947  H HB3  . GLU A 1 59 ? -13.332 9.363   5.250   1.00 0.00 ? 59 GLU A HB3  1 
ATOM 948  H HG2  . GLU A 1 59 ? -13.214 9.208   2.739   1.00 0.00 ? 59 GLU A HG2  1 
ATOM 949  H HG3  . GLU A 1 59 ? -12.317 7.702   2.858   1.00 0.00 ? 59 GLU A HG3  1 
ATOM 950  H HE2  . GLU A 1 59 ? -15.229 9.243   3.187   1.00 0.00 ? 59 GLU A HE2  1 
ATOM 951  N N    . LYS A 1 60 ? -10.469 11.477  6.193   1.00 0.00 ? 60 LYS A N    1 
ATOM 952  C CA   . LYS A 1 60 ? -10.016 12.146  7.450   1.00 0.00 ? 60 LYS A CA   1 
ATOM 953  C C    . LYS A 1 60 ? -11.168 12.302  8.492   1.00 0.00 ? 60 LYS A C    1 
ATOM 954  O O    . LYS A 1 60 ? -12.234 12.841  8.175   1.00 0.00 ? 60 LYS A O    1 
ATOM 955  C CB   . LYS A 1 60 ? -9.396  13.544  7.166   1.00 0.00 ? 60 LYS A CB   1 
ATOM 956  C CG   . LYS A 1 60 ? -8.136  13.565  6.264   1.00 0.00 ? 60 LYS A CG   1 
ATOM 957  C CD   . LYS A 1 60 ? -7.459  14.948  6.096   1.00 0.00 ? 60 LYS A CD   1 
ATOM 958  C CE   . LYS A 1 60 ? -8.326  16.111  5.562   1.00 0.00 ? 60 LYS A CE   1 
ATOM 959  N NZ   . LYS A 1 60 ? -8.932  15.858  4.240   1.00 0.00 ? 60 LYS A NZ   1 
ATOM 960  H H    . LYS A 1 60 ? -10.448 11.955  5.285   1.00 0.00 ? 60 LYS A H    1 
ATOM 961  H HA   . LYS A 1 60 ? -9.206  11.524  7.883   1.00 0.00 ? 60 LYS A HA   1 
ATOM 962  H HB2  . LYS A 1 60 ? -10.166 14.213  6.734   1.00 0.00 ? 60 LYS A HB2  1 
ATOM 963  H HB3  . LYS A 1 60 ? -9.127  14.010  8.136   1.00 0.00 ? 60 LYS A HB3  1 
ATOM 964  H HG2  . LYS A 1 60 ? -7.387  12.857  6.668   1.00 0.00 ? 60 LYS A HG2  1 
ATOM 965  H HG3  . LYS A 1 60 ? -8.393  13.174  5.262   1.00 0.00 ? 60 LYS A HG3  1 
ATOM 966  H HD2  . LYS A 1 60 ? -7.034  15.254  7.070   1.00 0.00 ? 60 LYS A HD2  1 
ATOM 967  H HD3  . LYS A 1 60 ? -6.579  14.824  5.437   1.00 0.00 ? 60 LYS A HD3  1 
ATOM 968  H HE2  . LYS A 1 60 ? -9.126  16.352  6.285   1.00 0.00 ? 60 LYS A HE2  1 
ATOM 969  H HE3  . LYS A 1 60 ? -7.706  17.023  5.496   1.00 0.00 ? 60 LYS A HE3  1 
ATOM 970  H HZ1  . LYS A 1 60 ? -8.228  15.611  3.536   1.00 0.00 ? 60 LYS A HZ1  1 
ATOM 971  H HZ2  . LYS A 1 60 ? -9.609  15.088  4.276   1.00 0.00 ? 60 LYS A HZ2  1 
ATOM 972  H HZ3  . LYS A 1 60 ? -9.434  16.684  3.897   1.00 0.00 ? 60 LYS A HZ3  1 
ATOM 973  N N    . GLN A 1 61 ? -10.928 11.807  9.723   1.00 0.00 ? 61 GLN A N    1 
ATOM 974  C CA   . GLN A 1 61 ? -11.957 11.756  10.796  1.00 0.00 ? 61 GLN A CA   1 
ATOM 975  C C    . GLN A 1 61 ? -11.637 12.817  11.890  1.00 0.00 ? 61 GLN A C    1 
ATOM 976  O O    . GLN A 1 61 ? -10.575 12.794  12.523  1.00 0.00 ? 61 GLN A O    1 
ATOM 977  C CB   . GLN A 1 61 ? -12.018 10.307  11.352  1.00 0.00 ? 61 GLN A CB   1 
ATOM 978  C CG   . GLN A 1 61 ? -13.171 10.021  12.343  1.00 0.00 ? 61 GLN A CG   1 
ATOM 979  C CD   . GLN A 1 61 ? -13.280 8.553   12.806  1.00 0.00 ? 61 GLN A CD   1 
ATOM 980  O OE1  . GLN A 1 61 ? -12.299 7.813   12.892  1.00 0.00 ? 61 GLN A OE1  1 
ATOM 981  N NE2  . GLN A 1 61 ? -14.482 8.111   13.153  1.00 0.00 ? 61 GLN A NE2  1 
ATOM 982  H H    . GLN A 1 61 ? -10.020 11.338  9.826   1.00 0.00 ? 61 GLN A H    1 
ATOM 983  H HA   . GLN A 1 61 ? -12.956 11.953  10.353  1.00 0.00 ? 61 GLN A HA   1 
ATOM 984  H HB2  . GLN A 1 61 ? -12.132 9.610   10.498  1.00 0.00 ? 61 GLN A HB2  1 
ATOM 985  H HB3  . GLN A 1 61 ? -11.053 10.044  11.827  1.00 0.00 ? 61 GLN A HB3  1 
ATOM 986  H HG2  . GLN A 1 61 ? -13.046 10.656  13.241  1.00 0.00 ? 61 GLN A HG2  1 
ATOM 987  H HG3  . GLN A 1 61 ? -14.121 10.352  11.881  1.00 0.00 ? 61 GLN A HG3  1 
ATOM 988  H HE21 . GLN A 1 61 ? -15.256 8.781   13.073  1.00 0.00 ? 61 GLN A HE21 1 
ATOM 989  H HE22 . GLN A 1 61 ? -14.536 7.148   13.504  1.00 0.00 ? 61 GLN A HE22 1 
ATOM 990  N N    . LYS A 1 62 ? -12.605 13.720  12.124  1.00 0.00 ? 62 LYS A N    1 
ATOM 991  C CA   . LYS A 1 62 ? -12.551 14.723  13.225  1.00 0.00 ? 62 LYS A CA   1 
ATOM 992  C C    . LYS A 1 62 ? -13.199 14.121  14.496  1.00 0.00 ? 62 LYS A C    1 
ATOM 993  O O    . LYS A 1 62 ? -12.535 14.107  15.556  1.00 0.00 ? 62 LYS A O    1 
ATOM 994  C CB   . LYS A 1 62 ? -13.278 16.037  12.818  1.00 0.00 ? 62 LYS A CB   1 
ATOM 995  C CG   . LYS A 1 62 ? -12.693 16.834  11.629  1.00 0.00 ? 62 LYS A CG   1 
ATOM 996  C CD   . LYS A 1 62 ? -11.460 17.709  11.944  1.00 0.00 ? 62 LYS A CD   1 
ATOM 997  C CE   . LYS A 1 62 ? -10.943 18.538  10.749  1.00 0.00 ? 62 LYS A CE   1 
ATOM 998  N NZ   . LYS A 1 62 ? -11.869 19.615  10.339  1.00 0.00 ? 62 LYS A NZ   1 
ATOM 999  O OXT  . LYS A 1 62 ? -14.368 13.671  14.451  1.00 0.00 ? 62 LYS A OXT  1 
ATOM 1000 H H    . LYS A 1 62 ? -13.430 13.631  11.520  1.00 0.00 ? 62 LYS A H    1 
ATOM 1001 H HA   . LYS A 1 62 ? -11.500 14.976  13.465  1.00 0.00 ? 62 LYS A HA   1 
ATOM 1002 H HB2  . LYS A 1 62 ? -14.329 15.797  12.567  1.00 0.00 ? 62 LYS A HB2  1 
ATOM 1003 H HB3  . LYS A 1 62 ? -13.350 16.721  13.689  1.00 0.00 ? 62 LYS A HB3  1 
ATOM 1004 H HG2  . LYS A 1 62 ? -12.475 16.152  10.786  1.00 0.00 ? 62 LYS A HG2  1 
ATOM 1005 H HG3  . LYS A 1 62 ? -13.486 17.503  11.254  1.00 0.00 ? 62 LYS A HG3  1 
ATOM 1006 H HD2  . LYS A 1 62 ? -11.678 18.389  12.792  1.00 0.00 ? 62 LYS A HD2  1 
ATOM 1007 H HD3  . LYS A 1 62 ? -10.641 17.058  12.295  1.00 0.00 ? 62 LYS A HD3  1 
ATOM 1008 H HE2  . LYS A 1 62 ? -9.973  18.995  11.020  1.00 0.00 ? 62 LYS A HE2  1 
ATOM 1009 H HE3  . LYS A 1 62 ? -10.729 17.885  9.882   1.00 0.00 ? 62 LYS A HE3  1 
ATOM 1010 H HZ1  . LYS A 1 62 ? -12.797 19.242  10.108  1.00 0.00 ? 62 LYS A HZ1  1 
ATOM 1011 H HZ2  . LYS A 1 62 ? -11.995 20.300  11.091  1.00 0.00 ? 62 LYS A HZ2  1 
ATOM 1012 H HZ3  . LYS A 1 62 ? -11.541 20.115  9.505   1.00 0.00 ? 62 LYS A HZ3  1 
# 
